data_5HXZ
#
_entry.id   5HXZ
#
_cell.length_a   81.630
_cell.length_b   83.732
_cell.length_c   215.102
_cell.angle_alpha   90.00
_cell.angle_beta   90.00
_cell.angle_gamma   90.00
#
_symmetry.space_group_name_H-M   'P 21 21 21'
#
loop_
_entity.id
_entity.type
_entity.pdbx_description
1 polymer Barbiturase
2 non-polymer 'CHLORIDE ION'
3 non-polymer '(CARBAMOYLMETHYL-CARBOXYMETHYL-AMINO)-ACETIC ACID'
4 non-polymer 'SODIUM ION'
5 water water
#
_entity_poly.entity_id   1
_entity_poly.type   'polypeptide(L)'
_entity_poly.pdbx_seq_one_letter_code
;MGSSHHHHHHSSGLVPRGSHMPEAIEVRKVPLHSVSDASELAKLIDDGVLEADRVIAVIGKTEGNGGVNDYTRIIADRAF
REVLSAKGNRSPEEVAEVPIVWSGGTDGVISPHATIFATVPADKVTKTDEPRLTVGVAMSEQLLPEDIGRTAMITKVAAA
VKDAMADAGITDPADVHYVQTKTPLLTIHTIRDAKSRGKTVWTEQTHESMDLSNGGTALGIAVALGEIDMPTDEDVMHSR
ELFSSVASCSSGVELDRAQIVVVGNARGVGGRYRIGHSVMKDPLDQDGIWAAIRDAGLELPERPHSSDLDGQLVNVFLKC
EASQDGTVRGRRNAMLDDSDVHWHRQIKSCVGGVTAAVTGDPAVFVSVSAAHQGPEGGGPVAAIVDLGQ
;
_entity_poly.pdbx_strand_id   A,B,C,D
#
loop_
_chem_comp.id
_chem_comp.type
_chem_comp.name
_chem_comp.formula
CL non-polymer 'CHLORIDE ION' 'Cl -1'
MHA non-polymer '(CARBAMOYLMETHYL-CARBOXYMETHYL-AMINO)-ACETIC ACID' 'C6 H10 N2 O5'
NA non-polymer 'SODIUM ION' 'Na 1'
#
# COMPACT_ATOMS: atom_id res chain seq x y z
N PRO A 22 -0.91 -43.69 -17.78
CA PRO A 22 -1.68 -42.62 -17.13
C PRO A 22 -3.06 -43.09 -16.71
N GLU A 23 -3.69 -42.34 -15.81
CA GLU A 23 -4.97 -42.72 -15.26
C GLU A 23 -5.99 -41.63 -15.58
N ALA A 24 -7.27 -42.04 -15.60
CA ALA A 24 -8.32 -41.06 -15.73
C ALA A 24 -8.32 -40.14 -14.51
N ILE A 25 -8.65 -38.87 -14.74
CA ILE A 25 -8.53 -37.84 -13.72
C ILE A 25 -9.90 -37.30 -13.36
N GLU A 26 -10.12 -37.08 -12.07
CA GLU A 26 -11.25 -36.32 -11.57
C GLU A 26 -10.75 -34.95 -11.14
N VAL A 27 -11.41 -33.90 -11.60
CA VAL A 27 -11.01 -32.53 -11.31
C VAL A 27 -12.16 -31.84 -10.59
N ARG A 28 -11.85 -31.27 -9.41
CA ARG A 28 -12.84 -30.54 -8.62
C ARG A 28 -12.23 -29.22 -8.16
N LYS A 29 -13.00 -28.14 -8.32
CA LYS A 29 -12.64 -26.83 -7.81
C LYS A 29 -13.51 -26.54 -6.59
N VAL A 30 -12.86 -26.28 -5.45
CA VAL A 30 -13.59 -26.05 -4.21
C VAL A 30 -13.23 -24.68 -3.65
N PRO A 31 -14.16 -24.00 -2.98
CA PRO A 31 -13.83 -22.72 -2.36
C PRO A 31 -13.08 -22.90 -1.04
N LEU A 32 -12.31 -21.87 -0.70
CA LEU A 32 -11.72 -21.75 0.63
C LEU A 32 -12.55 -20.73 1.41
N HIS A 33 -13.18 -21.19 2.49
CA HIS A 33 -14.00 -20.29 3.30
C HIS A 33 -13.16 -19.46 4.26
N SER A 34 -11.89 -19.80 4.43
CA SER A 34 -10.96 -19.04 5.25
C SER A 34 -9.55 -19.47 4.85
N VAL A 35 -8.56 -18.74 5.38
CA VAL A 35 -7.17 -18.99 5.00
C VAL A 35 -6.77 -20.43 5.31
N SER A 36 -7.35 -21.01 6.35
CA SER A 36 -6.97 -22.34 6.83
C SER A 36 -8.05 -23.38 6.56
N ASP A 37 -8.95 -23.13 5.61
CA ASP A 37 -10.09 -23.99 5.39
C ASP A 37 -9.81 -24.98 4.27
N ALA A 38 -9.93 -26.28 4.59
CA ALA A 38 -9.91 -27.35 3.61
C ALA A 38 -11.14 -28.24 3.74
N SER A 39 -12.21 -27.72 4.37
CA SER A 39 -13.38 -28.54 4.66
C SER A 39 -14.07 -29.02 3.38
N GLU A 40 -14.04 -28.22 2.31
CA GLU A 40 -14.70 -28.64 1.08
C GLU A 40 -13.98 -29.81 0.44
N LEU A 41 -12.66 -29.92 0.61
CA LEU A 41 -11.96 -31.13 0.19
C LEU A 41 -12.38 -32.32 1.05
N ALA A 42 -12.50 -32.10 2.36
CA ALA A 42 -12.99 -33.16 3.24
C ALA A 42 -14.39 -33.60 2.85
N LYS A 43 -15.25 -32.67 2.42
CA LYS A 43 -16.60 -33.04 2.02
C LYS A 43 -16.61 -33.86 0.75
N LEU A 44 -15.74 -33.53 -0.22
CA LEU A 44 -15.65 -34.35 -1.42
C LEU A 44 -15.24 -35.78 -1.09
N ILE A 45 -14.32 -35.93 -0.13
CA ILE A 45 -13.89 -37.27 0.26
C ILE A 45 -15.03 -38.03 0.93
N ASP A 46 -15.76 -37.37 1.84
CA ASP A 46 -16.87 -38.03 2.51
C ASP A 46 -17.98 -38.40 1.54
N ASP A 47 -18.29 -37.52 0.59
CA ASP A 47 -19.33 -37.80 -0.40
C ASP A 47 -18.88 -38.78 -1.47
N GLY A 48 -17.66 -39.29 -1.39
CA GLY A 48 -17.18 -40.26 -2.36
C GLY A 48 -16.93 -39.70 -3.74
N VAL A 49 -16.83 -38.38 -3.88
CA VAL A 49 -16.51 -37.81 -5.18
C VAL A 49 -15.08 -38.15 -5.59
N LEU A 50 -14.17 -38.24 -4.62
CA LEU A 50 -12.80 -38.69 -4.88
C LEU A 50 -12.22 -39.28 -3.60
N GLU A 51 -11.11 -40.00 -3.76
CA GLU A 51 -10.46 -40.69 -2.67
C GLU A 51 -9.23 -39.90 -2.22
N ALA A 52 -9.06 -39.78 -0.90
CA ALA A 52 -7.97 -39.01 -0.32
C ALA A 52 -6.62 -39.42 -0.92
N ASP A 53 -6.31 -40.73 -0.92
CA ASP A 53 -5.01 -41.20 -1.37
C ASP A 53 -4.82 -41.07 -2.88
N ARG A 54 -5.88 -40.83 -3.65
CA ARG A 54 -5.79 -40.64 -5.08
C ARG A 54 -5.57 -39.19 -5.49
N VAL A 55 -5.57 -38.25 -4.55
CA VAL A 55 -5.25 -36.86 -4.86
C VAL A 55 -3.78 -36.76 -5.21
N ILE A 56 -3.48 -36.31 -6.42
CA ILE A 56 -2.11 -36.29 -6.93
C ILE A 56 -1.56 -34.89 -7.15
N ALA A 57 -2.42 -33.86 -7.14
CA ALA A 57 -1.95 -32.49 -7.28
C ALA A 57 -3.06 -31.53 -6.86
N VAL A 58 -2.65 -30.38 -6.30
CA VAL A 58 -3.55 -29.29 -5.97
C VAL A 58 -2.97 -27.98 -6.50
N ILE A 59 -3.82 -27.17 -7.13
CA ILE A 59 -3.45 -25.87 -7.67
C ILE A 59 -4.52 -24.88 -7.24
N GLY A 60 -4.12 -23.82 -6.54
CA GLY A 60 -5.10 -22.94 -5.93
C GLY A 60 -4.69 -21.48 -5.85
N LYS A 61 -5.63 -20.67 -5.39
CA LYS A 61 -5.44 -19.25 -5.16
C LYS A 61 -5.66 -18.95 -3.67
N THR A 62 -4.71 -18.26 -3.06
CA THR A 62 -4.81 -17.88 -1.65
C THR A 62 -4.86 -16.35 -1.53
N GLU A 63 -5.47 -15.90 -0.43
CA GLU A 63 -5.83 -14.50 -0.26
C GLU A 63 -4.71 -13.66 0.38
N GLY A 64 -3.47 -14.09 0.26
CA GLY A 64 -2.35 -13.27 0.69
C GLY A 64 -2.12 -12.10 -0.24
N ASN A 65 -1.02 -11.39 0.00
CA ASN A 65 -0.75 -10.19 -0.79
C ASN A 65 -0.21 -10.50 -2.17
N GLY A 66 0.22 -11.73 -2.42
CA GLY A 66 0.73 -12.09 -3.72
C GLY A 66 2.17 -11.72 -3.97
N GLY A 67 2.86 -11.14 -3.00
CA GLY A 67 4.26 -10.79 -3.15
C GLY A 67 5.18 -11.73 -2.42
N VAL A 68 6.26 -11.18 -1.86
CA VAL A 68 7.28 -12.00 -1.21
C VAL A 68 6.79 -12.46 0.16
N ASN A 69 6.34 -11.52 0.99
CA ASN A 69 5.87 -11.82 2.34
C ASN A 69 4.39 -12.25 2.34
N ASP A 70 4.11 -13.33 1.61
CA ASP A 70 2.78 -13.92 1.55
C ASP A 70 2.84 -15.28 2.23
N TYR A 71 2.23 -15.37 3.41
CA TYR A 71 2.26 -16.57 4.24
C TYR A 71 0.94 -17.31 4.26
N THR A 72 -0.04 -16.87 3.47
CA THR A 72 -1.29 -17.62 3.33
C THR A 72 -1.08 -18.89 2.51
N ARG A 73 0.03 -18.98 1.78
CA ARG A 73 0.33 -20.17 0.99
C ARG A 73 0.70 -21.35 1.88
N ILE A 74 1.55 -21.13 2.88
CA ILE A 74 1.92 -22.23 3.77
C ILE A 74 0.78 -22.60 4.71
N ILE A 75 -0.09 -21.65 5.06
CA ILE A 75 -1.25 -21.99 5.89
C ILE A 75 -2.18 -22.93 5.14
N ALA A 76 -2.54 -22.56 3.90
CA ALA A 76 -3.39 -23.43 3.09
C ALA A 76 -2.72 -24.75 2.78
N ASP A 77 -1.40 -24.73 2.55
CA ASP A 77 -0.67 -25.96 2.28
C ASP A 77 -0.81 -26.95 3.42
N ARG A 78 -0.75 -26.47 4.66
CA ARG A 78 -0.83 -27.36 5.81
C ARG A 78 -2.27 -27.83 6.04
N ALA A 79 -3.25 -26.96 5.86
CA ALA A 79 -4.64 -27.36 6.04
C ALA A 79 -5.04 -28.46 5.08
N PHE A 80 -4.53 -28.42 3.85
CA PHE A 80 -4.90 -29.43 2.86
C PHE A 80 -4.16 -30.75 3.10
N ARG A 81 -2.86 -30.68 3.39
CA ARG A 81 -2.11 -31.91 3.66
C ARG A 81 -2.63 -32.63 4.90
N GLU A 82 -3.19 -31.91 5.86
CA GLU A 82 -3.73 -32.58 7.05
C GLU A 82 -5.04 -33.30 6.73
N VAL A 83 -5.86 -32.75 5.84
CA VAL A 83 -7.04 -33.48 5.38
C VAL A 83 -6.62 -34.75 4.65
N LEU A 84 -5.62 -34.63 3.77
CA LEU A 84 -5.16 -35.80 3.02
C LEU A 84 -4.56 -36.85 3.95
N SER A 85 -3.81 -36.42 4.96
CA SER A 85 -3.21 -37.37 5.90
C SER A 85 -4.27 -38.00 6.81
N ALA A 86 -5.23 -37.19 7.29
CA ALA A 86 -6.23 -37.69 8.21
C ALA A 86 -7.16 -38.69 7.55
N LYS A 87 -7.62 -38.39 6.34
CA LYS A 87 -8.70 -39.15 5.71
C LYS A 87 -8.21 -40.26 4.78
N GLY A 88 -6.90 -40.41 4.59
CA GLY A 88 -6.34 -41.45 3.75
C GLY A 88 -5.39 -42.35 4.51
N ASN A 89 -5.00 -43.45 3.86
CA ASN A 89 -4.02 -44.35 4.43
C ASN A 89 -2.59 -43.92 4.14
N ARG A 90 -2.40 -42.89 3.32
CA ARG A 90 -1.06 -42.40 3.05
C ARG A 90 -0.45 -41.81 4.33
N SER A 91 0.85 -42.02 4.48
CA SER A 91 1.57 -41.48 5.61
C SER A 91 1.85 -39.99 5.40
N PRO A 92 2.01 -39.22 6.48
CA PRO A 92 2.33 -37.79 6.32
C PRO A 92 3.56 -37.55 5.46
N GLU A 93 4.52 -38.47 5.45
CA GLU A 93 5.65 -38.36 4.55
C GLU A 93 5.23 -38.56 3.10
N GLU A 94 4.24 -39.41 2.84
CA GLU A 94 3.75 -39.59 1.48
C GLU A 94 2.97 -38.37 1.01
N VAL A 95 2.07 -37.85 1.86
CA VAL A 95 1.28 -36.67 1.52
C VAL A 95 2.19 -35.51 1.15
N ALA A 96 3.29 -35.33 1.89
CA ALA A 96 4.21 -34.22 1.62
C ALA A 96 4.75 -34.23 0.20
N GLU A 97 4.75 -35.38 -0.48
CA GLU A 97 5.25 -35.46 -1.84
C GLU A 97 4.22 -35.07 -2.89
N VAL A 98 2.98 -34.81 -2.48
CA VAL A 98 1.94 -34.35 -3.41
C VAL A 98 2.21 -32.90 -3.78
N PRO A 99 2.41 -32.58 -5.06
CA PRO A 99 2.66 -31.19 -5.45
C PRO A 99 1.43 -30.32 -5.23
N ILE A 100 1.56 -29.33 -4.36
CA ILE A 100 0.50 -28.36 -4.08
C ILE A 100 1.06 -26.97 -4.37
N VAL A 101 0.48 -26.30 -5.36
CA VAL A 101 0.95 -24.98 -5.81
C VAL A 101 -0.10 -23.94 -5.45
N TRP A 102 0.29 -22.95 -4.65
CA TRP A 102 -0.57 -21.86 -4.23
C TRP A 102 -0.11 -20.55 -4.86
N SER A 103 -0.97 -19.94 -5.68
CA SER A 103 -0.74 -18.62 -6.23
C SER A 103 -1.42 -17.59 -5.34
N GLY A 104 -0.62 -16.87 -4.55
CA GLY A 104 -1.18 -15.86 -3.67
C GLY A 104 -1.73 -14.65 -4.42
N GLY A 105 -2.55 -13.88 -3.70
CA GLY A 105 -3.14 -12.67 -4.24
C GLY A 105 -4.46 -12.89 -4.96
N THR A 106 -5.56 -12.44 -4.34
CA THR A 106 -6.90 -12.59 -4.89
C THR A 106 -7.59 -11.23 -4.99
N ASP A 107 -6.88 -10.24 -5.53
CA ASP A 107 -7.40 -8.87 -5.58
C ASP A 107 -8.75 -8.80 -6.28
N GLY A 108 -9.65 -8.00 -5.74
CA GLY A 108 -10.93 -7.78 -6.38
C GLY A 108 -11.92 -8.88 -6.04
N VAL A 109 -12.61 -9.37 -7.07
CA VAL A 109 -13.62 -10.41 -6.88
C VAL A 109 -13.03 -11.81 -6.79
N ILE A 110 -11.75 -11.99 -7.10
CA ILE A 110 -11.16 -13.32 -7.19
C ILE A 110 -11.40 -14.07 -5.88
N SER A 111 -11.91 -15.29 -6.00
CA SER A 111 -12.30 -16.08 -4.84
C SER A 111 -11.24 -17.11 -4.51
N PRO A 112 -10.72 -17.13 -3.27
CA PRO A 112 -9.76 -18.17 -2.89
C PRO A 112 -10.38 -19.56 -3.09
N HIS A 113 -9.60 -20.45 -3.72
CA HIS A 113 -10.12 -21.75 -4.11
C HIS A 113 -8.95 -22.69 -4.33
N ALA A 114 -9.28 -23.98 -4.47
CA ALA A 114 -8.31 -25.00 -4.81
C ALA A 114 -8.88 -25.92 -5.87
N THR A 115 -8.11 -26.19 -6.91
CA THR A 115 -8.46 -27.15 -7.94
C THR A 115 -7.79 -28.48 -7.61
N ILE A 116 -8.59 -29.52 -7.40
CA ILE A 116 -8.11 -30.81 -6.93
C ILE A 116 -8.02 -31.77 -8.11
N PHE A 117 -6.86 -32.42 -8.26
CA PHE A 117 -6.63 -33.42 -9.30
C PHE A 117 -6.46 -34.78 -8.64
N ALA A 118 -7.34 -35.72 -8.97
CA ALA A 118 -7.30 -37.06 -8.39
C ALA A 118 -7.47 -38.11 -9.49
N THR A 119 -6.88 -39.29 -9.26
CA THR A 119 -7.07 -40.42 -10.14
C THR A 119 -8.39 -41.12 -9.86
N VAL A 120 -8.95 -41.75 -10.88
CA VAL A 120 -10.22 -42.45 -10.78
C VAL A 120 -9.97 -43.96 -10.80
N PRO A 121 -10.63 -44.73 -9.92
CA PRO A 121 -10.53 -46.20 -10.02
C PRO A 121 -11.11 -46.71 -11.32
N ALA A 122 -10.43 -47.70 -11.89
CA ALA A 122 -10.81 -48.26 -13.19
C ALA A 122 -12.31 -48.58 -13.27
N ASP A 123 -12.88 -49.14 -12.20
CA ASP A 123 -14.30 -49.52 -12.23
C ASP A 123 -15.27 -48.32 -12.26
N LYS A 124 -14.74 -47.09 -12.36
CA LYS A 124 -15.57 -45.90 -12.47
C LYS A 124 -15.36 -45.20 -13.80
N VAL A 125 -14.44 -45.70 -14.63
CA VAL A 125 -14.08 -45.07 -15.90
C VAL A 125 -14.53 -45.95 -17.05
N THR A 126 -15.00 -45.32 -18.13
CA THR A 126 -15.21 -45.96 -19.42
C THR A 126 -14.25 -45.28 -20.40
N LYS A 127 -13.25 -46.02 -20.88
CA LYS A 127 -12.16 -45.42 -21.65
C LYS A 127 -12.61 -45.17 -23.09
N THR A 128 -12.54 -43.91 -23.51
CA THR A 128 -12.94 -43.46 -24.83
C THR A 128 -11.72 -43.08 -25.65
N ASP A 129 -11.85 -43.10 -26.97
CA ASP A 129 -10.76 -42.68 -27.82
C ASP A 129 -10.72 -41.17 -28.00
N GLU A 130 -11.75 -40.47 -27.52
CA GLU A 130 -11.70 -39.02 -27.44
C GLU A 130 -10.60 -38.58 -26.47
N PRO A 131 -9.95 -37.45 -26.72
CA PRO A 131 -8.93 -36.98 -25.79
C PRO A 131 -9.55 -36.57 -24.47
N ARG A 132 -8.97 -37.03 -23.37
CA ARG A 132 -9.45 -36.70 -22.04
C ARG A 132 -8.27 -36.29 -21.17
N LEU A 133 -8.60 -35.66 -20.04
CA LEU A 133 -7.59 -34.99 -19.22
C LEU A 133 -6.65 -36.00 -18.57
N THR A 134 -5.36 -35.68 -18.61
CA THR A 134 -4.33 -36.44 -17.92
C THR A 134 -3.37 -35.48 -17.21
N VAL A 135 -2.79 -35.95 -16.12
CA VAL A 135 -1.95 -35.11 -15.27
C VAL A 135 -0.63 -35.84 -15.04
N GLY A 136 0.47 -35.12 -15.18
CA GLY A 136 1.78 -35.65 -14.83
C GLY A 136 2.52 -34.70 -13.95
N VAL A 137 3.37 -35.25 -13.08
CA VAL A 137 4.10 -34.49 -12.08
C VAL A 137 5.56 -34.90 -12.14
N ALA A 138 6.45 -33.98 -11.78
CA ALA A 138 7.87 -34.29 -11.70
C ALA A 138 8.56 -33.24 -10.85
N MET A 139 9.73 -33.60 -10.34
CA MET A 139 10.61 -32.68 -9.64
C MET A 139 11.94 -32.62 -10.38
N SER A 140 12.43 -31.42 -10.65
CA SER A 140 13.70 -31.29 -11.34
C SER A 140 14.85 -31.62 -10.40
N GLU A 141 16.06 -31.69 -10.97
CA GLU A 141 17.28 -31.67 -10.19
C GLU A 141 17.32 -30.43 -9.31
N GLN A 142 18.17 -30.46 -8.28
CA GLN A 142 18.32 -29.31 -7.39
C GLN A 142 18.73 -28.07 -8.17
N LEU A 143 18.08 -26.96 -7.89
CA LEU A 143 18.38 -25.67 -8.51
C LEU A 143 19.15 -24.82 -7.51
N LEU A 144 20.41 -24.53 -7.82
CA LEU A 144 21.24 -23.72 -6.95
C LEU A 144 21.05 -22.24 -7.26
N PRO A 145 21.32 -21.37 -6.28
CA PRO A 145 21.13 -19.92 -6.51
C PRO A 145 21.79 -19.38 -7.77
N GLU A 146 22.93 -19.96 -8.18
CA GLU A 146 23.57 -19.51 -9.40
C GLU A 146 22.87 -20.02 -10.66
N ASP A 147 22.02 -21.04 -10.54
CA ASP A 147 21.24 -21.51 -11.67
C ASP A 147 20.09 -20.58 -12.02
N ILE A 148 19.57 -19.85 -11.04
CA ILE A 148 18.30 -19.14 -11.20
C ILE A 148 18.41 -18.12 -12.31
N GLY A 149 17.55 -18.24 -13.32
CA GLY A 149 17.52 -17.29 -14.40
C GLY A 149 18.52 -17.53 -15.50
N ARG A 150 19.26 -18.64 -15.45
CA ARG A 150 20.31 -18.95 -16.42
C ARG A 150 20.06 -20.30 -17.05
N THR A 151 20.88 -20.62 -18.05
CA THR A 151 20.68 -21.81 -18.87
C THR A 151 20.63 -23.08 -18.04
N ALA A 152 21.30 -23.10 -16.89
CA ALA A 152 21.25 -24.27 -16.03
C ALA A 152 19.84 -24.52 -15.53
N MET A 153 19.14 -23.47 -15.10
CA MET A 153 17.73 -23.61 -14.72
C MET A 153 16.90 -24.07 -15.90
N ILE A 154 17.12 -23.47 -17.07
CA ILE A 154 16.33 -23.78 -18.26
C ILE A 154 16.45 -25.25 -18.62
N THR A 155 17.69 -25.78 -18.62
CA THR A 155 17.90 -27.16 -19.03
C THR A 155 17.36 -28.14 -17.98
N LYS A 156 17.55 -27.83 -16.69
CA LYS A 156 17.03 -28.72 -15.66
C LYS A 156 15.50 -28.73 -15.64
N VAL A 157 14.88 -27.57 -15.85
CA VAL A 157 13.42 -27.52 -15.90
C VAL A 157 12.90 -28.29 -17.12
N ALA A 158 13.53 -28.10 -18.28
CA ALA A 158 13.09 -28.78 -19.49
C ALA A 158 13.09 -30.30 -19.31
N ALA A 159 14.13 -30.84 -18.68
CA ALA A 159 14.18 -32.28 -18.44
C ALA A 159 13.03 -32.72 -17.54
N ALA A 160 12.77 -31.96 -16.47
CA ALA A 160 11.67 -32.29 -15.57
C ALA A 160 10.32 -32.20 -16.28
N VAL A 161 10.16 -31.22 -17.18
CA VAL A 161 8.90 -31.08 -17.91
C VAL A 161 8.66 -32.29 -18.80
N LYS A 162 9.69 -32.75 -19.50
CA LYS A 162 9.57 -33.99 -20.27
C LYS A 162 9.24 -35.17 -19.37
N ASP A 163 9.82 -35.21 -18.17
CA ASP A 163 9.49 -36.28 -17.22
C ASP A 163 8.03 -36.23 -16.82
N ALA A 164 7.54 -35.07 -16.39
CA ALA A 164 6.12 -34.94 -16.05
C ALA A 164 5.24 -35.20 -17.24
N MET A 165 5.70 -34.83 -18.44
CA MET A 165 4.94 -35.09 -19.66
C MET A 165 4.77 -36.57 -19.91
N ALA A 166 5.85 -37.34 -19.77
CA ALA A 166 5.76 -38.80 -19.88
C ALA A 166 4.86 -39.39 -18.80
N ASP A 167 4.96 -38.86 -17.57
CA ASP A 167 4.12 -39.36 -16.48
C ASP A 167 2.65 -39.16 -16.77
N ALA A 168 2.30 -38.14 -17.54
CA ALA A 168 0.93 -37.92 -17.99
C ALA A 168 0.56 -38.81 -19.17
N GLY A 169 1.49 -39.59 -19.69
CA GLY A 169 1.24 -40.39 -20.88
C GLY A 169 1.07 -39.58 -22.15
N ILE A 170 1.83 -38.49 -22.28
CA ILE A 170 1.77 -37.62 -23.45
C ILE A 170 3.11 -37.67 -24.17
N THR A 171 3.06 -37.88 -25.48
CA THR A 171 4.26 -37.82 -26.33
C THR A 171 4.27 -36.60 -27.23
N ASP A 172 3.11 -36.11 -27.64
CA ASP A 172 3.03 -34.96 -28.53
C ASP A 172 2.93 -33.68 -27.71
N PRO A 173 3.90 -32.76 -27.82
CA PRO A 173 3.82 -31.51 -27.05
C PRO A 173 2.53 -30.72 -27.30
N ALA A 174 1.94 -30.84 -28.48
CA ALA A 174 0.69 -30.14 -28.77
C ALA A 174 -0.44 -30.60 -27.86
N ASP A 175 -0.33 -31.77 -27.25
CA ASP A 175 -1.35 -32.23 -26.30
C ASP A 175 -1.15 -31.66 -24.91
N VAL A 176 -0.05 -30.94 -24.67
CA VAL A 176 0.17 -30.28 -23.39
C VAL A 176 -0.49 -28.90 -23.46
N HIS A 177 -1.42 -28.65 -22.54
CA HIS A 177 -2.16 -27.40 -22.54
C HIS A 177 -1.86 -26.47 -21.36
N TYR A 178 -1.23 -26.98 -20.30
CA TYR A 178 -1.07 -26.21 -19.07
C TYR A 178 0.06 -26.83 -18.25
N VAL A 179 1.09 -26.05 -17.96
CA VAL A 179 2.22 -26.49 -17.16
C VAL A 179 2.37 -25.51 -15.99
N GLN A 180 2.12 -26.00 -14.78
CA GLN A 180 2.18 -25.19 -13.57
C GLN A 180 3.43 -25.59 -12.79
N THR A 181 4.24 -24.61 -12.40
CA THR A 181 5.50 -24.87 -11.74
C THR A 181 5.65 -24.03 -10.47
N LYS A 182 6.54 -24.51 -9.60
CA LYS A 182 6.95 -23.79 -8.38
C LYS A 182 8.46 -23.95 -8.22
N THR A 183 9.18 -22.83 -8.28
CA THR A 183 10.63 -22.82 -8.30
C THR A 183 11.20 -21.97 -7.13
N PRO A 184 12.46 -22.24 -6.77
CA PRO A 184 13.05 -21.44 -5.66
C PRO A 184 13.27 -19.99 -6.03
N LEU A 185 13.22 -19.14 -5.00
CA LEU A 185 13.64 -17.75 -5.08
C LEU A 185 15.08 -17.59 -4.60
N LEU A 186 15.56 -16.36 -4.68
CA LEU A 186 16.85 -15.98 -4.12
C LEU A 186 16.61 -15.28 -2.80
N THR A 187 17.33 -15.70 -1.77
CA THR A 187 17.28 -15.05 -0.47
C THR A 187 18.67 -14.59 -0.08
N ILE A 188 18.74 -13.78 0.97
CA ILE A 188 20.03 -13.38 1.53
C ILE A 188 20.88 -14.61 1.84
N HIS A 189 20.24 -15.69 2.30
CA HIS A 189 20.97 -16.88 2.70
C HIS A 189 21.54 -17.61 1.49
N THR A 190 20.70 -17.84 0.47
CA THR A 190 21.16 -18.53 -0.73
C THR A 190 22.12 -17.67 -1.54
N ILE A 191 21.90 -16.35 -1.57
CA ILE A 191 22.87 -15.45 -2.22
C ILE A 191 24.22 -15.54 -1.52
N ARG A 192 24.22 -15.53 -0.18
CA ARG A 192 25.48 -15.74 0.55
C ARG A 192 26.04 -17.13 0.25
N ASP A 193 25.16 -18.10 0.05
CA ASP A 193 25.60 -19.46 -0.27
C ASP A 193 26.27 -19.50 -1.64
N ALA A 194 25.64 -18.87 -2.63
CA ALA A 194 26.23 -18.74 -3.96
C ALA A 194 27.63 -18.13 -3.91
N LYS A 195 27.77 -16.99 -3.21
CA LYS A 195 29.06 -16.30 -3.19
C LYS A 195 30.09 -17.01 -2.33
N SER A 196 29.67 -17.75 -1.29
CA SER A 196 30.64 -18.49 -0.49
C SER A 196 31.28 -19.64 -1.23
N ARG A 197 30.83 -19.93 -2.45
CA ARG A 197 31.50 -20.93 -3.28
C ARG A 197 32.05 -20.31 -4.55
N GLY A 198 32.19 -18.97 -4.57
CA GLY A 198 32.68 -18.23 -5.72
C GLY A 198 31.74 -18.19 -6.90
N LYS A 199 30.44 -18.32 -6.67
CA LYS A 199 29.45 -18.21 -7.71
C LYS A 199 28.78 -16.84 -7.66
N THR A 200 28.15 -16.47 -8.77
CA THR A 200 27.43 -15.20 -8.88
C THR A 200 25.93 -15.46 -8.92
N VAL A 201 25.16 -14.39 -8.70
CA VAL A 201 23.71 -14.45 -8.82
C VAL A 201 23.27 -13.40 -9.82
N TRP A 202 22.21 -13.75 -10.56
CA TRP A 202 21.65 -12.85 -11.57
C TRP A 202 21.23 -11.51 -10.95
N THR A 203 20.65 -11.55 -9.75
CA THR A 203 20.26 -10.35 -9.04
C THR A 203 20.24 -10.65 -7.54
N GLU A 204 20.23 -9.58 -6.75
CA GLU A 204 20.08 -9.73 -5.31
C GLU A 204 18.80 -9.11 -4.74
N GLN A 205 17.91 -8.60 -5.58
CA GLN A 205 16.61 -8.10 -5.14
C GLN A 205 15.62 -9.25 -4.99
N THR A 206 15.18 -9.52 -3.77
CA THR A 206 14.27 -10.64 -3.53
C THR A 206 13.02 -10.53 -4.40
N HIS A 207 12.43 -9.33 -4.51
CA HIS A 207 11.23 -9.17 -5.33
C HIS A 207 11.50 -9.48 -6.80
N GLU A 208 12.64 -9.03 -7.33
CA GLU A 208 12.92 -9.21 -8.75
C GLU A 208 13.23 -10.65 -9.09
N SER A 209 13.88 -11.38 -8.18
CA SER A 209 14.18 -12.79 -8.43
C SER A 209 12.94 -13.63 -8.63
N MET A 210 11.79 -13.09 -8.23
CA MET A 210 10.55 -13.81 -8.43
C MET A 210 10.21 -13.87 -9.92
N ASP A 211 10.28 -12.73 -10.60
CA ASP A 211 10.07 -12.66 -12.04
C ASP A 211 11.17 -13.41 -12.77
N LEU A 212 12.40 -13.36 -12.22
CA LEU A 212 13.52 -14.07 -12.82
C LEU A 212 13.32 -15.59 -12.75
N SER A 213 12.91 -16.10 -11.59
CA SER A 213 12.74 -17.54 -11.43
C SER A 213 11.62 -18.06 -12.32
N ASN A 214 10.48 -17.36 -12.34
CA ASN A 214 9.38 -17.73 -13.23
C ASN A 214 9.80 -17.64 -14.69
N GLY A 215 10.55 -16.60 -15.05
CA GLY A 215 10.95 -16.42 -16.44
C GLY A 215 11.85 -17.54 -16.94
N GLY A 216 12.91 -17.82 -16.18
CA GLY A 216 13.80 -18.92 -16.55
C GLY A 216 13.07 -20.25 -16.60
N THR A 217 12.14 -20.47 -15.68
CA THR A 217 11.37 -21.71 -15.68
C THR A 217 10.46 -21.79 -16.90
N ALA A 218 9.85 -20.66 -17.28
CA ALA A 218 8.99 -20.64 -18.46
C ALA A 218 9.76 -20.98 -19.72
N LEU A 219 10.96 -20.40 -19.89
CA LEU A 219 11.79 -20.73 -21.04
C LEU A 219 12.13 -22.22 -21.06
N GLY A 220 12.44 -22.79 -19.91
CA GLY A 220 12.61 -24.23 -19.80
C GLY A 220 11.42 -25.00 -20.37
N ILE A 221 10.21 -24.64 -19.94
CA ILE A 221 9.00 -25.29 -20.44
C ILE A 221 8.92 -25.16 -21.96
N ALA A 222 9.16 -23.95 -22.48
CA ALA A 222 9.08 -23.72 -23.92
C ALA A 222 10.09 -24.57 -24.68
N VAL A 223 11.27 -24.81 -24.10
CA VAL A 223 12.26 -25.65 -24.76
C VAL A 223 11.80 -27.11 -24.80
N ALA A 224 11.43 -27.64 -23.65
CA ALA A 224 10.96 -29.03 -23.57
C ALA A 224 9.82 -29.30 -24.55
N LEU A 225 8.89 -28.36 -24.66
CA LEU A 225 7.74 -28.53 -25.55
C LEU A 225 8.04 -28.14 -26.99
N GLY A 226 9.28 -27.75 -27.30
CA GLY A 226 9.64 -27.37 -28.65
C GLY A 226 8.92 -26.13 -29.17
N GLU A 227 8.59 -25.20 -28.28
CA GLU A 227 7.99 -23.94 -28.71
C GLU A 227 9.04 -22.93 -29.15
N ILE A 228 10.25 -23.01 -28.59
CA ILE A 228 11.36 -22.14 -28.97
C ILE A 228 12.61 -22.98 -29.09
N ASP A 229 13.60 -22.42 -29.77
CA ASP A 229 14.94 -22.98 -29.71
C ASP A 229 15.59 -22.60 -28.39
N MET A 230 16.59 -23.39 -27.99
CA MET A 230 17.28 -23.16 -26.74
C MET A 230 17.81 -21.73 -26.68
N PRO A 231 17.41 -20.92 -25.69
CA PRO A 231 17.88 -19.53 -25.63
C PRO A 231 19.19 -19.41 -24.87
N THR A 232 19.71 -18.19 -24.79
CA THR A 232 20.96 -17.90 -24.13
C THR A 232 20.69 -17.21 -22.79
N ASP A 233 21.76 -17.03 -22.01
CA ASP A 233 21.60 -16.31 -20.74
C ASP A 233 21.13 -14.88 -20.98
N GLU A 234 21.59 -14.25 -22.07
CA GLU A 234 21.18 -12.89 -22.35
C GLU A 234 19.71 -12.77 -22.75
N ASP A 235 19.05 -13.88 -23.11
CA ASP A 235 17.65 -13.80 -23.50
C ASP A 235 16.72 -13.67 -22.30
N VAL A 236 17.14 -14.16 -21.13
CA VAL A 236 16.23 -14.26 -19.99
C VAL A 236 15.89 -12.86 -19.51
N MET A 237 14.59 -12.55 -19.46
CA MET A 237 13.99 -11.28 -19.06
C MET A 237 14.14 -10.18 -20.12
N HIS A 238 14.86 -10.42 -21.20
CA HIS A 238 15.06 -9.42 -22.24
C HIS A 238 14.41 -9.77 -23.57
N SER A 239 14.41 -11.04 -23.97
CA SER A 239 13.86 -11.45 -25.26
C SER A 239 12.43 -11.92 -25.05
N ARG A 240 11.53 -10.95 -24.87
CA ARG A 240 10.15 -11.26 -24.53
C ARG A 240 9.33 -11.76 -25.71
N GLU A 241 9.87 -11.72 -26.94
CA GLU A 241 9.21 -12.45 -28.02
C GLU A 241 9.35 -13.96 -27.85
N LEU A 242 10.31 -14.42 -27.04
CA LEU A 242 10.45 -15.82 -26.68
C LEU A 242 9.55 -16.12 -25.50
N PHE A 243 8.58 -17.02 -25.68
CA PHE A 243 7.66 -17.33 -24.59
C PHE A 243 7.01 -18.68 -24.84
N SER A 244 6.51 -19.27 -23.76
CA SER A 244 5.69 -20.46 -23.83
C SER A 244 4.21 -20.08 -23.83
N SER A 245 3.41 -20.89 -24.52
CA SER A 245 1.98 -20.64 -24.61
C SER A 245 1.16 -21.41 -23.58
N VAL A 246 1.81 -22.22 -22.73
CA VAL A 246 1.13 -22.99 -21.72
C VAL A 246 1.76 -22.88 -20.34
N ALA A 247 2.82 -22.08 -20.19
CA ALA A 247 3.55 -22.02 -18.93
C ALA A 247 2.86 -21.10 -17.94
N SER A 248 2.67 -21.60 -16.71
CA SER A 248 2.19 -20.82 -15.58
C SER A 248 3.18 -21.06 -14.44
N CYS A 249 4.09 -20.11 -14.22
CA CYS A 249 5.24 -20.31 -13.34
C CYS A 249 5.11 -19.48 -12.07
N SER A 250 5.29 -20.15 -10.94
CA SER A 250 5.28 -19.52 -9.62
C SER A 250 6.58 -19.84 -8.91
N SER A 251 6.99 -18.95 -8.00
CA SER A 251 8.22 -19.14 -7.25
C SER A 251 7.97 -18.84 -5.77
N GLY A 252 8.90 -19.32 -4.94
CA GLY A 252 8.83 -19.20 -3.50
C GLY A 252 10.09 -19.68 -2.82
N VAL A 253 9.97 -20.16 -1.58
CA VAL A 253 11.13 -20.51 -0.77
C VAL A 253 11.07 -21.93 -0.23
N GLU A 254 9.87 -22.52 -0.17
CA GLU A 254 9.66 -23.84 0.44
C GLU A 254 10.51 -24.94 -0.19
N LEU A 255 10.91 -24.78 -1.47
CA LEU A 255 11.61 -25.89 -2.12
C LEU A 255 12.75 -25.40 -2.99
N ASP A 256 13.84 -26.16 -2.93
CA ASP A 256 15.05 -25.91 -3.72
C ASP A 256 15.06 -26.70 -5.03
N ARG A 257 13.89 -27.10 -5.51
CA ARG A 257 13.78 -27.82 -6.78
C ARG A 257 12.59 -27.25 -7.54
N ALA A 258 12.54 -27.53 -8.83
CA ALA A 258 11.37 -27.17 -9.63
C ALA A 258 10.29 -28.23 -9.45
N GLN A 259 9.14 -27.82 -8.94
CA GLN A 259 7.95 -28.67 -8.90
C GLN A 259 7.17 -28.47 -10.19
N ILE A 260 6.91 -29.56 -10.90
CA ILE A 260 6.27 -29.51 -12.22
C ILE A 260 4.93 -30.24 -12.14
N VAL A 261 3.89 -29.61 -12.70
CA VAL A 261 2.61 -30.26 -12.93
C VAL A 261 2.25 -30.01 -14.39
N VAL A 262 2.19 -31.09 -15.17
CA VAL A 262 1.79 -31.03 -16.57
C VAL A 262 0.36 -31.51 -16.69
N VAL A 263 -0.48 -30.72 -17.35
CA VAL A 263 -1.88 -31.06 -17.56
C VAL A 263 -2.14 -31.02 -19.06
N GLY A 264 -2.64 -32.12 -19.59
CA GLY A 264 -2.90 -32.23 -21.00
C GLY A 264 -3.96 -33.27 -21.25
N ASN A 265 -4.03 -33.71 -22.51
CA ASN A 265 -4.98 -34.73 -22.90
C ASN A 265 -4.27 -35.94 -23.48
N ALA A 266 -4.89 -37.10 -23.30
CA ALA A 266 -4.43 -38.34 -23.87
C ALA A 266 -5.65 -39.13 -24.35
N ARG A 267 -5.47 -39.87 -25.43
CA ARG A 267 -6.56 -40.65 -26.02
C ARG A 267 -6.55 -42.04 -25.42
N GLY A 268 -7.75 -42.61 -25.26
CA GLY A 268 -7.87 -43.95 -24.69
C GLY A 268 -7.77 -44.05 -23.19
N VAL A 269 -7.75 -42.93 -22.47
CA VAL A 269 -7.67 -42.97 -21.02
C VAL A 269 -9.05 -42.92 -20.37
N GLY A 270 -10.02 -42.24 -20.98
CA GLY A 270 -11.31 -42.05 -20.36
C GLY A 270 -11.29 -40.92 -19.35
N GLY A 271 -12.44 -40.72 -18.71
CA GLY A 271 -12.68 -39.58 -17.85
C GLY A 271 -13.68 -38.62 -18.45
N ARG A 272 -14.03 -37.61 -17.65
CA ARG A 272 -15.04 -36.63 -18.02
C ARG A 272 -14.47 -35.30 -18.49
N TYR A 273 -13.23 -35.00 -18.13
CA TYR A 273 -12.69 -33.65 -18.29
C TYR A 273 -11.67 -33.61 -19.41
N ARG A 274 -11.58 -32.45 -20.06
CA ARG A 274 -10.60 -32.20 -21.12
C ARG A 274 -10.07 -30.79 -20.97
N ILE A 275 -8.80 -30.61 -21.31
CA ILE A 275 -8.16 -29.31 -21.20
C ILE A 275 -7.80 -28.80 -22.59
N GLY A 276 -7.84 -27.48 -22.73
CA GLY A 276 -7.39 -26.80 -23.93
C GLY A 276 -6.83 -25.46 -23.51
N HIS A 277 -6.25 -24.74 -24.47
CA HIS A 277 -5.62 -23.48 -24.14
C HIS A 277 -5.61 -22.54 -25.33
N SER A 278 -5.31 -21.28 -25.05
CA SER A 278 -4.99 -20.28 -26.04
C SER A 278 -4.10 -19.24 -25.38
N VAL A 279 -4.15 -17.99 -25.83
CA VAL A 279 -3.36 -16.92 -25.25
C VAL A 279 -4.21 -15.66 -25.15
N MET A 280 -3.96 -14.88 -24.11
CA MET A 280 -4.50 -13.54 -23.98
C MET A 280 -3.45 -12.57 -24.50
N LYS A 281 -3.80 -11.79 -25.52
CA LYS A 281 -2.83 -10.85 -26.10
C LYS A 281 -2.68 -9.60 -25.26
N ASP A 282 -3.68 -9.29 -24.43
CA ASP A 282 -3.64 -8.11 -23.56
C ASP A 282 -4.63 -8.36 -22.42
N PRO A 283 -4.64 -7.48 -21.41
CA PRO A 283 -5.52 -7.74 -20.24
C PRO A 283 -7.00 -7.79 -20.56
N LEU A 284 -7.45 -7.22 -21.68
CA LEU A 284 -8.87 -7.18 -22.02
C LEU A 284 -9.28 -8.27 -22.98
N ASP A 285 -8.39 -9.18 -23.34
CA ASP A 285 -8.62 -10.15 -24.42
C ASP A 285 -9.50 -11.30 -23.94
N GLN A 286 -10.79 -10.98 -23.75
CA GLN A 286 -11.76 -12.00 -23.37
C GLN A 286 -11.87 -13.09 -24.44
N ASP A 287 -11.70 -12.73 -25.72
CA ASP A 287 -11.81 -13.72 -26.78
C ASP A 287 -10.75 -14.80 -26.64
N GLY A 288 -9.55 -14.41 -26.19
CA GLY A 288 -8.53 -15.42 -25.89
C GLY A 288 -8.99 -16.45 -24.88
N ILE A 289 -9.74 -16.01 -23.86
CA ILE A 289 -10.24 -16.94 -22.85
C ILE A 289 -11.31 -17.85 -23.45
N TRP A 290 -12.25 -17.27 -24.21
CA TRP A 290 -13.23 -18.09 -24.92
C TRP A 290 -12.54 -19.08 -25.85
N ALA A 291 -11.46 -18.65 -26.51
CA ALA A 291 -10.72 -19.55 -27.39
C ALA A 291 -10.17 -20.75 -26.63
N ALA A 292 -9.64 -20.52 -25.43
CA ALA A 292 -9.16 -21.63 -24.60
C ALA A 292 -10.30 -22.59 -24.26
N ILE A 293 -11.48 -22.04 -23.93
CA ILE A 293 -12.62 -22.88 -23.59
C ILE A 293 -13.08 -23.67 -24.80
N ARG A 294 -13.04 -23.04 -25.98
CA ARG A 294 -13.33 -23.71 -27.24
C ARG A 294 -12.34 -24.86 -27.47
N ASP A 295 -11.05 -24.56 -27.36
CA ASP A 295 -10.01 -25.55 -27.62
C ASP A 295 -10.09 -26.72 -26.64
N ALA A 296 -10.61 -26.47 -25.44
CA ALA A 296 -10.84 -27.54 -24.47
C ALA A 296 -11.96 -28.47 -24.90
N GLY A 297 -12.71 -28.12 -25.95
CA GLY A 297 -13.72 -29.00 -26.52
C GLY A 297 -15.15 -28.61 -26.23
N LEU A 298 -15.41 -27.41 -25.74
CA LEU A 298 -16.78 -26.90 -25.62
C LEU A 298 -17.18 -26.21 -26.93
N GLU A 299 -18.36 -26.58 -27.44
CA GLU A 299 -18.91 -25.91 -28.61
C GLU A 299 -19.78 -24.75 -28.13
N LEU A 300 -19.35 -23.53 -28.44
CA LEU A 300 -19.95 -22.31 -27.93
C LEU A 300 -20.39 -21.42 -29.08
N PRO A 301 -21.34 -20.51 -28.83
CA PRO A 301 -21.73 -19.54 -29.87
C PRO A 301 -20.56 -18.65 -30.27
N GLU A 302 -20.76 -17.95 -31.39
CA GLU A 302 -19.71 -17.07 -31.92
C GLU A 302 -19.35 -15.97 -30.93
N ARG A 303 -20.35 -15.35 -30.32
CA ARG A 303 -20.15 -14.37 -29.26
C ARG A 303 -20.69 -14.94 -27.96
N PRO A 304 -19.92 -15.75 -27.25
CA PRO A 304 -20.44 -16.49 -26.10
C PRO A 304 -20.58 -15.64 -24.86
N HIS A 305 -21.45 -16.11 -23.97
CA HIS A 305 -21.72 -15.49 -22.69
C HIS A 305 -21.60 -16.55 -21.60
N SER A 306 -21.31 -16.10 -20.37
CA SER A 306 -21.12 -17.03 -19.26
C SER A 306 -22.29 -17.99 -19.09
N SER A 307 -23.52 -17.52 -19.38
CA SER A 307 -24.68 -18.38 -19.29
C SER A 307 -24.65 -19.54 -20.29
N ASP A 308 -23.81 -19.46 -21.32
CA ASP A 308 -23.68 -20.56 -22.27
C ASP A 308 -22.88 -21.73 -21.70
N LEU A 309 -22.19 -21.55 -20.58
CA LEU A 309 -21.30 -22.60 -20.09
C LEU A 309 -22.08 -23.75 -19.45
N ASP A 310 -23.21 -23.45 -18.80
CA ASP A 310 -24.09 -24.44 -18.19
C ASP A 310 -23.31 -25.43 -17.32
N GLY A 311 -22.59 -24.90 -16.33
CA GLY A 311 -21.91 -25.75 -15.37
C GLY A 311 -20.72 -26.51 -15.89
N GLN A 312 -20.39 -26.39 -17.18
CA GLN A 312 -19.38 -27.25 -17.79
C GLN A 312 -17.97 -26.71 -17.70
N LEU A 313 -17.77 -25.49 -17.21
CA LEU A 313 -16.43 -24.95 -17.02
C LEU A 313 -15.95 -25.21 -15.60
N VAL A 314 -14.91 -26.02 -15.46
CA VAL A 314 -14.35 -26.27 -14.14
C VAL A 314 -13.56 -25.06 -13.65
N ASN A 315 -12.61 -24.60 -14.45
CA ASN A 315 -11.78 -23.45 -14.08
C ASN A 315 -10.99 -23.01 -15.30
N VAL A 316 -10.44 -21.80 -15.22
CA VAL A 316 -9.46 -21.32 -16.17
C VAL A 316 -8.20 -20.94 -15.42
N PHE A 317 -7.06 -21.03 -16.11
CA PHE A 317 -5.75 -20.77 -15.52
C PHE A 317 -5.00 -19.85 -16.48
N LEU A 318 -4.61 -18.67 -16.00
CA LEU A 318 -4.01 -17.71 -16.91
C LEU A 318 -3.03 -16.80 -16.17
N LYS A 319 -2.15 -16.18 -16.97
CA LYS A 319 -1.18 -15.19 -16.55
C LYS A 319 -1.54 -13.84 -17.14
N CYS A 320 -1.08 -12.77 -16.47
CA CYS A 320 -1.27 -11.42 -16.97
C CYS A 320 -0.14 -10.54 -16.46
N GLU A 321 0.01 -9.38 -17.10
CA GLU A 321 1.09 -8.46 -16.76
C GLU A 321 0.85 -7.13 -17.44
N ALA A 322 1.44 -6.08 -16.87
CA ALA A 322 1.43 -4.76 -17.50
C ALA A 322 2.56 -4.67 -18.53
N SER A 323 2.21 -4.27 -19.74
CA SER A 323 3.17 -4.27 -20.83
C SER A 323 4.25 -3.20 -20.65
N GLN A 324 5.41 -3.46 -21.25
CA GLN A 324 6.54 -2.54 -21.14
C GLN A 324 6.21 -1.14 -21.60
N ASP A 325 5.31 -1.00 -22.56
CA ASP A 325 5.06 0.30 -23.17
C ASP A 325 4.02 1.14 -22.43
N GLY A 326 3.41 0.60 -21.39
CA GLY A 326 2.53 1.40 -20.56
C GLY A 326 1.21 1.74 -21.21
N THR A 327 0.79 0.97 -22.19
CA THR A 327 -0.46 1.21 -22.90
C THR A 327 -1.21 -0.10 -23.10
N VAL A 328 -2.53 0.00 -23.17
CA VAL A 328 -3.39 -1.09 -23.60
C VAL A 328 -4.28 -0.57 -24.72
N ARG A 329 -4.15 -1.16 -25.91
CA ARG A 329 -4.95 -0.81 -27.07
C ARG A 329 -4.86 0.69 -27.35
N GLY A 330 -3.63 1.21 -27.33
CA GLY A 330 -3.36 2.60 -27.61
C GLY A 330 -3.58 3.57 -26.48
N ARG A 331 -4.16 3.15 -25.36
CA ARG A 331 -4.47 4.04 -24.25
C ARG A 331 -3.44 3.90 -23.14
N ARG A 332 -2.88 5.04 -22.73
CA ARG A 332 -1.92 5.07 -21.62
C ARG A 332 -2.59 4.72 -20.30
N ASN A 333 -1.88 3.94 -19.48
CA ASN A 333 -2.20 3.80 -18.06
C ASN A 333 -0.94 4.06 -17.25
N ALA A 334 -1.11 4.25 -15.94
CA ALA A 334 -0.02 4.62 -15.06
C ALA A 334 0.42 3.49 -14.14
N MET A 335 0.19 2.23 -14.54
CA MET A 335 0.54 1.10 -13.69
C MET A 335 2.03 1.08 -13.35
N LEU A 336 2.88 1.26 -14.35
CA LEU A 336 4.32 1.10 -14.13
C LEU A 336 4.92 2.21 -13.28
N ASP A 337 4.26 3.36 -13.19
CA ASP A 337 4.73 4.48 -12.37
C ASP A 337 4.14 4.51 -10.97
N ASP A 338 3.28 3.56 -10.62
CA ASP A 338 2.52 3.61 -9.37
C ASP A 338 3.35 3.01 -8.24
N SER A 339 3.94 3.87 -7.42
CA SER A 339 4.68 3.44 -6.23
C SER A 339 3.78 3.11 -5.04
N ASP A 340 2.49 3.42 -5.11
CA ASP A 340 1.61 3.15 -3.98
C ASP A 340 1.11 1.71 -4.00
N VAL A 341 0.50 1.30 -5.11
CA VAL A 341 0.02 -0.07 -5.29
C VAL A 341 0.72 -0.64 -6.51
N HIS A 342 1.52 -1.67 -6.31
CA HIS A 342 2.31 -2.24 -7.41
C HIS A 342 1.40 -2.75 -8.51
N TRP A 343 1.89 -2.66 -9.75
CA TRP A 343 1.09 -3.08 -10.91
C TRP A 343 0.78 -4.57 -10.88
N HIS A 344 1.57 -5.37 -10.15
CA HIS A 344 1.21 -6.78 -9.94
C HIS A 344 -0.21 -6.89 -9.41
N ARG A 345 -0.52 -6.15 -8.35
CA ARG A 345 -1.84 -6.23 -7.74
C ARG A 345 -2.89 -5.53 -8.59
N GLN A 346 -2.52 -4.44 -9.26
CA GLN A 346 -3.48 -3.72 -10.09
C GLN A 346 -3.94 -4.57 -11.26
N ILE A 347 -3.01 -5.15 -12.01
CA ILE A 347 -3.39 -5.92 -13.20
C ILE A 347 -4.06 -7.23 -12.80
N LYS A 348 -3.68 -7.81 -11.65
CA LYS A 348 -4.32 -9.02 -11.19
C LYS A 348 -5.81 -8.81 -10.95
N SER A 349 -6.15 -7.74 -10.21
CA SER A 349 -7.55 -7.42 -9.98
C SER A 349 -8.28 -7.14 -11.29
N CYS A 350 -7.65 -6.37 -12.17
CA CYS A 350 -8.29 -6.01 -13.44
C CYS A 350 -8.61 -7.24 -14.26
N VAL A 351 -7.62 -8.11 -14.45
CA VAL A 351 -7.83 -9.31 -15.26
C VAL A 351 -8.72 -10.31 -14.51
N GLY A 352 -8.67 -10.30 -13.18
CA GLY A 352 -9.62 -11.10 -12.42
C GLY A 352 -11.06 -10.78 -12.77
N GLY A 353 -11.38 -9.49 -12.85
CA GLY A 353 -12.71 -9.10 -13.29
C GLY A 353 -12.98 -9.47 -14.74
N VAL A 354 -12.00 -9.23 -15.61
CA VAL A 354 -12.14 -9.59 -17.03
C VAL A 354 -12.39 -11.08 -17.17
N THR A 355 -11.70 -11.89 -16.37
CA THR A 355 -11.82 -13.34 -16.47
C THR A 355 -13.11 -13.83 -15.84
N ALA A 356 -13.41 -13.39 -14.62
CA ALA A 356 -14.62 -13.81 -13.94
C ALA A 356 -15.88 -13.43 -14.73
N ALA A 357 -15.80 -12.34 -15.50
CA ALA A 357 -16.94 -11.96 -16.33
C ALA A 357 -17.16 -12.95 -17.46
N VAL A 358 -16.09 -13.59 -17.94
CA VAL A 358 -16.24 -14.66 -18.92
C VAL A 358 -16.83 -15.90 -18.29
N THR A 359 -16.22 -16.39 -17.21
CA THR A 359 -16.63 -17.65 -16.60
C THR A 359 -17.90 -17.54 -15.77
N GLY A 360 -18.26 -16.33 -15.32
CA GLY A 360 -19.38 -16.20 -14.39
C GLY A 360 -19.08 -16.67 -12.99
N ASP A 361 -17.84 -17.04 -12.71
CA ASP A 361 -17.46 -17.64 -11.42
C ASP A 361 -16.22 -16.91 -10.94
N PRO A 362 -16.32 -16.09 -9.90
CA PRO A 362 -15.14 -15.36 -9.42
C PRO A 362 -13.98 -16.25 -9.00
N ALA A 363 -14.23 -17.54 -8.76
CA ALA A 363 -13.15 -18.49 -8.52
C ALA A 363 -12.41 -18.79 -9.82
N VAL A 364 -11.39 -17.99 -10.11
CA VAL A 364 -10.56 -18.16 -11.31
C VAL A 364 -9.11 -18.16 -10.89
N PHE A 365 -8.29 -18.95 -11.57
CA PHE A 365 -6.85 -18.96 -11.32
C PHE A 365 -6.23 -17.87 -12.20
N VAL A 366 -6.00 -16.70 -11.61
CA VAL A 366 -5.36 -15.57 -12.29
C VAL A 366 -4.05 -15.28 -11.57
N SER A 367 -2.94 -15.33 -12.32
CA SER A 367 -1.61 -15.25 -11.77
C SER A 367 -0.77 -14.20 -12.48
N VAL A 368 0.07 -13.49 -11.72
CA VAL A 368 0.91 -12.43 -12.25
C VAL A 368 2.36 -12.88 -12.27
N SER A 369 3.20 -12.09 -12.93
CA SER A 369 4.62 -12.32 -13.18
C SER A 369 4.74 -13.29 -14.34
N ALA A 370 4.75 -12.76 -15.56
CA ALA A 370 4.54 -13.55 -16.76
C ALA A 370 5.67 -13.40 -17.78
N ALA A 371 6.90 -13.20 -17.31
CA ALA A 371 8.03 -13.15 -18.22
C ALA A 371 8.16 -14.47 -18.98
N HIS A 372 8.22 -14.38 -20.30
CA HIS A 372 8.28 -15.54 -21.19
C HIS A 372 7.09 -16.49 -21.00
N GLN A 373 5.98 -15.98 -20.49
CA GLN A 373 4.74 -16.73 -20.32
C GLN A 373 3.66 -16.00 -21.11
N GLY A 374 3.41 -16.49 -22.34
CA GLY A 374 2.56 -15.79 -23.27
C GLY A 374 3.22 -14.53 -23.80
N PRO A 375 2.55 -13.85 -24.72
CA PRO A 375 3.12 -12.64 -25.32
C PRO A 375 3.21 -11.51 -24.31
N GLU A 376 4.14 -10.58 -24.57
CA GLU A 376 4.34 -9.44 -23.70
C GLU A 376 3.04 -8.65 -23.53
N GLY A 377 2.69 -8.38 -22.28
CA GLY A 377 1.45 -7.69 -21.96
C GLY A 377 0.26 -8.59 -21.78
N GLY A 378 0.39 -9.88 -22.09
CA GLY A 378 -0.64 -10.87 -21.90
C GLY A 378 -0.08 -12.09 -21.19
N GLY A 379 -0.72 -13.23 -21.46
CA GLY A 379 -0.28 -14.48 -20.89
C GLY A 379 -1.08 -15.65 -21.44
N PRO A 380 -0.64 -16.87 -21.12
CA PRO A 380 -1.40 -18.04 -21.54
C PRO A 380 -2.71 -18.12 -20.78
N VAL A 381 -3.65 -18.88 -21.35
CA VAL A 381 -4.91 -19.16 -20.67
C VAL A 381 -5.30 -20.60 -20.99
N ALA A 382 -5.45 -21.42 -19.96
CA ALA A 382 -5.87 -22.81 -20.10
C ALA A 382 -7.26 -22.98 -19.48
N ALA A 383 -8.03 -23.88 -20.05
CA ALA A 383 -9.40 -24.13 -19.60
C ALA A 383 -9.65 -25.62 -19.47
N ILE A 384 -10.27 -26.01 -18.36
CA ILE A 384 -10.68 -27.40 -18.12
C ILE A 384 -12.21 -27.43 -18.12
N VAL A 385 -12.78 -28.31 -18.93
CA VAL A 385 -14.22 -28.37 -19.10
C VAL A 385 -14.72 -29.78 -18.81
N ASP A 386 -15.96 -29.86 -18.32
CA ASP A 386 -16.63 -31.12 -18.06
C ASP A 386 -17.40 -31.54 -19.31
N LEU A 387 -16.92 -32.58 -19.98
CA LEU A 387 -17.56 -33.09 -21.19
C LEU A 387 -18.40 -34.33 -20.95
N GLY A 388 -18.11 -35.09 -19.90
CA GLY A 388 -18.83 -36.33 -19.62
C GLY A 388 -18.15 -37.55 -20.20
N GLU B 23 29.40 36.23 -0.28
CA GLU B 23 28.01 36.55 0.10
C GLU B 23 27.56 35.83 1.34
N ALA B 24 27.12 36.61 2.32
CA ALA B 24 26.49 36.07 3.51
C ALA B 24 25.14 35.46 3.17
N ILE B 25 24.78 34.41 3.91
CA ILE B 25 23.57 33.65 3.63
C ILE B 25 22.63 33.79 4.81
N GLU B 26 21.34 33.99 4.50
CA GLU B 26 20.25 33.89 5.46
C GLU B 26 19.51 32.59 5.20
N VAL B 27 19.29 31.81 6.27
CA VAL B 27 18.63 30.52 6.17
C VAL B 27 17.37 30.55 7.03
N ARG B 28 16.24 30.21 6.42
CA ARG B 28 14.96 30.14 7.11
C ARG B 28 14.27 28.84 6.77
N LYS B 29 13.77 28.15 7.79
CA LYS B 29 12.95 26.95 7.63
C LYS B 29 11.51 27.33 7.92
N VAL B 30 10.63 27.12 6.95
CA VAL B 30 9.22 27.51 7.09
C VAL B 30 8.34 26.30 6.88
N PRO B 31 7.19 26.22 7.55
CA PRO B 31 6.27 25.10 7.31
C PRO B 31 5.47 25.30 6.05
N LEU B 32 5.04 24.18 5.48
CA LEU B 32 4.02 24.16 4.44
C LEU B 32 2.70 23.75 5.08
N HIS B 33 1.72 24.66 5.07
CA HIS B 33 0.43 24.36 5.68
C HIS B 33 -0.46 23.52 4.77
N SER B 34 -0.10 23.38 3.50
CA SER B 34 -0.81 22.54 2.55
C SER B 34 0.12 22.30 1.37
N VAL B 35 -0.28 21.39 0.48
CA VAL B 35 0.57 20.99 -0.63
C VAL B 35 0.95 22.20 -1.49
N SER B 36 0.07 23.17 -1.61
CA SER B 36 0.26 24.32 -2.50
C SER B 36 0.55 25.60 -1.73
N ASP B 37 1.00 25.50 -0.49
CA ASP B 37 1.17 26.65 0.36
C ASP B 37 2.61 27.15 0.31
N ALA B 38 2.79 28.40 -0.09
CA ALA B 38 4.07 29.10 0.01
C ALA B 38 3.93 30.40 0.79
N SER B 39 2.87 30.52 1.58
CA SER B 39 2.57 31.79 2.26
C SER B 39 3.65 32.18 3.25
N GLU B 40 4.29 31.21 3.90
CA GLU B 40 5.33 31.55 4.86
C GLU B 40 6.56 32.16 4.19
N LEU B 41 6.84 31.76 2.94
CA LEU B 41 7.87 32.46 2.18
C LEU B 41 7.44 33.88 1.83
N ALA B 42 6.19 34.04 1.42
CA ALA B 42 5.66 35.38 1.16
C ALA B 42 5.72 36.26 2.40
N LYS B 43 5.44 35.67 3.57
CA LYS B 43 5.48 36.45 4.81
C LYS B 43 6.90 36.89 5.15
N LEU B 44 7.89 36.02 4.94
CA LEU B 44 9.28 36.41 5.17
C LEU B 44 9.68 37.57 4.28
N ILE B 45 9.22 37.57 3.03
CA ILE B 45 9.52 38.67 2.11
C ILE B 45 8.85 39.95 2.57
N ASP B 46 7.57 39.87 2.96
CA ASP B 46 6.85 41.05 3.40
C ASP B 46 7.44 41.62 4.70
N ASP B 47 7.82 40.75 5.63
CA ASP B 47 8.42 41.19 6.88
C ASP B 47 9.87 41.65 6.72
N GLY B 48 10.40 41.63 5.50
CA GLY B 48 11.77 42.06 5.27
C GLY B 48 12.82 41.12 5.84
N VAL B 49 12.45 39.88 6.15
CA VAL B 49 13.43 38.92 6.62
C VAL B 49 14.41 38.57 5.52
N LEU B 50 13.94 38.52 4.27
CA LEU B 50 14.81 38.31 3.12
C LEU B 50 14.14 38.89 1.88
N GLU B 51 14.93 39.05 0.82
CA GLU B 51 14.47 39.64 -0.42
C GLU B 51 14.21 38.54 -1.45
N ALA B 52 13.08 38.67 -2.16
CA ALA B 52 12.68 37.67 -3.14
C ALA B 52 13.81 37.34 -4.12
N ASP B 53 14.42 38.38 -4.72
CA ASP B 53 15.44 38.16 -5.72
C ASP B 53 16.73 37.62 -5.14
N ARG B 54 16.92 37.67 -3.83
CA ARG B 54 18.11 37.11 -3.22
C ARG B 54 17.97 35.64 -2.83
N VAL B 55 16.78 35.05 -3.00
CA VAL B 55 16.62 33.63 -2.76
C VAL B 55 17.33 32.86 -3.85
N ILE B 56 18.30 32.03 -3.46
CA ILE B 56 19.15 31.32 -4.42
C ILE B 56 18.96 29.81 -4.41
N ALA B 57 18.30 29.25 -3.40
CA ALA B 57 18.04 27.82 -3.37
C ALA B 57 16.98 27.51 -2.32
N VAL B 58 16.19 26.47 -2.59
CA VAL B 58 15.21 25.94 -1.65
C VAL B 58 15.36 24.43 -1.56
N ILE B 59 15.33 23.90 -0.34
CA ILE B 59 15.41 22.47 -0.06
C ILE B 59 14.30 22.13 0.92
N GLY B 60 13.42 21.21 0.55
CA GLY B 60 12.23 20.98 1.36
C GLY B 60 11.74 19.54 1.34
N LYS B 61 10.72 19.30 2.16
CA LYS B 61 10.03 18.03 2.27
C LYS B 61 8.56 18.24 1.91
N THR B 62 8.05 17.42 0.99
CA THR B 62 6.67 17.48 0.57
C THR B 62 5.96 16.19 0.95
N GLU B 63 4.64 16.28 1.13
CA GLU B 63 3.84 15.22 1.72
C GLU B 63 3.34 14.21 0.70
N GLY B 64 3.99 14.10 -0.46
CA GLY B 64 3.66 13.06 -1.41
C GLY B 64 4.15 11.71 -0.93
N ASN B 65 4.02 10.72 -1.82
CA ASN B 65 4.38 9.36 -1.46
C ASN B 65 5.89 9.12 -1.51
N GLY B 66 6.66 10.03 -2.12
CA GLY B 66 8.09 9.90 -2.16
C GLY B 66 8.63 8.97 -3.23
N GLY B 67 7.78 8.38 -4.04
CA GLY B 67 8.20 7.50 -5.12
C GLY B 67 8.12 8.16 -6.47
N VAL B 68 7.73 7.37 -7.48
CA VAL B 68 7.72 7.87 -8.85
C VAL B 68 6.53 8.80 -9.07
N ASN B 69 5.33 8.32 -8.76
CA ASN B 69 4.11 9.11 -8.98
C ASN B 69 3.83 10.02 -7.78
N ASP B 70 4.79 10.90 -7.50
CA ASP B 70 4.66 11.91 -6.46
C ASP B 70 4.60 13.26 -7.16
N TYR B 71 3.41 13.86 -7.16
CA TYR B 71 3.17 15.12 -7.85
C TYR B 71 3.03 16.28 -6.89
N THR B 72 3.23 16.05 -5.59
CA THR B 72 3.30 17.14 -4.63
C THR B 72 4.60 17.93 -4.78
N ARG B 73 5.59 17.34 -5.46
CA ARG B 73 6.86 18.04 -5.66
C ARG B 73 6.69 19.18 -6.66
N ILE B 74 6.02 18.93 -7.78
CA ILE B 74 5.83 19.99 -8.77
C ILE B 74 4.81 21.02 -8.28
N ILE B 75 3.84 20.62 -7.45
CA ILE B 75 2.88 21.58 -6.92
C ILE B 75 3.59 22.60 -6.04
N ALA B 76 4.42 22.12 -5.10
CA ALA B 76 5.20 23.04 -4.28
C ALA B 76 6.20 23.82 -5.12
N ASP B 77 6.78 23.16 -6.13
CA ASP B 77 7.70 23.84 -7.04
C ASP B 77 7.04 25.03 -7.69
N ARG B 78 5.78 24.87 -8.07
CA ARG B 78 5.05 25.96 -8.73
C ARG B 78 4.65 27.05 -7.75
N ALA B 79 4.15 26.67 -6.57
CA ALA B 79 3.73 27.67 -5.59
C ALA B 79 4.89 28.56 -5.15
N PHE B 80 6.07 27.98 -5.02
CA PHE B 80 7.22 28.76 -4.56
C PHE B 80 7.79 29.64 -5.67
N ARG B 81 7.96 29.10 -6.87
CA ARG B 81 8.47 29.91 -7.97
C ARG B 81 7.54 31.06 -8.32
N GLU B 82 6.23 30.90 -8.10
CA GLU B 82 5.31 32.00 -8.38
C GLU B 82 5.43 33.11 -7.35
N VAL B 83 5.69 32.77 -6.10
CA VAL B 83 5.98 33.80 -5.11
C VAL B 83 7.26 34.54 -5.47
N LEU B 84 8.30 33.82 -5.92
CA LEU B 84 9.58 34.46 -6.15
C LEU B 84 9.53 35.50 -7.26
N SER B 85 8.94 35.15 -8.38
CA SER B 85 8.86 36.09 -9.50
C SER B 85 7.73 37.10 -9.31
N ALA B 86 6.65 36.71 -8.60
CA ALA B 86 5.58 37.68 -8.32
C ALA B 86 6.08 38.82 -7.44
N LYS B 87 6.85 38.50 -6.39
CA LYS B 87 7.28 39.48 -5.40
C LYS B 87 8.66 40.07 -5.69
N GLY B 88 9.35 39.61 -6.74
CA GLY B 88 10.65 40.12 -7.10
C GLY B 88 10.67 40.65 -8.53
N ASN B 89 11.77 41.32 -8.86
CA ASN B 89 11.96 41.81 -10.22
C ASN B 89 12.55 40.76 -11.15
N ARG B 90 12.93 39.60 -10.63
CA ARG B 90 13.43 38.53 -11.49
C ARG B 90 12.34 38.05 -12.44
N SER B 91 12.74 37.70 -13.65
CA SER B 91 11.80 37.19 -14.63
C SER B 91 11.50 35.72 -14.33
N PRO B 92 10.31 35.23 -14.73
CA PRO B 92 9.98 33.82 -14.52
C PRO B 92 11.01 32.87 -15.13
N GLU B 93 11.76 33.35 -16.12
CA GLU B 93 12.82 32.55 -16.72
C GLU B 93 14.05 32.48 -15.83
N GLU B 94 14.32 33.53 -15.06
CA GLU B 94 15.42 33.53 -14.11
C GLU B 94 15.09 32.70 -12.89
N VAL B 95 13.89 32.86 -12.34
CA VAL B 95 13.43 32.08 -11.20
C VAL B 95 13.52 30.59 -11.50
N ALA B 96 13.14 30.18 -12.72
CA ALA B 96 13.21 28.77 -13.08
C ALA B 96 14.61 28.21 -12.94
N GLU B 97 15.63 29.08 -12.92
CA GLU B 97 17.01 28.65 -12.73
C GLU B 97 17.41 28.51 -11.27
N VAL B 98 16.55 28.90 -10.34
CA VAL B 98 16.80 28.70 -8.91
C VAL B 98 16.60 27.23 -8.58
N PRO B 99 17.64 26.54 -8.10
CA PRO B 99 17.48 25.12 -7.76
C PRO B 99 16.57 24.94 -6.56
N ILE B 100 15.45 24.25 -6.78
CA ILE B 100 14.51 23.92 -5.72
C ILE B 100 14.39 22.40 -5.64
N VAL B 101 14.78 21.84 -4.51
CA VAL B 101 14.82 20.40 -4.33
C VAL B 101 13.71 20.01 -3.36
N TRP B 102 12.77 19.19 -3.84
CA TRP B 102 11.68 18.68 -3.02
C TRP B 102 11.89 17.19 -2.81
N SER B 103 12.12 16.80 -1.57
CA SER B 103 12.20 15.38 -1.21
C SER B 103 10.81 14.94 -0.76
N GLY B 104 10.12 14.19 -1.61
CA GLY B 104 8.81 13.70 -1.27
C GLY B 104 8.84 12.67 -0.17
N GLY B 105 7.67 12.46 0.45
CA GLY B 105 7.53 11.48 1.49
C GLY B 105 7.83 12.01 2.88
N THR B 106 6.79 12.19 3.68
CA THR B 106 6.96 12.70 5.04
C THR B 106 6.34 11.73 6.03
N ASP B 107 6.66 10.44 5.88
CA ASP B 107 6.05 9.40 6.69
C ASP B 107 6.22 9.68 8.18
N GLY B 108 5.16 9.43 8.94
CA GLY B 108 5.24 9.58 10.39
C GLY B 108 5.02 11.02 10.82
N VAL B 109 5.88 11.48 11.73
CA VAL B 109 5.77 12.84 12.26
C VAL B 109 6.38 13.90 11.37
N ILE B 110 7.13 13.51 10.32
CA ILE B 110 7.87 14.47 9.52
C ILE B 110 6.94 15.55 8.99
N SER B 111 7.32 16.82 9.19
CA SER B 111 6.46 17.95 8.88
C SER B 111 6.88 18.57 7.55
N PRO B 112 5.96 18.71 6.60
CA PRO B 112 6.28 19.39 5.34
C PRO B 112 6.80 20.79 5.60
N HIS B 113 7.92 21.11 4.95
CA HIS B 113 8.60 22.38 5.21
C HIS B 113 9.52 22.69 4.04
N ALA B 114 10.02 23.91 4.02
CA ALA B 114 11.01 24.35 3.05
C ALA B 114 12.10 25.14 3.76
N THR B 115 13.36 24.80 3.47
CA THR B 115 14.50 25.56 3.95
C THR B 115 14.93 26.52 2.84
N ILE B 116 14.85 27.81 3.12
CA ILE B 116 15.10 28.86 2.13
C ILE B 116 16.49 29.43 2.37
N PHE B 117 17.28 29.49 1.30
CA PHE B 117 18.62 30.06 1.34
C PHE B 117 18.61 31.35 0.53
N ALA B 118 18.92 32.46 1.20
CA ALA B 118 18.92 33.76 0.56
C ALA B 118 20.21 34.49 0.90
N THR B 119 20.67 35.34 -0.02
CA THR B 119 21.82 36.19 0.21
C THR B 119 21.43 37.43 1.01
N VAL B 120 22.38 37.96 1.77
CA VAL B 120 22.15 39.13 2.61
C VAL B 120 22.85 40.35 2.00
N PRO B 121 22.18 41.51 1.95
CA PRO B 121 22.87 42.74 1.53
C PRO B 121 23.99 43.12 2.49
N ALA B 122 25.10 43.58 1.92
CA ALA B 122 26.30 43.92 2.68
C ALA B 122 26.02 44.79 3.91
N ASP B 123 25.06 45.72 3.83
CA ASP B 123 24.82 46.67 4.91
C ASP B 123 24.09 46.06 6.10
N LYS B 124 23.77 44.76 6.05
CA LYS B 124 23.20 44.04 7.19
C LYS B 124 24.15 42.99 7.74
N VAL B 125 25.35 42.84 7.18
CA VAL B 125 26.25 41.75 7.56
C VAL B 125 27.41 42.31 8.37
N THR B 126 27.74 41.60 9.44
CA THR B 126 28.98 41.80 10.19
C THR B 126 29.88 40.64 9.81
N LYS B 127 30.87 40.89 8.95
CA LYS B 127 31.68 39.81 8.41
C LYS B 127 32.86 39.50 9.31
N THR B 128 32.90 38.25 9.79
CA THR B 128 33.85 37.79 10.78
C THR B 128 34.73 36.70 10.15
N ASP B 129 35.93 36.50 10.72
CA ASP B 129 36.88 35.52 10.24
C ASP B 129 36.58 34.11 10.74
N GLU B 130 35.61 34.02 11.64
CA GLU B 130 34.95 32.79 12.09
C GLU B 130 34.33 32.12 10.84
N PRO B 131 34.32 30.79 10.74
CA PRO B 131 33.68 30.19 9.55
C PRO B 131 32.18 30.40 9.57
N ARG B 132 31.63 30.85 8.43
CA ARG B 132 30.20 31.09 8.30
C ARG B 132 29.68 30.49 6.99
N LEU B 133 28.35 30.39 6.90
CA LEU B 133 27.70 29.63 5.85
C LEU B 133 27.87 30.28 4.48
N THR B 134 28.16 29.46 3.47
CA THR B 134 28.17 29.87 2.08
C THR B 134 27.46 28.81 1.24
N VAL B 135 26.82 29.26 0.16
CA VAL B 135 25.99 28.40 -0.68
C VAL B 135 26.36 28.61 -2.13
N GLY B 136 26.51 27.52 -2.87
CA GLY B 136 26.71 27.58 -4.31
C GLY B 136 25.71 26.69 -5.02
N VAL B 137 25.34 27.10 -6.23
CA VAL B 137 24.30 26.42 -7.00
C VAL B 137 24.79 26.18 -8.42
N ALA B 138 24.25 25.13 -9.04
CA ALA B 138 24.53 24.85 -10.45
C ALA B 138 23.47 23.91 -10.99
N MET B 139 23.33 23.93 -12.32
CA MET B 139 22.51 22.96 -13.04
C MET B 139 23.42 22.23 -14.02
N SER B 140 23.34 20.89 -14.00
CA SER B 140 24.18 20.11 -14.91
C SER B 140 23.65 20.20 -16.33
N GLU B 141 24.44 19.63 -17.25
CA GLU B 141 23.95 19.35 -18.59
C GLU B 141 22.71 18.46 -18.53
N GLN B 142 21.96 18.39 -19.64
CA GLN B 142 20.77 17.57 -19.68
C GLN B 142 21.13 16.10 -19.44
N LEU B 143 20.36 15.45 -18.56
CA LEU B 143 20.56 14.04 -18.26
C LEU B 143 19.46 13.25 -18.96
N LEU B 144 19.85 12.46 -19.93
CA LEU B 144 18.88 11.65 -20.65
C LEU B 144 18.67 10.32 -19.95
N PRO B 145 17.52 9.67 -20.16
CA PRO B 145 17.25 8.38 -19.49
C PRO B 145 18.36 7.34 -19.65
N GLU B 146 19.10 7.36 -20.77
CA GLU B 146 20.20 6.43 -20.94
C GLU B 146 21.43 6.82 -20.12
N ASP B 147 21.50 8.08 -19.67
CA ASP B 147 22.61 8.50 -18.80
C ASP B 147 22.46 7.99 -17.39
N ILE B 148 21.22 7.75 -16.93
CA ILE B 148 20.95 7.53 -15.52
C ILE B 148 21.67 6.28 -15.04
N GLY B 149 22.51 6.45 -14.01
CA GLY B 149 23.20 5.32 -13.43
C GLY B 149 24.48 4.92 -14.13
N ARG B 150 24.92 5.69 -15.12
CA ARG B 150 26.12 5.37 -15.90
C ARG B 150 27.10 6.53 -15.84
N THR B 151 28.29 6.29 -16.40
CA THR B 151 29.38 7.24 -16.28
C THR B 151 29.01 8.61 -16.84
N ALA B 152 28.10 8.65 -17.81
CA ALA B 152 27.67 9.94 -18.34
C ALA B 152 27.00 10.77 -17.26
N MET B 153 26.14 10.15 -16.45
CA MET B 153 25.56 10.86 -15.30
C MET B 153 26.65 11.29 -14.33
N ILE B 154 27.59 10.38 -14.04
CA ILE B 154 28.64 10.68 -13.07
C ILE B 154 29.47 11.87 -13.50
N THR B 155 29.87 11.90 -14.78
CA THR B 155 30.74 12.98 -15.25
C THR B 155 30.00 14.31 -15.34
N LYS B 156 28.75 14.29 -15.80
CA LYS B 156 27.99 15.54 -15.88
C LYS B 156 27.69 16.10 -14.50
N VAL B 157 27.37 15.23 -13.54
CA VAL B 157 27.14 15.70 -12.17
C VAL B 157 28.41 16.27 -11.58
N ALA B 158 29.54 15.57 -11.79
CA ALA B 158 30.81 16.04 -11.24
C ALA B 158 31.15 17.45 -11.72
N ALA B 159 30.94 17.73 -13.00
CA ALA B 159 31.23 19.06 -13.54
C ALA B 159 30.34 20.11 -12.87
N ALA B 160 29.04 19.81 -12.74
CA ALA B 160 28.12 20.74 -12.11
C ALA B 160 28.46 20.95 -10.64
N VAL B 161 28.90 19.89 -9.95
CA VAL B 161 29.26 20.02 -8.54
C VAL B 161 30.46 20.96 -8.39
N LYS B 162 31.47 20.80 -9.24
CA LYS B 162 32.59 21.74 -9.24
C LYS B 162 32.11 23.15 -9.55
N ASP B 163 31.15 23.29 -10.47
CA ASP B 163 30.60 24.61 -10.77
C ASP B 163 29.93 25.22 -9.55
N ALA B 164 29.04 24.47 -8.88
CA ALA B 164 28.39 24.96 -7.68
C ALA B 164 29.40 25.23 -6.57
N MET B 165 30.46 24.42 -6.51
CA MET B 165 31.48 24.62 -5.48
C MET B 165 32.20 25.95 -5.67
N ALA B 166 32.58 26.27 -6.91
CA ALA B 166 33.17 27.57 -7.20
C ALA B 166 32.17 28.69 -6.91
N ASP B 167 30.90 28.48 -7.26
CA ASP B 167 29.87 29.50 -7.01
C ASP B 167 29.74 29.78 -5.52
N ALA B 168 30.04 28.79 -4.67
CA ALA B 168 30.06 29.00 -3.22
C ALA B 168 31.33 29.66 -2.74
N GLY B 169 32.27 29.93 -3.63
CA GLY B 169 33.57 30.48 -3.24
C GLY B 169 34.40 29.52 -2.42
N ILE B 170 34.33 28.23 -2.73
CA ILE B 170 35.07 27.20 -2.03
C ILE B 170 36.06 26.55 -2.99
N THR B 171 37.32 26.46 -2.56
CA THR B 171 38.35 25.75 -3.30
C THR B 171 38.75 24.43 -2.67
N ASP B 172 38.66 24.33 -1.35
CA ASP B 172 39.04 23.12 -0.63
C ASP B 172 37.81 22.24 -0.46
N PRO B 173 37.79 21.03 -1.02
CA PRO B 173 36.62 20.16 -0.83
C PRO B 173 36.28 19.88 0.62
N ALA B 174 37.27 19.90 1.52
CA ALA B 174 37.01 19.67 2.93
C ALA B 174 36.09 20.72 3.53
N ASP B 175 35.96 21.89 2.90
CA ASP B 175 35.04 22.92 3.38
C ASP B 175 33.61 22.67 2.93
N VAL B 176 33.37 21.67 2.10
CA VAL B 176 32.03 21.29 1.69
C VAL B 176 31.48 20.29 2.71
N HIS B 177 30.33 20.63 3.30
CA HIS B 177 29.70 19.78 4.30
C HIS B 177 28.43 19.10 3.81
N TYR B 178 27.83 19.57 2.72
CA TYR B 178 26.50 19.12 2.34
C TYR B 178 26.28 19.46 0.87
N VAL B 179 25.99 18.44 0.06
CA VAL B 179 25.68 18.61 -1.35
C VAL B 179 24.33 17.97 -1.59
N GLN B 180 23.33 18.79 -1.90
CA GLN B 180 21.97 18.33 -2.11
C GLN B 180 21.67 18.40 -3.60
N THR B 181 21.15 17.31 -4.15
CA THR B 181 20.89 17.24 -5.57
C THR B 181 19.47 16.76 -5.83
N LYS B 182 18.99 17.09 -7.03
CA LYS B 182 17.73 16.59 -7.56
C LYS B 182 17.95 16.24 -9.01
N THR B 183 17.81 14.95 -9.32
CA THR B 183 18.11 14.40 -10.63
C THR B 183 16.89 13.67 -11.17
N PRO B 184 16.79 13.53 -12.49
CA PRO B 184 15.67 12.75 -13.04
C PRO B 184 15.80 11.29 -12.68
N LEU B 185 14.65 10.66 -12.41
CA LEU B 185 14.57 9.22 -12.36
C LEU B 185 13.99 8.71 -13.68
N LEU B 186 13.81 7.40 -13.78
CA LEU B 186 13.26 6.81 -14.99
C LEU B 186 11.76 6.60 -14.83
N THR B 187 11.00 7.01 -15.84
CA THR B 187 9.57 6.80 -15.91
C THR B 187 9.27 6.02 -17.18
N ILE B 188 8.01 5.57 -17.29
CA ILE B 188 7.58 4.89 -18.51
C ILE B 188 7.71 5.83 -19.71
N HIS B 189 7.49 7.11 -19.48
CA HIS B 189 7.65 8.11 -20.54
C HIS B 189 9.10 8.20 -21.01
N THR B 190 10.03 8.37 -20.07
CA THR B 190 11.44 8.51 -20.45
C THR B 190 12.03 7.20 -20.96
N ILE B 191 11.63 6.07 -20.38
CA ILE B 191 12.06 4.78 -20.92
C ILE B 191 11.59 4.63 -22.36
N ARG B 192 10.36 5.06 -22.65
CA ARG B 192 9.87 5.03 -24.03
C ARG B 192 10.72 5.91 -24.95
N ASP B 193 11.08 7.12 -24.48
CA ASP B 193 11.89 8.05 -25.27
C ASP B 193 13.28 7.49 -25.51
N ALA B 194 13.90 6.95 -24.47
CA ALA B 194 15.19 6.29 -24.61
C ALA B 194 15.16 5.25 -25.72
N LYS B 195 14.15 4.37 -25.70
CA LYS B 195 14.07 3.31 -26.70
C LYS B 195 13.63 3.85 -28.06
N SER B 196 12.85 4.94 -28.10
CA SER B 196 12.49 5.51 -29.39
C SER B 196 13.69 6.14 -30.10
N ARG B 197 14.84 6.16 -29.45
CA ARG B 197 16.10 6.60 -30.04
C ARG B 197 17.11 5.46 -30.12
N GLY B 198 16.65 4.22 -29.94
CA GLY B 198 17.53 3.07 -29.95
C GLY B 198 18.50 2.99 -28.81
N LYS B 199 18.20 3.62 -27.68
CA LYS B 199 19.05 3.58 -26.50
C LYS B 199 18.50 2.59 -25.48
N THR B 200 19.37 2.20 -24.55
CA THR B 200 19.02 1.27 -23.47
C THR B 200 18.95 2.03 -22.16
N VAL B 201 18.34 1.39 -21.17
CA VAL B 201 18.28 1.93 -19.81
C VAL B 201 18.84 0.90 -18.84
N TRP B 202 19.48 1.41 -17.78
CA TRP B 202 20.05 0.55 -16.75
C TRP B 202 18.99 -0.37 -16.16
N THR B 203 17.77 0.13 -15.99
CA THR B 203 16.66 -0.68 -15.53
C THR B 203 15.36 -0.08 -16.04
N GLU B 204 14.32 -0.89 -16.04
CA GLU B 204 13.00 -0.44 -16.42
C GLU B 204 12.02 -0.47 -15.25
N GLN B 205 12.50 -0.82 -14.07
CA GLN B 205 11.71 -0.73 -12.85
C GLN B 205 11.80 0.71 -12.37
N THR B 206 10.71 1.47 -12.55
CA THR B 206 10.75 2.90 -12.25
C THR B 206 11.12 3.15 -10.79
N HIS B 207 10.54 2.39 -9.86
CA HIS B 207 10.81 2.61 -8.45
C HIS B 207 12.28 2.41 -8.11
N GLU B 208 12.93 1.40 -8.68
CA GLU B 208 14.33 1.16 -8.37
C GLU B 208 15.25 2.11 -9.11
N SER B 209 14.76 2.77 -10.16
CA SER B 209 15.54 3.83 -10.79
C SER B 209 15.73 5.03 -9.87
N MET B 210 14.90 5.17 -8.84
CA MET B 210 15.13 6.20 -7.83
C MET B 210 16.45 5.98 -7.11
N ASP B 211 16.69 4.73 -6.66
CA ASP B 211 17.96 4.42 -6.01
C ASP B 211 19.11 4.56 -6.99
N LEU B 212 18.89 4.20 -8.25
CA LEU B 212 19.93 4.29 -9.27
C LEU B 212 20.34 5.75 -9.51
N SER B 213 19.35 6.64 -9.65
CA SER B 213 19.65 8.03 -9.94
C SER B 213 20.40 8.69 -8.79
N ASN B 214 19.95 8.44 -7.56
CA ASN B 214 20.67 8.96 -6.39
C ASN B 214 22.08 8.39 -6.32
N GLY B 215 22.23 7.10 -6.62
CA GLY B 215 23.55 6.47 -6.53
C GLY B 215 24.54 7.05 -7.53
N GLY B 216 24.15 7.12 -8.80
CA GLY B 216 25.03 7.68 -9.81
C GLY B 216 25.39 9.13 -9.53
N THR B 217 24.42 9.90 -9.05
CA THR B 217 24.69 11.30 -8.71
C THR B 217 25.65 11.40 -7.52
N ALA B 218 25.49 10.52 -6.54
CA ALA B 218 26.38 10.52 -5.38
C ALA B 218 27.82 10.26 -5.79
N LEU B 219 28.03 9.27 -6.67
CA LEU B 219 29.37 9.00 -7.18
C LEU B 219 29.93 10.23 -7.90
N GLY B 220 29.10 10.90 -8.71
CA GLY B 220 29.50 12.16 -9.29
C GLY B 220 30.02 13.15 -8.27
N ILE B 221 29.25 13.38 -7.20
CA ILE B 221 29.67 14.27 -6.13
C ILE B 221 31.00 13.79 -5.55
N ALA B 222 31.11 12.49 -5.27
CA ALA B 222 32.32 11.94 -4.69
C ALA B 222 33.53 12.15 -5.60
N VAL B 223 33.33 12.09 -6.91
CA VAL B 223 34.42 12.33 -7.85
C VAL B 223 34.84 13.80 -7.82
N ALA B 224 33.87 14.71 -8.00
CA ALA B 224 34.17 16.14 -7.99
C ALA B 224 34.91 16.57 -6.73
N LEU B 225 34.51 16.04 -5.58
CA LEU B 225 35.14 16.40 -4.31
C LEU B 225 36.40 15.60 -4.03
N GLY B 226 36.81 14.72 -4.95
CA GLY B 226 38.01 13.92 -4.75
C GLY B 226 37.94 12.96 -3.59
N GLU B 227 36.75 12.46 -3.27
CA GLU B 227 36.63 11.43 -2.23
C GLU B 227 36.91 10.04 -2.78
N ILE B 228 36.65 9.82 -4.06
CA ILE B 228 36.94 8.55 -4.72
C ILE B 228 37.57 8.85 -6.08
N ASP B 229 38.22 7.84 -6.63
CA ASP B 229 38.64 7.89 -8.02
C ASP B 229 37.44 7.60 -8.92
N MET B 230 37.54 8.04 -10.17
CA MET B 230 36.46 7.86 -11.11
C MET B 230 36.06 6.38 -11.20
N PRO B 231 34.81 6.05 -10.91
CA PRO B 231 34.40 4.64 -10.95
C PRO B 231 33.94 4.20 -12.32
N THR B 232 33.59 2.93 -12.45
CA THR B 232 33.15 2.37 -13.72
C THR B 232 31.64 2.15 -13.67
N ASP B 233 31.08 1.79 -14.83
CA ASP B 233 29.66 1.45 -14.87
C ASP B 233 29.35 0.28 -13.96
N GLU B 234 30.28 -0.67 -13.84
CA GLU B 234 30.04 -1.86 -13.04
C GLU B 234 29.96 -1.53 -11.54
N ASP B 235 30.49 -0.38 -11.12
CA ASP B 235 30.51 -0.02 -9.71
C ASP B 235 29.17 0.49 -9.21
N VAL B 236 28.34 1.03 -10.09
CA VAL B 236 27.13 1.72 -9.64
C VAL B 236 26.16 0.70 -9.05
N MET B 237 25.75 0.95 -7.80
CA MET B 237 24.85 0.12 -7.01
C MET B 237 25.48 -1.17 -6.48
N HIS B 238 26.73 -1.46 -6.89
CA HIS B 238 27.39 -2.67 -6.44
C HIS B 238 28.58 -2.43 -5.53
N SER B 239 29.35 -1.36 -5.76
CA SER B 239 30.55 -1.08 -4.98
C SER B 239 30.18 -0.08 -3.89
N ARG B 240 29.49 -0.58 -2.87
CA ARG B 240 28.97 0.28 -1.82
C ARG B 240 30.05 0.73 -0.83
N GLU B 241 31.27 0.20 -0.91
CA GLU B 241 32.37 0.82 -0.19
C GLU B 241 32.76 2.15 -0.80
N LEU B 242 32.35 2.42 -2.05
CA LEU B 242 32.54 3.71 -2.69
C LEU B 242 31.37 4.62 -2.33
N PHE B 243 31.65 5.73 -1.65
CA PHE B 243 30.58 6.65 -1.27
C PHE B 243 31.14 8.02 -0.95
N SER B 244 30.26 9.01 -1.04
CA SER B 244 30.54 10.37 -0.59
C SER B 244 30.06 10.54 0.85
N SER B 245 30.77 11.39 1.60
CA SER B 245 30.43 11.64 2.99
C SER B 245 29.56 12.86 3.20
N VAL B 246 29.20 13.57 2.12
CA VAL B 246 28.38 14.78 2.22
C VAL B 246 27.24 14.79 1.21
N ALA B 247 27.10 13.75 0.40
CA ALA B 247 26.12 13.76 -0.68
C ALA B 247 24.74 13.36 -0.14
N SER B 248 23.74 14.17 -0.48
CA SER B 248 22.34 13.86 -0.22
C SER B 248 21.61 14.01 -1.55
N CYS B 249 21.35 12.88 -2.20
CA CYS B 249 20.85 12.88 -3.57
C CYS B 249 19.40 12.42 -3.58
N SER B 250 18.54 13.22 -4.21
CA SER B 250 17.13 12.92 -4.35
C SER B 250 16.78 12.91 -5.82
N SER B 251 15.76 12.13 -6.18
CA SER B 251 15.35 12.03 -7.56
C SER B 251 13.84 12.16 -7.66
N GLY B 252 13.39 12.54 -8.85
CA GLY B 252 11.99 12.77 -9.12
C GLY B 252 11.72 13.07 -10.58
N VAL B 253 10.65 13.83 -10.83
CA VAL B 253 10.18 14.10 -12.19
C VAL B 253 10.02 15.60 -12.39
N GLU B 254 10.73 16.39 -11.58
CA GLU B 254 10.63 17.83 -11.60
C GLU B 254 11.53 18.51 -12.63
N LEU B 255 12.70 17.95 -12.94
CA LEU B 255 13.61 18.58 -13.89
C LEU B 255 14.49 17.51 -14.54
N ASP B 256 14.79 17.69 -15.83
CA ASP B 256 15.61 16.74 -16.58
C ASP B 256 17.10 17.06 -16.49
N ARG B 257 17.52 17.74 -15.44
CA ARG B 257 18.91 18.09 -15.17
C ARG B 257 19.19 17.86 -13.69
N ALA B 258 20.47 17.83 -13.34
CA ALA B 258 20.88 17.77 -11.95
C ALA B 258 20.80 19.16 -11.34
N GLN B 259 19.89 19.33 -10.39
CA GLN B 259 19.85 20.52 -9.55
C GLN B 259 20.87 20.36 -8.44
N ILE B 260 21.90 21.20 -8.42
CA ILE B 260 22.98 21.09 -7.46
C ILE B 260 22.89 22.25 -6.48
N VAL B 261 22.99 21.93 -5.18
CA VAL B 261 23.17 22.92 -4.13
C VAL B 261 24.34 22.47 -3.27
N VAL B 262 25.42 23.26 -3.28
CA VAL B 262 26.59 23.00 -2.46
C VAL B 262 26.55 23.94 -1.27
N VAL B 263 26.69 23.39 -0.06
CA VAL B 263 26.63 24.15 1.17
C VAL B 263 27.88 23.86 1.97
N GLY B 264 28.58 24.92 2.39
CA GLY B 264 29.78 24.76 3.17
C GLY B 264 30.02 26.02 3.98
N ASN B 265 31.24 26.14 4.50
CA ASN B 265 31.61 27.32 5.27
C ASN B 265 32.80 28.02 4.64
N ALA B 266 32.84 29.34 4.82
CA ALA B 266 33.96 30.16 4.39
C ALA B 266 34.18 31.25 5.44
N ARG B 267 35.44 31.61 5.63
CA ARG B 267 35.81 32.62 6.60
C ARG B 267 35.90 34.00 5.97
N GLY B 268 35.56 35.02 6.77
CA GLY B 268 35.57 36.38 6.30
C GLY B 268 34.35 36.77 5.48
N VAL B 269 33.34 35.90 5.42
CA VAL B 269 32.14 36.21 4.67
C VAL B 269 31.07 36.87 5.56
N GLY B 270 31.03 36.51 6.84
CA GLY B 270 29.99 36.98 7.72
C GLY B 270 28.71 36.19 7.60
N GLY B 271 27.72 36.63 8.37
CA GLY B 271 26.50 35.90 8.55
C GLY B 271 26.43 35.31 9.95
N ARG B 272 25.31 34.62 10.22
CA ARG B 272 25.10 34.06 11.54
C ARG B 272 24.80 32.57 11.52
N TYR B 273 24.97 31.90 10.39
CA TYR B 273 24.74 30.47 10.30
C TYR B 273 26.03 29.75 9.93
N ARG B 274 26.18 28.53 10.43
CA ARG B 274 27.32 27.68 10.10
C ARG B 274 26.84 26.25 9.94
N ILE B 275 27.48 25.52 9.03
CA ILE B 275 27.10 24.14 8.74
C ILE B 275 28.22 23.21 9.15
N GLY B 276 27.83 22.01 9.56
CA GLY B 276 28.77 20.94 9.84
C GLY B 276 28.09 19.63 9.47
N HIS B 277 28.85 18.55 9.54
CA HIS B 277 28.29 17.26 9.17
C HIS B 277 29.01 16.15 9.90
N SER B 278 28.39 14.97 9.86
CA SER B 278 29.00 13.74 10.32
C SER B 278 28.36 12.59 9.55
N VAL B 279 28.27 11.42 10.15
CA VAL B 279 27.67 10.27 9.49
C VAL B 279 26.78 9.52 10.46
N MET B 280 25.66 9.03 9.94
CA MET B 280 24.83 8.05 10.64
C MET B 280 25.23 6.68 10.14
N LYS B 281 25.71 5.82 11.05
CA LYS B 281 26.11 4.48 10.66
C LYS B 281 24.95 3.51 10.52
N ASP B 282 23.80 3.81 11.12
CA ASP B 282 22.62 2.99 10.98
C ASP B 282 21.40 3.83 11.32
N PRO B 283 20.18 3.32 11.11
CA PRO B 283 18.98 4.16 11.31
C PRO B 283 18.80 4.68 12.73
N LEU B 284 19.44 4.06 13.72
CA LEU B 284 19.25 4.46 15.12
C LEU B 284 20.37 5.36 15.64
N ASP B 285 21.31 5.76 14.79
CA ASP B 285 22.54 6.44 15.23
C ASP B 285 22.27 7.91 15.53
N GLN B 286 21.60 8.15 16.67
CA GLN B 286 21.37 9.52 17.11
C GLN B 286 22.68 10.26 17.39
N ASP B 287 23.72 9.55 17.84
CA ASP B 287 24.99 10.20 18.10
C ASP B 287 25.59 10.79 16.84
N GLY B 288 25.41 10.12 15.71
CA GLY B 288 25.83 10.69 14.43
C GLY B 288 25.20 12.04 14.16
N ILE B 289 23.92 12.19 14.49
CA ILE B 289 23.23 13.47 14.26
C ILE B 289 23.78 14.54 15.21
N TRP B 290 23.91 14.19 16.49
CA TRP B 290 24.51 15.11 17.46
C TRP B 290 25.92 15.51 17.02
N ALA B 291 26.68 14.56 16.46
CA ALA B 291 28.04 14.87 15.99
C ALA B 291 28.01 15.93 14.91
N ALA B 292 27.05 15.84 13.98
CA ALA B 292 26.93 16.87 12.94
C ALA B 292 26.64 18.24 13.55
N ILE B 293 25.76 18.28 14.57
CA ILE B 293 25.41 19.55 15.20
C ILE B 293 26.61 20.10 15.96
N ARG B 294 27.40 19.22 16.57
CA ARG B 294 28.66 19.62 17.20
C ARG B 294 29.59 20.22 16.16
N ASP B 295 29.80 19.52 15.05
CA ASP B 295 30.71 19.97 14.00
C ASP B 295 30.25 21.28 13.39
N ALA B 296 28.94 21.53 13.40
CA ALA B 296 28.41 22.81 12.92
C ALA B 296 28.76 23.96 13.85
N GLY B 297 29.32 23.69 15.02
CA GLY B 297 29.81 24.72 15.91
C GLY B 297 28.98 24.98 17.14
N LEU B 298 28.02 24.11 17.47
CA LEU B 298 27.30 24.19 18.73
C LEU B 298 28.06 23.44 19.80
N GLU B 299 28.24 24.07 20.96
CA GLU B 299 28.85 23.42 22.12
C GLU B 299 27.75 22.79 22.95
N LEU B 300 27.70 21.46 22.98
CA LEU B 300 26.61 20.71 23.58
C LEU B 300 27.12 19.80 24.69
N PRO B 301 26.24 19.41 25.62
CA PRO B 301 26.64 18.44 26.64
C PRO B 301 27.03 17.10 26.03
N GLU B 302 27.64 16.26 26.88
CA GLU B 302 28.14 14.97 26.44
C GLU B 302 27.01 14.07 25.94
N ARG B 303 25.93 13.99 26.71
CA ARG B 303 24.72 13.29 26.29
C ARG B 303 23.62 14.32 26.06
N PRO B 304 23.60 14.95 24.89
CA PRO B 304 22.71 16.09 24.68
C PRO B 304 21.25 15.68 24.51
N HIS B 305 20.38 16.65 24.76
CA HIS B 305 18.95 16.50 24.62
C HIS B 305 18.42 17.66 23.79
N SER B 306 17.27 17.45 23.14
CA SER B 306 16.71 18.48 22.27
C SER B 306 16.54 19.81 22.98
N SER B 307 16.23 19.79 24.28
CA SER B 307 16.09 21.02 25.04
C SER B 307 17.39 21.80 25.15
N ASP B 308 18.54 21.18 24.89
CA ASP B 308 19.81 21.91 24.90
C ASP B 308 20.00 22.80 23.68
N LEU B 309 19.19 22.63 22.63
CA LEU B 309 19.43 23.36 21.39
C LEU B 309 19.04 24.82 21.51
N ASP B 310 18.01 25.13 22.29
CA ASP B 310 17.55 26.49 22.55
C ASP B 310 17.42 27.30 21.26
N GLY B 311 16.60 26.79 20.34
CA GLY B 311 16.30 27.51 19.13
C GLY B 311 17.41 27.63 18.12
N GLN B 312 18.60 27.11 18.41
CA GLN B 312 19.77 27.37 17.57
C GLN B 312 19.94 26.38 16.43
N LEU B 313 19.13 25.32 16.36
CA LEU B 313 19.20 24.39 15.25
C LEU B 313 18.19 24.79 14.18
N VAL B 314 18.70 25.17 13.01
CA VAL B 314 17.82 25.52 11.90
C VAL B 314 17.18 24.26 11.33
N ASN B 315 17.99 23.29 10.95
CA ASN B 315 17.51 22.04 10.38
C ASN B 315 18.67 21.06 10.30
N VAL B 316 18.34 19.79 10.11
CA VAL B 316 19.32 18.77 9.78
C VAL B 316 18.92 18.14 8.46
N PHE B 317 19.92 17.64 7.74
CA PHE B 317 19.73 17.05 6.42
C PHE B 317 20.49 15.72 6.39
N LEU B 318 19.79 14.62 6.15
CA LEU B 318 20.42 13.32 6.28
C LEU B 318 19.80 12.31 5.32
N LYS B 319 20.57 11.24 5.09
CA LYS B 319 20.14 10.09 4.29
C LYS B 319 19.99 8.85 5.17
N CYS B 320 19.16 7.92 4.69
CA CYS B 320 18.95 6.65 5.37
C CYS B 320 18.55 5.59 4.35
N GLU B 321 18.68 4.32 4.75
CA GLU B 321 18.39 3.21 3.87
C GLU B 321 18.37 1.92 4.68
N ALA B 322 17.69 0.91 4.14
CA ALA B 322 17.70 -0.43 4.73
C ALA B 322 18.93 -1.21 4.27
N SER B 323 19.65 -1.79 5.22
CA SER B 323 20.90 -2.47 4.91
C SER B 323 20.65 -3.76 4.12
N GLN B 324 21.60 -4.11 3.26
CA GLN B 324 21.43 -5.28 2.38
C GLN B 324 21.32 -6.57 3.18
N ASP B 325 21.94 -6.64 4.35
CA ASP B 325 21.94 -7.86 5.15
C ASP B 325 20.68 -8.02 6.00
N GLY B 326 19.78 -7.03 5.97
CA GLY B 326 18.49 -7.15 6.61
C GLY B 326 18.49 -7.07 8.12
N THR B 327 19.52 -6.47 8.72
CA THR B 327 19.63 -6.39 10.17
C THR B 327 20.05 -4.99 10.58
N VAL B 328 19.63 -4.61 11.78
CA VAL B 328 20.13 -3.41 12.45
C VAL B 328 20.61 -3.83 13.83
N ARG B 329 21.91 -3.63 14.10
CA ARG B 329 22.52 -3.94 15.38
C ARG B 329 22.23 -5.40 15.79
N GLY B 330 22.41 -6.31 14.83
CA GLY B 330 22.24 -7.72 15.05
C GLY B 330 20.81 -8.23 15.00
N ARG B 331 19.82 -7.36 14.94
CA ARG B 331 18.42 -7.78 14.94
C ARG B 331 17.85 -7.75 13.54
N ARG B 332 17.30 -8.88 13.10
CA ARG B 332 16.65 -8.96 11.80
C ARG B 332 15.37 -8.14 11.76
N ASN B 333 15.14 -7.47 10.64
CA ASN B 333 13.84 -6.89 10.31
C ASN B 333 13.44 -7.37 8.91
N ALA B 334 12.17 -7.16 8.59
CA ALA B 334 11.59 -7.69 7.36
C ALA B 334 11.33 -6.60 6.31
N MET B 335 12.07 -5.49 6.38
CA MET B 335 11.85 -4.38 5.46
C MET B 335 12.02 -4.82 4.00
N LEU B 336 13.08 -5.55 3.69
CA LEU B 336 13.40 -5.85 2.29
C LEU B 336 12.41 -6.82 1.66
N ASP B 337 11.70 -7.61 2.46
CA ASP B 337 10.72 -8.57 1.94
C ASP B 337 9.30 -8.04 1.90
N ASP B 338 9.07 -6.80 2.31
CA ASP B 338 7.71 -6.28 2.49
C ASP B 338 7.19 -5.75 1.16
N SER B 339 6.31 -6.53 0.51
CA SER B 339 5.64 -6.10 -0.71
C SER B 339 4.46 -5.18 -0.46
N ASP B 340 4.03 -4.99 0.78
CA ASP B 340 2.89 -4.15 1.08
C ASP B 340 3.28 -2.67 1.19
N VAL B 341 4.24 -2.38 2.06
CA VAL B 341 4.78 -1.03 2.23
C VAL B 341 6.27 -1.11 1.94
N HIS B 342 6.71 -0.43 0.89
CA HIS B 342 8.11 -0.49 0.48
C HIS B 342 9.00 0.01 1.62
N TRP B 343 10.21 -0.56 1.70
CA TRP B 343 11.12 -0.20 2.77
C TRP B 343 11.54 1.26 2.71
N HIS B 344 11.43 1.90 1.53
CA HIS B 344 11.65 3.33 1.43
C HIS B 344 10.79 4.08 2.44
N ARG B 345 9.49 3.77 2.46
CA ARG B 345 8.57 4.47 3.35
C ARG B 345 8.73 4.02 4.80
N GLN B 346 9.05 2.75 5.02
CA GLN B 346 9.21 2.26 6.39
C GLN B 346 10.40 2.91 7.08
N ILE B 347 11.57 2.86 6.43
CA ILE B 347 12.77 3.38 7.09
C ILE B 347 12.74 4.90 7.18
N LYS B 348 12.08 5.57 6.22
CA LYS B 348 11.93 7.02 6.32
C LYS B 348 11.14 7.41 7.56
N SER B 349 9.99 6.76 7.78
CA SER B 349 9.22 7.03 8.99
C SER B 349 10.05 6.75 10.23
N CYS B 350 10.76 5.62 10.23
CA CYS B 350 11.57 5.25 11.39
C CYS B 350 12.65 6.28 11.69
N VAL B 351 13.42 6.66 10.66
CA VAL B 351 14.50 7.62 10.88
C VAL B 351 13.94 9.02 11.12
N GLY B 352 12.77 9.32 10.55
CA GLY B 352 12.09 10.57 10.90
C GLY B 352 11.87 10.71 12.39
N GLY B 353 11.39 9.65 13.03
CA GLY B 353 11.24 9.68 14.47
C GLY B 353 12.57 9.77 15.20
N VAL B 354 13.56 9.00 14.76
CA VAL B 354 14.89 9.05 15.37
C VAL B 354 15.46 10.46 15.28
N THR B 355 15.27 11.11 14.13
CA THR B 355 15.83 12.44 13.91
C THR B 355 15.05 13.51 14.65
N ALA B 356 13.73 13.52 14.52
CA ALA B 356 12.91 14.50 15.21
C ALA B 356 13.08 14.42 16.72
N ALA B 357 13.38 13.24 17.25
CA ALA B 357 13.63 13.12 18.68
C ALA B 357 14.91 13.82 19.08
N VAL B 358 15.89 13.89 18.18
CA VAL B 358 17.10 14.66 18.44
C VAL B 358 16.81 16.16 18.39
N THR B 359 16.21 16.62 17.29
CA THR B 359 16.01 18.06 17.11
C THR B 359 14.85 18.60 17.93
N GLY B 360 13.90 17.75 18.33
CA GLY B 360 12.70 18.25 18.97
C GLY B 360 11.73 18.91 18.02
N ASP B 361 12.01 18.86 16.72
CA ASP B 361 11.24 19.59 15.72
C ASP B 361 10.91 18.61 14.59
N PRO B 362 9.65 18.19 14.46
CA PRO B 362 9.30 17.24 13.39
C PRO B 362 9.63 17.74 11.99
N ALA B 363 9.83 19.04 11.79
CA ALA B 363 10.32 19.53 10.52
C ALA B 363 11.80 19.19 10.35
N VAL B 364 12.08 18.01 9.81
CA VAL B 364 13.44 17.54 9.56
C VAL B 364 13.54 17.09 8.12
N PHE B 365 14.69 17.34 7.50
CA PHE B 365 14.93 16.84 6.14
C PHE B 365 15.50 15.43 6.26
N VAL B 366 14.63 14.44 6.13
CA VAL B 366 15.03 13.04 6.14
C VAL B 366 14.71 12.47 4.77
N SER B 367 15.72 11.92 4.11
CA SER B 367 15.62 11.49 2.72
C SER B 367 16.07 10.03 2.64
N VAL B 368 15.39 9.26 1.82
CA VAL B 368 15.63 7.83 1.74
C VAL B 368 16.35 7.49 0.45
N SER B 369 16.92 6.27 0.42
CA SER B 369 17.67 5.72 -0.71
C SER B 369 19.07 6.31 -0.78
N ALA B 370 20.06 5.62 -0.18
CA ALA B 370 21.35 6.20 0.13
C ALA B 370 22.52 5.46 -0.52
N ALA B 371 22.32 4.91 -1.71
CA ALA B 371 23.41 4.25 -2.42
C ALA B 371 24.56 5.23 -2.66
N HIS B 372 25.77 4.81 -2.27
CA HIS B 372 26.99 5.62 -2.37
C HIS B 372 26.87 6.95 -1.64
N GLN B 373 25.98 7.02 -0.65
CA GLN B 373 25.80 8.19 0.20
C GLN B 373 26.02 7.72 1.63
N GLY B 374 27.24 7.89 2.13
CA GLY B 374 27.63 7.33 3.40
C GLY B 374 27.77 5.82 3.33
N PRO B 375 28.20 5.22 4.44
CA PRO B 375 28.40 3.76 4.47
C PRO B 375 27.09 3.01 4.36
N GLU B 376 27.20 1.76 3.90
CA GLU B 376 26.03 0.91 3.71
C GLU B 376 25.24 0.76 5.00
N GLY B 377 23.93 0.98 4.90
CA GLY B 377 23.04 0.93 6.04
C GLY B 377 22.87 2.25 6.76
N GLY B 378 23.69 3.24 6.42
CA GLY B 378 23.56 4.58 7.00
C GLY B 378 23.56 5.66 5.95
N GLY B 379 23.98 6.86 6.34
CA GLY B 379 24.07 7.97 5.41
C GLY B 379 24.69 9.20 6.04
N PRO B 380 24.96 10.21 5.23
CA PRO B 380 25.49 11.46 5.78
C PRO B 380 24.40 12.20 6.57
N VAL B 381 24.85 13.10 7.43
CA VAL B 381 23.94 13.98 8.16
C VAL B 381 24.62 15.34 8.29
N ALA B 382 23.96 16.38 7.81
CA ALA B 382 24.45 17.74 7.89
C ALA B 382 23.54 18.55 8.81
N ALA B 383 24.13 19.53 9.49
CA ALA B 383 23.40 20.37 10.44
C ALA B 383 23.76 21.82 10.22
N ILE B 384 22.73 22.68 10.20
CA ILE B 384 22.90 24.11 10.10
C ILE B 384 22.44 24.72 11.42
N VAL B 385 23.29 25.54 12.02
CA VAL B 385 23.02 26.11 13.34
C VAL B 385 23.10 27.63 13.26
N ASP B 386 22.31 28.28 14.11
CA ASP B 386 22.33 29.74 14.24
C ASP B 386 23.31 30.12 15.34
N LEU B 387 24.45 30.70 14.96
CA LEU B 387 25.47 31.11 15.92
C LEU B 387 25.45 32.60 16.23
N GLY B 388 24.95 33.43 15.33
CA GLY B 388 24.96 34.86 15.55
C GLY B 388 26.19 35.53 14.94
N PRO C 22 -32.81 25.05 -23.50
CA PRO C 22 -31.80 24.01 -23.66
C PRO C 22 -31.02 24.14 -24.97
N GLU C 23 -29.77 23.69 -24.91
CA GLU C 23 -28.80 23.89 -25.98
C GLU C 23 -28.30 22.55 -26.48
N ALA C 24 -27.95 22.49 -27.76
CA ALA C 24 -27.29 21.29 -28.27
C ALA C 24 -25.91 21.15 -27.66
N ILE C 25 -25.48 19.92 -27.43
CA ILE C 25 -24.24 19.63 -26.73
C ILE C 25 -23.28 18.90 -27.67
N GLU C 26 -22.02 19.31 -27.62
CA GLU C 26 -20.92 18.57 -28.24
C GLU C 26 -20.13 17.89 -27.14
N VAL C 27 -19.88 16.60 -27.30
CA VAL C 27 -19.19 15.79 -26.29
C VAL C 27 -17.95 15.19 -26.91
N ARG C 28 -16.80 15.43 -26.26
CA ARG C 28 -15.53 14.88 -26.69
C ARG C 28 -14.80 14.28 -25.51
N LYS C 29 -14.27 13.07 -25.71
CA LYS C 29 -13.41 12.41 -24.73
C LYS C 29 -11.98 12.50 -25.23
N VAL C 30 -11.10 13.09 -24.42
CA VAL C 30 -9.72 13.30 -24.83
C VAL C 30 -8.80 12.63 -23.81
N PRO C 31 -7.65 12.12 -24.24
CA PRO C 31 -6.70 11.55 -23.28
C PRO C 31 -5.89 12.62 -22.57
N LEU C 32 -5.45 12.28 -21.36
CA LEU C 32 -4.45 13.06 -20.64
C LEU C 32 -3.10 12.37 -20.79
N HIS C 33 -2.15 13.04 -21.44
CA HIS C 33 -0.84 12.46 -21.66
C HIS C 33 0.07 12.60 -20.44
N SER C 34 -0.31 13.40 -19.46
CA SER C 34 0.41 13.56 -18.21
C SER C 34 -0.53 14.19 -17.20
N VAL C 35 -0.09 14.24 -15.95
CA VAL C 35 -0.96 14.74 -14.88
C VAL C 35 -1.40 16.18 -15.15
N SER C 36 -0.56 16.97 -15.82
CA SER C 36 -0.82 18.39 -16.01
C SER C 36 -1.15 18.74 -17.45
N ASP C 37 -1.56 17.76 -18.27
CA ASP C 37 -1.73 17.97 -19.70
C ASP C 37 -3.18 18.27 -20.03
N ALA C 38 -3.43 19.41 -20.68
CA ALA C 38 -4.73 19.73 -21.27
C ALA C 38 -4.61 20.04 -22.75
N SER C 39 -3.53 19.57 -23.39
CA SER C 39 -3.26 19.93 -24.78
C SER C 39 -4.34 19.44 -25.73
N GLU C 40 -4.94 18.28 -25.44
CA GLU C 40 -5.99 17.77 -26.32
C GLU C 40 -7.23 18.64 -26.29
N LEU C 41 -7.51 19.29 -25.15
CA LEU C 41 -8.58 20.29 -25.13
C LEU C 41 -8.19 21.53 -25.92
N ALA C 42 -6.94 21.98 -25.77
CA ALA C 42 -6.45 23.11 -26.56
C ALA C 42 -6.54 22.84 -28.05
N LYS C 43 -6.25 21.60 -28.46
CA LYS C 43 -6.32 21.24 -29.89
C LYS C 43 -7.75 21.24 -30.40
N LEU C 44 -8.70 20.76 -29.60
CA LEU C 44 -10.09 20.79 -30.00
C LEU C 44 -10.54 22.22 -30.24
N ILE C 45 -10.07 23.15 -29.41
CA ILE C 45 -10.42 24.56 -29.59
C ILE C 45 -9.80 25.11 -30.86
N ASP C 46 -8.52 24.80 -31.09
CA ASP C 46 -7.84 25.30 -32.28
C ASP C 46 -8.45 24.74 -33.56
N ASP C 47 -8.78 23.45 -33.56
CA ASP C 47 -9.39 22.84 -34.73
C ASP C 47 -10.86 23.21 -34.91
N GLY C 48 -11.40 24.07 -34.05
CA GLY C 48 -12.79 24.48 -34.18
C GLY C 48 -13.80 23.41 -33.88
N VAL C 49 -13.41 22.33 -33.21
CA VAL C 49 -14.37 21.31 -32.82
C VAL C 49 -15.33 21.85 -31.77
N LEU C 50 -14.84 22.70 -30.87
CA LEU C 50 -15.70 23.35 -29.91
C LEU C 50 -15.04 24.65 -29.49
N GLU C 51 -15.81 25.51 -28.84
CA GLU C 51 -15.33 26.83 -28.45
C GLU C 51 -15.07 26.88 -26.96
N ALA C 52 -13.96 27.52 -26.59
CA ALA C 52 -13.57 27.66 -25.19
C ALA C 52 -14.73 28.15 -24.33
N ASP C 53 -15.40 29.22 -24.75
CA ASP C 53 -16.44 29.81 -23.92
C ASP C 53 -17.69 28.94 -23.82
N ARG C 54 -17.86 27.97 -24.70
CA ARG C 54 -19.02 27.09 -24.66
C ARG C 54 -18.80 25.81 -23.85
N VAL C 55 -17.60 25.57 -23.33
CA VAL C 55 -17.40 24.42 -22.46
C VAL C 55 -18.11 24.69 -21.14
N ILE C 56 -19.06 23.83 -20.79
CA ILE C 56 -19.91 24.05 -19.62
C ILE C 56 -19.69 23.01 -18.53
N ALA C 57 -18.99 21.91 -18.80
CA ALA C 57 -18.68 20.92 -17.80
C ALA C 57 -17.58 20.01 -18.31
N VAL C 58 -16.76 19.52 -17.39
CA VAL C 58 -15.74 18.51 -17.68
C VAL C 58 -15.84 17.41 -16.63
N ILE C 59 -15.78 16.15 -17.10
CA ILE C 59 -15.82 14.98 -16.23
C ILE C 59 -14.70 14.05 -16.67
N GLY C 60 -13.80 13.72 -15.75
CA GLY C 60 -12.60 12.99 -16.13
C GLY C 60 -12.08 12.06 -15.06
N LYS C 61 -11.05 11.31 -15.45
CA LYS C 61 -10.34 10.38 -14.58
C LYS C 61 -8.88 10.81 -14.49
N THR C 62 -8.37 10.95 -13.27
CA THR C 62 -6.98 11.31 -13.04
C THR C 62 -6.24 10.17 -12.36
N GLU C 63 -4.93 10.13 -12.56
CA GLU C 63 -4.09 9.01 -12.20
C GLU C 63 -3.56 9.08 -10.77
N GLY C 64 -4.21 9.84 -9.89
CA GLY C 64 -3.87 9.81 -8.48
C GLY C 64 -4.33 8.54 -7.81
N ASN C 65 -4.19 8.52 -6.49
CA ASN C 65 -4.54 7.33 -5.72
C ASN C 65 -6.04 7.18 -5.51
N GLY C 66 -6.82 8.23 -5.76
CA GLY C 66 -8.26 8.14 -5.62
C GLY C 66 -8.80 8.31 -4.22
N GLY C 67 -7.94 8.54 -3.23
CA GLY C 67 -8.37 8.73 -1.86
C GLY C 67 -8.32 10.19 -1.43
N VAL C 68 -7.94 10.41 -0.17
CA VAL C 68 -7.95 11.75 0.40
C VAL C 68 -6.78 12.57 -0.13
N ASN C 69 -5.57 12.04 0.00
CA ASN C 69 -4.37 12.74 -0.46
C ASN C 69 -4.12 12.47 -1.94
N ASP C 70 -5.11 12.83 -2.76
CA ASP C 70 -5.00 12.73 -4.21
C ASP C 70 -4.97 14.15 -4.74
N TYR C 71 -3.79 14.59 -5.18
CA TYR C 71 -3.60 15.95 -5.66
C TYR C 71 -3.45 16.03 -7.17
N THR C 72 -3.61 14.91 -7.87
CA THR C 72 -3.70 14.96 -9.33
C THR C 72 -5.03 15.56 -9.78
N ARG C 73 -6.01 15.64 -8.88
CA ARG C 73 -7.28 16.23 -9.22
C ARG C 73 -7.16 17.74 -9.40
N ILE C 74 -6.48 18.42 -8.46
CA ILE C 74 -6.32 19.86 -8.59
C ILE C 74 -5.31 20.22 -9.68
N ILE C 75 -4.33 19.35 -9.93
CA ILE C 75 -3.37 19.62 -11.00
C ILE C 75 -4.08 19.66 -12.35
N ALA C 76 -4.88 18.62 -12.63
CA ALA C 76 -5.66 18.60 -13.85
C ALA C 76 -6.70 19.71 -13.87
N ASP C 77 -7.31 20.00 -12.71
CA ASP C 77 -8.30 21.07 -12.62
C ASP C 77 -7.75 22.40 -13.08
N ARG C 78 -6.54 22.73 -12.65
CA ARG C 78 -5.97 24.03 -12.98
C ARG C 78 -5.46 24.06 -14.42
N ALA C 79 -4.86 22.96 -14.87
CA ALA C 79 -4.36 22.90 -16.25
C ALA C 79 -5.49 23.10 -17.24
N PHE C 80 -6.68 22.57 -16.94
CA PHE C 80 -7.82 22.73 -17.83
C PHE C 80 -8.41 24.12 -17.73
N ARG C 81 -8.56 24.64 -16.51
CA ARG C 81 -9.09 25.99 -16.34
C ARG C 81 -8.20 27.05 -16.98
N GLU C 82 -6.90 26.78 -17.07
CA GLU C 82 -6.00 27.73 -17.72
C GLU C 82 -6.17 27.74 -19.24
N VAL C 83 -6.41 26.58 -19.84
CA VAL C 83 -6.74 26.55 -21.27
C VAL C 83 -8.03 27.32 -21.52
N LEU C 84 -9.04 27.08 -20.67
CA LEU C 84 -10.32 27.78 -20.84
C LEU C 84 -10.16 29.28 -20.66
N SER C 85 -9.36 29.70 -19.68
CA SER C 85 -9.15 31.14 -19.48
C SER C 85 -8.28 31.74 -20.58
N ALA C 86 -7.24 31.02 -21.00
CA ALA C 86 -6.32 31.57 -22.01
C ALA C 86 -6.99 31.71 -23.37
N LYS C 87 -7.74 30.68 -23.80
CA LYS C 87 -8.25 30.61 -25.16
C LYS C 87 -9.65 31.16 -25.31
N GLY C 88 -10.30 31.58 -24.23
CA GLY C 88 -11.63 32.14 -24.29
C GLY C 88 -11.64 33.56 -23.73
N ASN C 89 -12.77 34.24 -23.95
CA ASN C 89 -12.97 35.59 -23.44
C ASN C 89 -13.49 35.61 -22.01
N ARG C 90 -13.84 34.44 -21.46
CA ARG C 90 -14.34 34.35 -20.09
C ARG C 90 -13.27 34.75 -19.09
N SER C 91 -13.69 35.39 -18.01
CA SER C 91 -12.77 35.76 -16.97
C SER C 91 -12.41 34.54 -16.13
N PRO C 92 -11.23 34.53 -15.54
CA PRO C 92 -10.83 33.38 -14.70
C PRO C 92 -11.82 33.04 -13.57
N GLU C 93 -12.59 34.00 -13.05
CA GLU C 93 -13.61 33.64 -12.06
C GLU C 93 -14.89 33.15 -12.71
N GLU C 94 -15.14 33.51 -13.97
CA GLU C 94 -16.19 32.82 -14.72
C GLU C 94 -15.80 31.36 -14.92
N VAL C 95 -14.56 31.13 -15.38
CA VAL C 95 -14.07 29.77 -15.60
C VAL C 95 -14.14 28.95 -14.31
N ALA C 96 -13.77 29.57 -13.17
CA ALA C 96 -13.77 28.87 -11.89
C ALA C 96 -15.12 28.29 -11.52
N GLU C 97 -16.21 28.74 -12.15
CA GLU C 97 -17.53 28.20 -11.86
C GLU C 97 -17.98 27.12 -12.83
N VAL C 98 -17.19 26.82 -13.85
CA VAL C 98 -17.45 25.64 -14.69
C VAL C 98 -17.23 24.42 -13.83
N PRO C 99 -18.24 23.58 -13.62
CA PRO C 99 -18.04 22.37 -12.80
C PRO C 99 -17.14 21.39 -13.51
N ILE C 100 -16.00 21.10 -12.89
CA ILE C 100 -15.04 20.13 -13.41
C ILE C 100 -14.88 19.06 -12.34
N VAL C 101 -15.26 17.83 -12.68
CA VAL C 101 -15.27 16.72 -11.74
C VAL C 101 -14.15 15.76 -12.13
N TRP C 102 -13.19 15.58 -11.23
CA TRP C 102 -12.08 14.65 -11.43
C TRP C 102 -12.24 13.49 -10.47
N SER C 103 -12.45 12.30 -11.01
CA SER C 103 -12.48 11.08 -10.22
C SER C 103 -11.08 10.48 -10.22
N GLY C 104 -10.37 10.63 -9.10
CA GLY C 104 -9.04 10.09 -9.01
C GLY C 104 -9.02 8.58 -9.00
N GLY C 105 -7.85 8.01 -9.27
CA GLY C 105 -7.67 6.57 -9.26
C GLY C 105 -7.98 5.91 -10.58
N THR C 106 -6.94 5.45 -11.28
CA THR C 106 -7.10 4.79 -12.57
C THR C 106 -6.46 3.42 -12.52
N ASP C 107 -6.76 2.67 -11.46
CA ASP C 107 -6.12 1.39 -11.22
C ASP C 107 -6.30 0.45 -12.42
N GLY C 108 -5.23 -0.25 -12.76
CA GLY C 108 -5.30 -1.23 -13.84
C GLY C 108 -5.12 -0.56 -15.17
N VAL C 109 -5.98 -0.92 -16.13
CA VAL C 109 -5.88 -0.39 -17.49
C VAL C 109 -6.53 0.97 -17.66
N ILE C 110 -7.27 1.47 -16.65
CA ILE C 110 -8.05 2.69 -16.82
C ILE C 110 -7.13 3.81 -17.28
N SER C 111 -7.55 4.50 -18.34
CA SER C 111 -6.71 5.52 -18.98
C SER C 111 -7.16 6.89 -18.53
N PRO C 112 -6.26 7.72 -18.00
CA PRO C 112 -6.63 9.10 -17.65
C PRO C 112 -7.18 9.83 -18.88
N HIS C 113 -8.31 10.50 -18.68
CA HIS C 113 -9.02 11.15 -19.78
C HIS C 113 -9.94 12.21 -19.22
N ALA C 114 -10.46 13.04 -20.11
CA ALA C 114 -11.44 14.05 -19.76
C ALA C 114 -12.56 14.04 -20.80
N THR C 115 -13.80 14.01 -20.32
CA THR C 115 -14.96 14.16 -21.19
C THR C 115 -15.42 15.61 -21.12
N ILE C 116 -15.38 16.29 -22.26
CA ILE C 116 -15.67 17.72 -22.33
C ILE C 116 -17.07 17.92 -22.88
N PHE C 117 -17.86 18.71 -22.18
CA PHE C 117 -19.22 19.04 -22.59
C PHE C 117 -19.27 20.52 -22.98
N ALA C 118 -19.63 20.79 -24.23
CA ALA C 118 -19.71 22.16 -24.73
C ALA C 118 -21.04 22.36 -25.44
N THR C 119 -21.55 23.58 -25.40
CA THR C 119 -22.75 23.89 -26.14
C THR C 119 -22.41 24.21 -27.60
N VAL C 120 -23.35 23.86 -28.49
CA VAL C 120 -23.24 24.11 -29.92
C VAL C 120 -24.25 25.19 -30.28
N PRO C 121 -23.90 26.16 -31.12
CA PRO C 121 -24.92 27.11 -31.58
C PRO C 121 -26.00 26.39 -32.36
N ALA C 122 -27.25 26.79 -32.13
CA ALA C 122 -28.38 26.17 -32.83
C ALA C 122 -28.14 26.09 -34.33
N ASP C 123 -27.39 27.05 -34.89
CA ASP C 123 -27.16 27.13 -36.33
C ASP C 123 -26.36 25.95 -36.87
N LYS C 124 -25.95 25.01 -36.00
CA LYS C 124 -25.03 23.97 -36.42
C LYS C 124 -25.54 22.56 -36.22
N VAL C 125 -26.69 22.37 -35.56
CA VAL C 125 -27.22 21.06 -35.25
C VAL C 125 -28.54 20.85 -36.00
N THR C 126 -28.83 19.60 -36.32
CA THR C 126 -30.11 19.23 -36.92
C THR C 126 -31.09 18.92 -35.79
N LYS C 127 -32.10 19.79 -35.65
CA LYS C 127 -33.06 19.70 -34.54
C LYS C 127 -34.14 18.66 -34.83
N THR C 128 -33.70 17.41 -34.92
CA THR C 128 -34.65 16.30 -34.87
C THR C 128 -35.42 16.34 -33.56
N ASP C 129 -36.63 15.80 -33.57
CA ASP C 129 -37.39 15.73 -32.33
C ASP C 129 -37.06 14.44 -31.59
N GLU C 130 -36.20 13.60 -32.16
CA GLU C 130 -35.62 12.48 -31.42
C GLU C 130 -34.86 13.02 -30.20
N PRO C 131 -34.82 12.25 -29.12
CA PRO C 131 -34.13 12.74 -27.91
C PRO C 131 -32.63 12.87 -28.17
N ARG C 132 -32.09 14.01 -27.80
CA ARG C 132 -30.66 14.30 -27.96
C ARG C 132 -30.13 14.89 -26.66
N LEU C 133 -28.82 14.92 -26.55
CA LEU C 133 -28.17 15.21 -25.28
C LEU C 133 -28.39 16.65 -24.83
N THR C 134 -28.69 16.81 -23.55
CA THR C 134 -28.74 18.11 -22.90
C THR C 134 -28.03 18.02 -21.55
N VAL C 135 -27.42 19.12 -21.14
CA VAL C 135 -26.58 19.17 -19.95
C VAL C 135 -27.00 20.37 -19.10
N GLY C 136 -27.11 20.14 -17.79
CA GLY C 136 -27.35 21.23 -16.86
C GLY C 136 -26.32 21.23 -15.75
N VAL C 137 -26.03 22.43 -15.25
CA VAL C 137 -24.97 22.63 -14.27
C VAL C 137 -25.49 23.47 -13.11
N ALA C 138 -24.92 23.24 -11.93
CA ALA C 138 -25.22 24.06 -10.77
C ALA C 138 -24.12 23.85 -9.73
N MET C 139 -24.02 24.82 -8.82
CA MET C 139 -23.17 24.71 -7.64
C MET C 139 -24.05 24.87 -6.41
N SER C 140 -23.90 23.98 -5.45
CA SER C 140 -24.67 24.07 -4.23
C SER C 140 -24.15 25.23 -3.38
N GLU C 141 -24.86 25.52 -2.30
CA GLU C 141 -24.26 26.35 -1.27
C GLU C 141 -22.99 25.66 -0.78
N GLN C 142 -22.17 26.40 -0.02
CA GLN C 142 -21.02 25.79 0.61
C GLN C 142 -21.47 24.68 1.55
N LEU C 143 -20.76 23.56 1.49
CA LEU C 143 -20.99 22.43 2.39
C LEU C 143 -19.89 22.42 3.44
N LEU C 144 -20.26 22.66 4.69
CA LEU C 144 -19.29 22.68 5.77
C LEU C 144 -19.06 21.27 6.31
N PRO C 145 -17.90 21.02 6.93
CA PRO C 145 -17.60 19.66 7.42
C PRO C 145 -18.67 19.04 8.29
N GLU C 146 -19.43 19.84 9.04
CA GLU C 146 -20.52 19.29 9.86
C GLU C 146 -21.75 18.93 9.03
N ASP C 147 -21.86 19.45 7.81
CA ASP C 147 -22.98 19.10 6.94
C ASP C 147 -22.81 17.70 6.34
N ILE C 148 -21.57 17.25 6.18
CA ILE C 148 -21.27 16.07 5.37
C ILE C 148 -21.97 14.85 5.95
N GLY C 149 -22.82 14.22 5.15
CA GLY C 149 -23.49 13.00 5.54
C GLY C 149 -24.77 13.16 6.32
N ARG C 150 -25.27 14.38 6.49
CA ARG C 150 -26.49 14.63 7.24
C ARG C 150 -27.49 15.38 6.37
N THR C 151 -28.69 15.57 6.94
CA THR C 151 -29.80 16.13 6.17
C THR C 151 -29.45 17.49 5.58
N ALA C 152 -28.53 18.23 6.22
CA ALA C 152 -28.14 19.50 5.65
C ALA C 152 -27.51 19.29 4.28
N MET C 153 -26.59 18.35 4.16
CA MET C 153 -26.02 18.04 2.85
C MET C 153 -27.10 17.61 1.85
N ILE C 154 -28.04 16.76 2.29
CA ILE C 154 -29.07 16.22 1.41
C ILE C 154 -29.92 17.34 0.82
N THR C 155 -30.36 18.28 1.66
CA THR C 155 -31.26 19.34 1.21
C THR C 155 -30.55 20.33 0.29
N LYS C 156 -29.28 20.65 0.60
CA LYS C 156 -28.48 21.58 -0.20
C LYS C 156 -28.25 21.02 -1.60
N VAL C 157 -27.90 19.73 -1.65
CA VAL C 157 -27.64 19.05 -2.91
C VAL C 157 -28.92 18.94 -3.72
N ALA C 158 -30.02 18.59 -3.06
CA ALA C 158 -31.31 18.48 -3.74
C ALA C 158 -31.66 19.78 -4.45
N ALA C 159 -31.46 20.91 -3.76
CA ALA C 159 -31.74 22.21 -4.37
C ALA C 159 -30.85 22.45 -5.59
N ALA C 160 -29.55 22.14 -5.47
CA ALA C 160 -28.64 22.33 -6.60
C ALA C 160 -28.98 21.41 -7.75
N VAL C 161 -29.39 20.17 -7.45
CA VAL C 161 -29.77 19.23 -8.50
C VAL C 161 -31.01 19.74 -9.23
N LYS C 162 -32.00 20.22 -8.49
CA LYS C 162 -33.18 20.80 -9.13
C LYS C 162 -32.82 21.99 -10.02
N ASP C 163 -31.93 22.86 -9.55
CA ASP C 163 -31.49 23.98 -10.38
C ASP C 163 -30.76 23.51 -11.62
N ALA C 164 -29.80 22.59 -11.46
CA ALA C 164 -29.08 22.04 -12.60
C ALA C 164 -30.03 21.35 -13.57
N MET C 165 -31.09 20.73 -13.05
CA MET C 165 -32.08 20.09 -13.91
C MET C 165 -32.81 21.12 -14.77
N ALA C 166 -33.23 22.23 -14.15
CA ALA C 166 -33.84 23.32 -14.91
C ALA C 166 -32.85 23.91 -15.90
N ASP C 167 -31.59 24.05 -15.51
CA ASP C 167 -30.57 24.58 -16.41
C ASP C 167 -30.41 23.73 -17.66
N ALA C 168 -30.67 22.41 -17.55
CA ALA C 168 -30.66 21.53 -18.70
C ALA C 168 -31.95 21.60 -19.51
N GLY C 169 -32.93 22.37 -19.06
CA GLY C 169 -34.22 22.41 -19.73
C GLY C 169 -34.99 21.11 -19.61
N ILE C 170 -34.89 20.46 -18.46
CA ILE C 170 -35.59 19.20 -18.20
C ILE C 170 -36.60 19.43 -17.10
N THR C 171 -37.84 19.00 -17.34
CA THR C 171 -38.91 19.06 -16.35
C THR C 171 -39.28 17.70 -15.78
N ASP C 172 -39.16 16.64 -16.58
CA ASP C 172 -39.51 15.30 -16.15
C ASP C 172 -38.27 14.60 -15.60
N PRO C 173 -38.25 14.19 -14.33
CA PRO C 173 -37.07 13.48 -13.80
C PRO C 173 -36.71 12.24 -14.58
N ALA C 174 -37.69 11.57 -15.22
CA ALA C 174 -37.40 10.38 -16.00
C ALA C 174 -36.47 10.66 -17.16
N ASP C 175 -36.35 11.92 -17.59
CA ASP C 175 -35.42 12.28 -18.65
C ASP C 175 -33.99 12.47 -18.17
N VAL C 176 -33.75 12.41 -16.86
CA VAL C 176 -32.41 12.50 -16.31
C VAL C 176 -31.82 11.10 -16.27
N HIS C 177 -30.67 10.91 -16.92
CA HIS C 177 -30.00 9.62 -16.99
C HIS C 177 -28.72 9.53 -16.19
N TYR C 178 -28.14 10.67 -15.79
CA TYR C 178 -26.81 10.68 -15.21
C TYR C 178 -26.62 11.98 -14.45
N VAL C 179 -26.34 11.88 -13.15
CA VAL C 179 -26.08 13.04 -12.31
C VAL C 179 -24.70 12.83 -11.70
N GLN C 180 -23.74 13.65 -12.11
CA GLN C 180 -22.37 13.54 -11.64
C GLN C 180 -22.09 14.69 -10.69
N THR C 181 -21.55 14.38 -9.52
CA THR C 181 -21.31 15.38 -8.49
C THR C 181 -19.88 15.29 -7.99
N LYS C 182 -19.41 16.39 -7.41
CA LYS C 182 -18.12 16.43 -6.75
C LYS C 182 -18.32 17.22 -5.47
N THR C 183 -18.18 16.57 -4.33
CA THR C 183 -18.49 17.15 -3.04
C THR C 183 -17.26 17.11 -2.13
N PRO C 184 -17.19 17.99 -1.13
CA PRO C 184 -16.06 17.92 -0.18
C PRO C 184 -16.13 16.65 0.66
N LEU C 185 -14.97 16.06 0.90
CA LEU C 185 -14.83 15.06 1.94
C LEU C 185 -14.19 15.69 3.19
N LEU C 186 -13.98 14.86 4.21
CA LEU C 186 -13.41 15.32 5.47
C LEU C 186 -11.90 15.08 5.51
N THR C 187 -11.16 16.11 5.91
CA THR C 187 -9.72 16.04 6.14
C THR C 187 -9.44 16.47 7.57
N ILE C 188 -8.18 16.33 7.99
CA ILE C 188 -7.79 16.84 9.31
C ILE C 188 -8.11 18.32 9.42
N HIS C 189 -7.82 19.06 8.35
CA HIS C 189 -7.99 20.51 8.35
C HIS C 189 -9.45 20.89 8.57
N THR C 190 -10.36 20.31 7.78
CA THR C 190 -11.77 20.63 7.92
C THR C 190 -12.35 20.07 9.21
N ILE C 191 -11.91 18.88 9.63
CA ILE C 191 -12.31 18.37 10.94
C ILE C 191 -11.85 19.31 12.04
N ARG C 192 -10.59 19.74 11.99
CA ARG C 192 -10.12 20.78 12.90
C ARG C 192 -10.96 22.04 12.77
N ASP C 193 -11.32 22.41 11.55
CA ASP C 193 -12.17 23.58 11.34
C ASP C 193 -13.55 23.35 11.96
N ALA C 194 -14.12 22.15 11.75
CA ALA C 194 -15.40 21.79 12.38
C ALA C 194 -15.35 22.00 13.89
N LYS C 195 -14.31 21.47 14.55
CA LYS C 195 -14.20 21.60 15.99
C LYS C 195 -13.90 23.02 16.43
N SER C 196 -13.29 23.84 15.56
CA SER C 196 -13.00 25.23 15.88
C SER C 196 -14.27 26.07 16.04
N ARG C 197 -15.44 25.52 15.75
CA ARG C 197 -16.70 26.16 16.05
C ARG C 197 -17.53 25.36 17.05
N GLY C 198 -16.93 24.37 17.72
CA GLY C 198 -17.70 23.52 18.59
C GLY C 198 -18.70 22.66 17.84
N LYS C 199 -18.43 22.36 16.58
CA LYS C 199 -19.30 21.55 15.74
C LYS C 199 -18.79 20.11 15.70
N THR C 200 -19.68 19.21 15.32
CA THR C 200 -19.38 17.79 15.27
C THR C 200 -19.27 17.32 13.81
N VAL C 201 -18.64 16.17 13.63
CA VAL C 201 -18.53 15.53 12.33
C VAL C 201 -19.05 14.11 12.43
N TRP C 202 -19.69 13.65 11.35
CA TRP C 202 -20.21 12.29 11.30
C TRP C 202 -19.13 11.26 11.57
N THR C 203 -17.93 11.49 11.05
CA THR C 203 -16.79 10.63 11.31
C THR C 203 -15.51 11.44 11.16
N GLU C 204 -14.44 10.91 11.75
CA GLU C 204 -13.14 11.53 11.65
C GLU C 204 -12.13 10.67 10.91
N GLN C 205 -12.57 9.52 10.39
CA GLN C 205 -11.75 8.70 9.51
C GLN C 205 -11.86 9.31 8.12
N THR C 206 -10.82 9.98 7.67
CA THR C 206 -10.89 10.72 6.41
C THR C 206 -11.26 9.82 5.24
N HIS C 207 -10.65 8.62 5.17
CA HIS C 207 -10.91 7.73 4.04
C HIS C 207 -12.37 7.34 3.95
N GLU C 208 -13.03 7.09 5.08
CA GLU C 208 -14.42 6.65 5.02
C GLU C 208 -15.39 7.82 4.80
N SER C 209 -14.94 9.04 5.10
CA SER C 209 -15.76 10.21 4.80
C SER C 209 -15.97 10.38 3.30
N MET C 210 -15.10 9.78 2.49
CA MET C 210 -15.31 9.75 1.05
C MET C 210 -16.60 8.99 0.72
N ASP C 211 -16.79 7.82 1.37
CA ASP C 211 -18.04 7.09 1.18
C ASP C 211 -19.22 7.86 1.73
N LEU C 212 -19.02 8.56 2.85
CA LEU C 212 -20.09 9.33 3.47
C LEU C 212 -20.52 10.49 2.57
N SER C 213 -19.56 11.22 2.01
CA SER C 213 -19.88 12.37 1.18
C SER C 213 -20.64 11.95 -0.07
N ASN C 214 -20.18 10.88 -0.72
CA ASN C 214 -20.89 10.35 -1.88
C ASN C 214 -22.30 9.89 -1.51
N GLY C 215 -22.44 9.22 -0.36
CA GLY C 215 -23.74 8.71 0.04
C GLY C 215 -24.75 9.81 0.30
N GLY C 216 -24.37 10.78 1.13
CA GLY C 216 -25.28 11.90 1.41
C GLY C 216 -25.65 12.67 0.16
N THR C 217 -24.70 12.84 -0.76
CA THR C 217 -24.98 13.53 -2.02
C THR C 217 -25.94 12.73 -2.88
N ALA C 218 -25.77 11.41 -2.91
CA ALA C 218 -26.65 10.54 -3.69
C ALA C 218 -28.09 10.64 -3.20
N LEU C 219 -28.28 10.60 -1.88
CA LEU C 219 -29.62 10.76 -1.33
C LEU C 219 -30.22 12.09 -1.72
N GLY C 220 -29.41 13.16 -1.67
CA GLY C 220 -29.84 14.44 -2.20
C GLY C 220 -30.36 14.35 -3.63
N ILE C 221 -29.59 13.71 -4.51
CA ILE C 221 -30.03 13.52 -5.89
C ILE C 221 -31.34 12.75 -5.94
N ALA C 222 -31.44 11.67 -5.16
CA ALA C 222 -32.63 10.82 -5.20
C ALA C 222 -33.89 11.56 -4.76
N VAL C 223 -33.78 12.46 -3.78
CA VAL C 223 -34.95 13.23 -3.36
C VAL C 223 -35.33 14.25 -4.43
N ALA C 224 -34.36 15.02 -4.92
CA ALA C 224 -34.63 16.02 -5.95
C ALA C 224 -35.32 15.39 -7.16
N LEU C 225 -34.89 14.19 -7.56
CA LEU C 225 -35.49 13.49 -8.68
C LEU C 225 -36.73 12.71 -8.30
N GLY C 226 -37.16 12.78 -7.05
CA GLY C 226 -38.35 12.07 -6.60
C GLY C 226 -38.23 10.56 -6.67
N GLU C 227 -37.04 10.03 -6.50
CA GLU C 227 -36.88 8.58 -6.45
C GLU C 227 -37.16 8.03 -5.05
N ILE C 228 -36.93 8.83 -4.01
CA ILE C 228 -37.20 8.44 -2.63
C ILE C 228 -37.86 9.62 -1.92
N ASP C 229 -38.49 9.31 -0.79
CA ASP C 229 -38.92 10.36 0.12
C ASP C 229 -37.71 10.87 0.90
N MET C 230 -37.84 12.09 1.43
CA MET C 230 -36.77 12.69 2.20
C MET C 230 -36.33 11.76 3.33
N PRO C 231 -35.07 11.35 3.38
CA PRO C 231 -34.64 10.43 4.44
C PRO C 231 -34.22 11.16 5.69
N THR C 232 -33.89 10.40 6.73
CA THR C 232 -33.47 10.93 8.01
C THR C 232 -31.97 10.73 8.17
N ASP C 233 -31.43 11.30 9.24
CA ASP C 233 -30.03 11.09 9.56
C ASP C 233 -29.72 9.62 9.79
N GLU C 234 -30.69 8.85 10.33
CA GLU C 234 -30.44 7.45 10.64
C GLU C 234 -30.19 6.61 9.38
N ASP C 235 -30.65 7.08 8.23
CA ASP C 235 -30.60 6.29 7.01
C ASP C 235 -29.24 6.35 6.31
N VAL C 236 -28.48 7.43 6.48
CA VAL C 236 -27.29 7.64 5.66
C VAL C 236 -26.26 6.57 5.99
N MET C 237 -25.84 5.83 4.96
CA MET C 237 -24.89 4.72 5.04
C MET C 237 -25.50 3.46 5.65
N HIS C 238 -26.74 3.52 6.13
CA HIS C 238 -27.39 2.38 6.74
C HIS C 238 -28.57 1.83 5.95
N SER C 239 -29.37 2.70 5.33
CA SER C 239 -30.56 2.27 4.60
C SER C 239 -30.21 2.15 3.11
N ARG C 240 -29.50 1.07 2.79
CA ARG C 240 -28.95 0.90 1.45
C ARG C 240 -29.99 0.48 0.43
N GLU C 241 -31.21 0.14 0.85
CA GLU C 241 -32.31 0.01 -0.10
C GLU C 241 -32.74 1.35 -0.65
N LEU C 242 -32.37 2.45 0.02
CA LEU C 242 -32.61 3.80 -0.49
C LEU C 242 -31.45 4.19 -1.38
N PHE C 243 -31.73 4.42 -2.67
CA PHE C 243 -30.68 4.78 -3.60
C PHE C 243 -31.28 5.47 -4.82
N SER C 244 -30.44 6.21 -5.52
CA SER C 244 -30.75 6.77 -6.82
C SER C 244 -30.26 5.85 -7.93
N SER C 245 -30.97 5.85 -9.05
CA SER C 245 -30.62 5.00 -10.18
C SER C 245 -29.76 5.72 -11.23
N VAL C 246 -29.45 7.00 -11.03
CA VAL C 246 -28.65 7.77 -11.98
C VAL C 246 -27.54 8.55 -11.30
N ALA C 247 -27.38 8.44 -9.99
CA ALA C 247 -26.42 9.25 -9.26
C ALA C 247 -25.02 8.67 -9.38
N SER C 248 -24.06 9.51 -9.74
CA SER C 248 -22.65 9.16 -9.73
C SER C 248 -21.94 10.24 -8.92
N CYS C 249 -21.65 9.94 -7.67
CA CYS C 249 -21.16 10.93 -6.72
C CYS C 249 -19.69 10.65 -6.40
N SER C 250 -18.87 11.67 -6.54
CA SER C 250 -17.45 11.61 -6.22
C SER C 250 -17.16 12.69 -5.19
N SER C 251 -16.14 12.46 -4.39
CA SER C 251 -15.75 13.42 -3.35
C SER C 251 -14.26 13.65 -3.42
N GLY C 252 -13.83 14.79 -2.89
CA GLY C 252 -12.44 15.15 -2.99
C GLY C 252 -12.04 16.39 -2.23
N VAL C 253 -11.00 17.06 -2.72
CA VAL C 253 -10.36 18.15 -1.98
C VAL C 253 -10.31 19.39 -2.89
N GLU C 254 -11.09 19.38 -3.96
CA GLU C 254 -11.02 20.46 -4.94
C GLU C 254 -11.93 21.65 -4.64
N LEU C 255 -13.10 21.45 -4.03
CA LEU C 255 -13.99 22.58 -3.80
C LEU C 255 -14.93 22.25 -2.64
N ASP C 256 -15.26 23.25 -1.82
CA ASP C 256 -16.12 23.05 -0.65
C ASP C 256 -17.60 23.23 -0.95
N ARG C 257 -18.02 22.97 -2.18
CA ARG C 257 -19.42 23.02 -2.56
C ARG C 257 -19.70 21.79 -3.42
N ALA C 258 -20.98 21.48 -3.61
CA ALA C 258 -21.35 20.39 -4.52
C ALA C 258 -21.34 20.92 -5.95
N GLN C 259 -20.44 20.37 -6.77
CA GLN C 259 -20.45 20.62 -8.21
C GLN C 259 -21.40 19.63 -8.86
N ILE C 260 -22.48 20.13 -9.45
CA ILE C 260 -23.53 19.30 -10.02
C ILE C 260 -23.45 19.36 -11.54
N VAL C 261 -23.52 18.20 -12.17
CA VAL C 261 -23.69 18.09 -13.62
C VAL C 261 -24.85 17.13 -13.87
N VAL C 262 -25.93 17.64 -14.43
CA VAL C 262 -27.08 16.83 -14.79
C VAL C 262 -27.03 16.60 -16.29
N VAL C 263 -27.12 15.34 -16.71
CA VAL C 263 -27.05 14.96 -18.11
C VAL C 263 -28.28 14.12 -18.44
N GLY C 264 -28.99 14.51 -19.49
CA GLY C 264 -30.17 13.81 -19.91
C GLY C 264 -30.43 14.07 -21.37
N ASN C 265 -31.64 13.74 -21.79
CA ASN C 265 -32.05 13.94 -23.17
C ASN C 265 -33.26 14.87 -23.23
N ALA C 266 -33.36 15.61 -24.32
CA ALA C 266 -34.49 16.49 -24.60
C ALA C 266 -34.82 16.39 -26.09
N ARG C 267 -36.11 16.52 -26.39
CA ARG C 267 -36.58 16.39 -27.76
C ARG C 267 -36.60 17.74 -28.44
N GLY C 268 -36.31 17.76 -29.74
CA GLY C 268 -36.32 19.00 -30.48
C GLY C 268 -35.12 19.89 -30.26
N VAL C 269 -34.10 19.41 -29.55
CA VAL C 269 -32.91 20.24 -29.31
C VAL C 269 -31.85 20.04 -30.38
N GLY C 270 -31.77 18.84 -30.97
CA GLY C 270 -30.72 18.55 -31.93
C GLY C 270 -29.40 18.18 -31.27
N GLY C 271 -28.42 17.96 -32.12
CA GLY C 271 -27.15 17.39 -31.71
C GLY C 271 -26.97 15.98 -32.23
N ARG C 272 -25.77 15.45 -31.99
CA ARG C 272 -25.40 14.13 -32.49
C ARG C 272 -25.28 13.09 -31.39
N TYR C 273 -25.41 13.47 -30.13
CA TYR C 273 -25.17 12.57 -29.01
C TYR C 273 -26.44 12.35 -28.21
N ARG C 274 -26.54 11.16 -27.64
CA ARG C 274 -27.66 10.79 -26.77
C ARG C 274 -27.15 9.96 -25.61
N ILE C 275 -27.78 10.12 -24.46
CA ILE C 275 -27.39 9.40 -23.25
C ILE C 275 -28.51 8.45 -22.86
N GLY C 276 -28.11 7.33 -22.26
CA GLY C 276 -29.03 6.39 -21.66
C GLY C 276 -28.33 5.78 -20.47
N HIS C 277 -29.07 4.97 -19.72
CA HIS C 277 -28.49 4.37 -18.52
C HIS C 277 -29.18 3.05 -18.22
N SER C 278 -28.54 2.29 -17.34
CA SER C 278 -29.11 1.09 -16.74
C SER C 278 -28.46 0.90 -15.38
N VAL C 279 -28.31 -0.34 -14.93
CA VAL C 279 -27.71 -0.61 -13.64
C VAL C 279 -26.78 -1.81 -13.75
N MET C 280 -25.67 -1.77 -13.01
CA MET C 280 -24.82 -2.93 -12.79
C MET C 280 -25.24 -3.59 -11.49
N LYS C 281 -25.65 -4.85 -11.55
CA LYS C 281 -26.09 -5.53 -10.34
C LYS C 281 -24.93 -5.99 -9.47
N ASP C 282 -23.75 -6.16 -10.07
CA ASP C 282 -22.55 -6.56 -9.35
C ASP C 282 -21.35 -6.17 -10.20
N PRO C 283 -20.12 -6.31 -9.67
CA PRO C 283 -18.95 -5.87 -10.44
C PRO C 283 -18.77 -6.58 -11.78
N LEU C 284 -19.37 -7.74 -11.98
CA LEU C 284 -19.19 -8.51 -13.20
C LEU C 284 -20.31 -8.33 -14.23
N ASP C 285 -21.29 -7.47 -13.96
CA ASP C 285 -22.51 -7.38 -14.77
C ASP C 285 -22.25 -6.57 -16.04
N GLN C 286 -21.54 -7.21 -16.98
CA GLN C 286 -21.28 -6.57 -18.27
C GLN C 286 -22.57 -6.29 -19.03
N ASP C 287 -23.58 -7.15 -18.88
CA ASP C 287 -24.84 -6.94 -19.60
C ASP C 287 -25.52 -5.64 -19.17
N GLY C 288 -25.40 -5.27 -17.90
CA GLY C 288 -25.89 -3.97 -17.46
C GLY C 288 -25.27 -2.83 -18.24
N ILE C 289 -23.99 -2.95 -18.56
CA ILE C 289 -23.31 -1.91 -19.33
C ILE C 289 -23.83 -1.89 -20.76
N TRP C 290 -23.94 -3.07 -21.38
CA TRP C 290 -24.56 -3.16 -22.70
C TRP C 290 -25.97 -2.60 -22.70
N ALA C 291 -26.72 -2.85 -21.62
CA ALA C 291 -28.08 -2.31 -21.51
C ALA C 291 -28.07 -0.78 -21.55
N ALA C 292 -27.13 -0.16 -20.86
CA ALA C 292 -27.02 1.30 -20.90
C ALA C 292 -26.72 1.79 -22.32
N ILE C 293 -25.84 1.10 -23.03
CA ILE C 293 -25.48 1.51 -24.38
C ILE C 293 -26.68 1.38 -25.31
N ARG C 294 -27.46 0.31 -25.14
CA ARG C 294 -28.71 0.16 -25.86
C ARG C 294 -29.68 1.30 -25.52
N ASP C 295 -29.88 1.54 -24.22
CA ASP C 295 -30.84 2.57 -23.81
C ASP C 295 -30.43 3.94 -24.33
N ALA C 296 -29.13 4.17 -24.52
CA ALA C 296 -28.64 5.41 -25.11
C ALA C 296 -28.98 5.54 -26.58
N GLY C 297 -29.49 4.49 -27.22
CA GLY C 297 -29.96 4.56 -28.59
C GLY C 297 -29.07 3.92 -29.64
N LEU C 298 -28.11 3.09 -29.25
CA LEU C 298 -27.32 2.30 -30.20
C LEU C 298 -28.03 1.01 -30.55
N GLU C 299 -28.27 0.80 -31.84
CA GLU C 299 -28.66 -0.51 -32.36
C GLU C 299 -27.48 -1.46 -32.24
N LEU C 300 -27.64 -2.52 -31.47
CA LEU C 300 -26.55 -3.48 -31.33
C LEU C 300 -27.06 -4.90 -31.49
N PRO C 301 -26.19 -5.82 -31.91
CA PRO C 301 -26.56 -7.23 -31.93
C PRO C 301 -26.86 -7.72 -30.52
N GLU C 302 -27.64 -8.80 -30.43
CA GLU C 302 -28.11 -9.25 -29.12
C GLU C 302 -27.05 -10.02 -28.33
N ARG C 303 -25.91 -10.35 -28.95
CA ARG C 303 -24.71 -10.79 -28.24
C ARG C 303 -23.61 -9.82 -28.63
N PRO C 304 -23.63 -8.61 -28.07
CA PRO C 304 -22.74 -7.56 -28.59
C PRO C 304 -21.29 -7.77 -28.17
N HIS C 305 -20.41 -7.21 -28.99
CA HIS C 305 -18.97 -7.22 -28.77
C HIS C 305 -18.46 -5.81 -28.97
N SER C 306 -17.31 -5.50 -28.34
CA SER C 306 -16.74 -4.17 -28.45
C SER C 306 -16.55 -3.76 -29.90
N SER C 307 -16.25 -4.72 -30.79
CA SER C 307 -16.09 -4.43 -32.21
C SER C 307 -17.37 -3.96 -32.88
N ASP C 308 -18.54 -4.18 -32.27
CA ASP C 308 -19.78 -3.67 -32.84
C ASP C 308 -19.97 -2.18 -32.62
N LEU C 309 -19.17 -1.55 -31.77
CA LEU C 309 -19.40 -0.16 -31.43
C LEU C 309 -19.01 0.80 -32.54
N ASP C 310 -17.94 0.49 -33.27
CA ASP C 310 -17.46 1.29 -34.41
C ASP C 310 -17.43 2.78 -34.09
N GLY C 311 -16.65 3.13 -33.07
CA GLY C 311 -16.41 4.52 -32.74
C GLY C 311 -17.58 5.27 -32.16
N GLN C 312 -18.74 4.66 -32.02
CA GLN C 312 -19.94 5.40 -31.66
C GLN C 312 -20.17 5.51 -30.16
N LEU C 313 -19.34 4.84 -29.35
CA LEU C 313 -19.42 4.98 -27.90
C LEU C 313 -18.45 6.07 -27.47
N VAL C 314 -18.99 7.17 -26.94
CA VAL C 314 -18.13 8.24 -26.45
C VAL C 314 -17.46 7.82 -25.15
N ASN C 315 -18.26 7.41 -24.17
CA ASN C 315 -17.75 6.98 -22.87
C ASN C 315 -18.90 6.34 -22.11
N VAL C 316 -18.55 5.61 -21.06
CA VAL C 316 -19.52 5.14 -20.09
C VAL C 316 -19.13 5.68 -18.73
N PHE C 317 -20.12 5.87 -17.86
CA PHE C 317 -19.93 6.45 -16.55
C PHE C 317 -20.68 5.57 -15.56
N LEU C 318 -19.96 5.00 -14.59
CA LEU C 318 -20.58 4.01 -13.72
C LEU C 318 -19.92 4.04 -12.36
N LYS C 319 -20.65 3.51 -11.37
CA LYS C 319 -20.17 3.38 -10.01
C LYS C 319 -20.01 1.89 -9.67
N CYS C 320 -19.16 1.61 -8.70
CA CYS C 320 -18.98 0.23 -8.24
C CYS C 320 -18.54 0.24 -6.78
N GLU C 321 -18.67 -0.92 -6.14
CA GLU C 321 -18.36 -1.06 -4.72
C GLU C 321 -18.32 -2.53 -4.35
N ALA C 322 -17.61 -2.82 -3.25
CA ALA C 322 -17.59 -4.16 -2.68
C ALA C 322 -18.82 -4.35 -1.80
N SER C 323 -19.54 -5.46 -2.03
CA SER C 323 -20.79 -5.68 -1.31
C SER C 323 -20.53 -5.96 0.16
N GLN C 324 -21.53 -5.65 0.99
CA GLN C 324 -21.38 -5.76 2.44
C GLN C 324 -21.26 -7.19 2.92
N ASP C 325 -21.79 -8.15 2.16
CA ASP C 325 -21.73 -9.55 2.54
C ASP C 325 -20.45 -10.25 2.08
N GLY C 326 -19.57 -9.53 1.38
CA GLY C 326 -18.26 -10.06 1.04
C GLY C 326 -18.25 -11.13 -0.03
N THR C 327 -19.28 -11.18 -0.87
CA THR C 327 -19.37 -12.19 -1.90
C THR C 327 -19.81 -11.55 -3.21
N VAL C 328 -19.40 -12.17 -4.31
CA VAL C 328 -19.92 -11.86 -5.64
C VAL C 328 -20.37 -13.18 -6.26
N ARG C 329 -21.66 -13.28 -6.57
CA ARG C 329 -22.24 -14.46 -7.19
C ARG C 329 -21.91 -15.73 -6.40
N GLY C 330 -22.09 -15.65 -5.09
CA GLY C 330 -21.87 -16.78 -4.20
C GLY C 330 -20.43 -17.05 -3.80
N ARG C 331 -19.46 -16.37 -4.41
CA ARG C 331 -18.06 -16.63 -4.14
C ARG C 331 -17.51 -15.57 -3.19
N ARG C 332 -16.89 -16.02 -2.10
CA ARG C 332 -16.24 -15.12 -1.15
C ARG C 332 -15.03 -14.45 -1.78
N ASN C 333 -14.85 -13.17 -1.49
CA ASN C 333 -13.58 -12.49 -1.72
C ASN C 333 -13.17 -11.79 -0.42
N ALA C 334 -11.90 -11.38 -0.36
CA ALA C 334 -11.32 -10.82 0.86
C ALA C 334 -11.10 -9.31 0.77
N MET C 335 -11.87 -8.62 -0.07
CA MET C 335 -11.68 -7.18 -0.24
C MET C 335 -11.84 -6.40 1.06
N LEU C 336 -12.90 -6.67 1.80
CA LEU C 336 -13.22 -5.86 2.97
C LEU C 336 -12.24 -6.07 4.12
N ASP C 337 -11.52 -7.20 4.15
CA ASP C 337 -10.54 -7.46 5.19
C ASP C 337 -9.12 -7.04 4.82
N ASP C 338 -8.90 -6.49 3.62
CA ASP C 338 -7.55 -6.24 3.11
C ASP C 338 -7.06 -4.89 3.63
N SER C 339 -6.18 -4.92 4.64
CA SER C 339 -5.53 -3.72 5.15
C SER C 339 -4.37 -3.26 4.29
N ASP C 340 -3.92 -4.06 3.32
CA ASP C 340 -2.77 -3.66 2.50
C ASP C 340 -3.20 -2.76 1.35
N VAL C 341 -4.15 -3.21 0.54
CA VAL C 341 -4.70 -2.41 -0.56
C VAL C 341 -6.20 -2.28 -0.32
N HIS C 342 -6.66 -1.06 -0.11
CA HIS C 342 -8.06 -0.83 0.21
C HIS C 342 -8.96 -1.33 -0.91
N TRP C 343 -10.16 -1.80 -0.53
CA TRP C 343 -11.07 -2.36 -1.51
C TRP C 343 -11.55 -1.33 -2.53
N HIS C 344 -11.47 -0.04 -2.20
CA HIS C 344 -11.73 1.00 -3.18
C HIS C 344 -10.89 0.80 -4.43
N ARG C 345 -9.58 0.60 -4.25
CA ARG C 345 -8.67 0.45 -5.38
C ARG C 345 -8.81 -0.92 -6.02
N GLN C 346 -9.05 -1.96 -5.22
CA GLN C 346 -9.19 -3.31 -5.77
C GLN C 346 -10.39 -3.41 -6.68
N ILE C 347 -11.56 -2.97 -6.21
CA ILE C 347 -12.77 -3.11 -7.01
C ILE C 347 -12.74 -2.16 -8.21
N LYS C 348 -12.09 -0.99 -8.07
CA LYS C 348 -11.96 -0.09 -9.22
C LYS C 348 -11.15 -0.74 -10.33
N SER C 349 -10.00 -1.32 -10.01
CA SER C 349 -9.22 -2.02 -11.02
C SER C 349 -10.02 -3.14 -11.65
N CYS C 350 -10.73 -3.91 -10.81
CA CYS C 350 -11.52 -5.04 -11.32
C CYS C 350 -12.61 -4.57 -12.27
N VAL C 351 -13.38 -3.57 -11.86
CA VAL C 351 -14.49 -3.10 -12.70
C VAL C 351 -13.98 -2.33 -13.91
N GLY C 352 -12.82 -1.67 -13.77
CA GLY C 352 -12.19 -1.07 -14.93
C GLY C 352 -11.94 -2.07 -16.05
N GLY C 353 -11.41 -3.24 -15.69
CA GLY C 353 -11.23 -4.29 -16.68
C GLY C 353 -12.54 -4.80 -17.24
N VAL C 354 -13.53 -5.03 -16.36
CA VAL C 354 -14.84 -5.49 -16.79
C VAL C 354 -15.46 -4.47 -17.76
N THR C 355 -15.30 -3.19 -17.45
CA THR C 355 -15.91 -2.15 -18.28
C THR C 355 -15.15 -1.93 -19.57
N ALA C 356 -13.82 -1.78 -19.49
CA ALA C 356 -13.02 -1.58 -20.69
C ALA C 356 -13.14 -2.74 -21.67
N ALA C 357 -13.38 -3.95 -21.17
CA ALA C 357 -13.58 -5.09 -22.06
C ALA C 357 -14.87 -4.97 -22.87
N VAL C 358 -15.88 -4.32 -22.30
CA VAL C 358 -17.11 -4.05 -23.03
C VAL C 358 -16.87 -2.98 -24.10
N THR C 359 -16.34 -1.83 -23.69
CA THR C 359 -16.18 -0.70 -24.60
C THR C 359 -15.02 -0.88 -25.56
N GLY C 360 -14.07 -1.74 -25.25
CA GLY C 360 -12.86 -1.85 -26.04
C GLY C 360 -11.90 -0.69 -25.87
N ASP C 361 -12.19 0.23 -24.95
CA ASP C 361 -11.43 1.46 -24.78
C ASP C 361 -11.11 1.63 -23.31
N PRO C 362 -9.86 1.48 -22.89
CA PRO C 362 -9.52 1.63 -21.47
C PRO C 362 -9.87 2.99 -20.89
N ALA C 363 -10.09 4.00 -21.73
CA ALA C 363 -10.60 5.28 -21.23
C ALA C 363 -12.06 5.15 -20.87
N VAL C 364 -12.34 4.74 -19.62
CA VAL C 364 -13.69 4.58 -19.11
C VAL C 364 -13.79 5.32 -17.79
N PHE C 365 -14.94 5.92 -17.52
CA PHE C 365 -15.19 6.59 -16.24
C PHE C 365 -15.73 5.55 -15.27
N VAL C 366 -14.85 5.01 -14.43
CA VAL C 366 -15.23 4.04 -13.42
C VAL C 366 -14.89 4.65 -12.05
N SER C 367 -15.91 4.75 -11.20
CA SER C 367 -15.80 5.45 -9.92
C SER C 367 -16.27 4.52 -8.81
N VAL C 368 -15.59 4.60 -7.66
CA VAL C 368 -15.87 3.69 -6.55
C VAL C 368 -16.58 4.45 -5.44
N SER C 369 -17.12 3.67 -4.50
CA SER C 369 -17.84 4.14 -3.32
C SER C 369 -19.24 4.59 -3.72
N ALA C 370 -20.19 3.66 -3.67
CA ALA C 370 -21.49 3.83 -4.31
C ALA C 370 -22.64 3.73 -3.32
N ALA C 371 -22.43 4.21 -2.09
CA ALA C 371 -23.50 4.22 -1.11
C ALA C 371 -24.68 5.02 -1.63
N HIS C 372 -25.87 4.40 -1.61
CA HIS C 372 -27.11 4.98 -2.13
C HIS C 372 -27.00 5.35 -3.61
N GLN C 373 -26.08 4.71 -4.33
CA GLN C 373 -25.90 4.89 -5.76
C GLN C 373 -26.08 3.52 -6.40
N GLY C 374 -27.29 3.25 -6.88
CA GLY C 374 -27.65 1.94 -7.35
C GLY C 374 -27.78 0.95 -6.20
N PRO C 375 -28.15 -0.28 -6.51
CA PRO C 375 -28.31 -1.29 -5.45
C PRO C 375 -26.99 -1.67 -4.81
N GLU C 376 -27.08 -2.16 -3.58
CA GLU C 376 -25.90 -2.55 -2.81
C GLU C 376 -25.07 -3.58 -3.57
N GLY C 377 -23.76 -3.31 -3.66
CA GLY C 377 -22.84 -4.17 -4.38
C GLY C 377 -22.68 -3.85 -5.85
N GLY C 378 -23.52 -2.97 -6.39
CA GLY C 378 -23.45 -2.52 -7.76
C GLY C 378 -23.50 -1.00 -7.84
N GLY C 379 -23.97 -0.52 -8.98
CA GLY C 379 -24.12 0.90 -9.19
C GLY C 379 -24.77 1.22 -10.52
N PRO C 380 -25.10 2.49 -10.72
CA PRO C 380 -25.64 2.91 -12.02
C PRO C 380 -24.56 2.86 -13.08
N VAL C 381 -25.01 2.82 -14.34
CA VAL C 381 -24.09 2.92 -15.48
C VAL C 381 -24.80 3.74 -16.56
N ALA C 382 -24.17 4.84 -16.96
CA ALA C 382 -24.68 5.70 -18.02
C ALA C 382 -23.77 5.63 -19.23
N ALA C 383 -24.37 5.77 -20.42
CA ALA C 383 -23.62 5.68 -21.65
C ALA C 383 -24.02 6.80 -22.59
N ILE C 384 -23.03 7.43 -23.21
CA ILE C 384 -23.24 8.47 -24.22
C ILE C 384 -22.75 7.94 -25.55
N VAL C 385 -23.60 8.03 -26.57
CA VAL C 385 -23.30 7.46 -27.88
C VAL C 385 -23.42 8.55 -28.95
N ASP C 386 -22.63 8.39 -30.00
CA ASP C 386 -22.66 9.26 -31.17
C ASP C 386 -23.64 8.65 -32.18
N LEU C 387 -24.79 9.30 -32.37
CA LEU C 387 -25.80 8.80 -33.29
C LEU C 387 -25.83 9.54 -34.63
N GLY C 388 -25.37 10.79 -34.67
CA GLY C 388 -25.41 11.56 -35.90
C GLY C 388 -26.67 12.39 -36.06
N PRO D 22 1.69 -15.78 44.66
CA PRO D 22 2.58 -15.36 43.58
C PRO D 22 3.82 -16.22 43.43
N GLU D 23 4.15 -16.59 42.20
CA GLU D 23 5.40 -17.27 41.89
C GLU D 23 6.42 -16.30 41.32
N ALA D 24 7.68 -16.61 41.52
CA ALA D 24 8.75 -15.89 40.85
C ALA D 24 8.68 -16.14 39.35
N ILE D 25 9.04 -15.13 38.57
CA ILE D 25 8.91 -15.17 37.12
C ILE D 25 10.27 -15.11 36.46
N GLU D 26 10.46 -15.92 35.43
CA GLU D 26 11.59 -15.83 34.52
C GLU D 26 11.09 -15.23 33.20
N VAL D 27 11.80 -14.21 32.72
CA VAL D 27 11.43 -13.50 31.51
C VAL D 27 12.56 -13.61 30.50
N ARG D 28 12.25 -14.09 29.30
CA ARG D 28 13.23 -14.18 28.22
C ARG D 28 12.63 -13.61 26.95
N LYS D 29 13.40 -12.77 26.27
CA LYS D 29 13.04 -12.23 24.97
C LYS D 29 13.88 -12.95 23.92
N VAL D 30 13.22 -13.59 22.97
CA VAL D 30 13.92 -14.38 21.95
C VAL D 30 13.54 -13.86 20.57
N PRO D 31 14.42 -13.91 19.60
CA PRO D 31 14.06 -13.51 18.23
C PRO D 31 13.27 -14.60 17.52
N LEU D 32 12.49 -14.16 16.55
CA LEU D 32 11.87 -15.05 15.57
C LEU D 32 12.68 -14.97 14.28
N HIS D 33 13.28 -16.09 13.90
CA HIS D 33 14.09 -16.13 12.69
C HIS D 33 13.26 -16.29 11.43
N SER D 34 11.98 -16.61 11.57
CA SER D 34 11.05 -16.70 10.45
C SER D 34 9.64 -16.66 11.03
N VAL D 35 8.65 -16.54 10.14
CA VAL D 35 7.26 -16.38 10.58
C VAL D 35 6.81 -17.56 11.45
N SER D 36 7.35 -18.75 11.19
CA SER D 36 6.93 -19.97 11.88
C SER D 36 7.99 -20.50 12.83
N ASP D 37 8.91 -19.65 13.27
CA ASP D 37 10.05 -20.11 14.06
C ASP D 37 9.76 -19.96 15.54
N ALA D 38 9.83 -21.07 16.26
CA ALA D 38 9.79 -21.10 17.72
C ALA D 38 11.01 -21.81 18.29
N SER D 39 12.09 -21.92 17.50
CA SER D 39 13.24 -22.71 17.91
C SER D 39 13.93 -22.12 19.14
N GLU D 40 13.93 -20.79 19.27
CA GLU D 40 14.60 -20.18 20.41
C GLU D 40 13.87 -20.48 21.71
N LEU D 41 12.55 -20.64 21.68
CA LEU D 41 11.84 -21.13 22.85
C LEU D 41 12.21 -22.57 23.16
N ALA D 42 12.30 -23.41 22.12
CA ALA D 42 12.73 -24.79 22.29
C ALA D 42 14.14 -24.85 22.89
N LYS D 43 15.03 -23.93 22.47
CA LYS D 43 16.39 -23.95 23.00
C LYS D 43 16.42 -23.57 24.48
N LEU D 44 15.59 -22.61 24.89
CA LEU D 44 15.51 -22.25 26.30
C LEU D 44 15.06 -23.43 27.15
N ILE D 45 14.12 -24.22 26.64
CA ILE D 45 13.64 -25.39 27.37
C ILE D 45 14.74 -26.44 27.46
N ASP D 46 15.44 -26.70 26.35
CA ASP D 46 16.51 -27.69 26.37
C ASP D 46 17.66 -27.28 27.28
N ASP D 47 18.03 -26.00 27.25
CA ASP D 47 19.10 -25.51 28.10
C ASP D 47 18.68 -25.35 29.56
N GLY D 48 17.45 -25.71 29.90
CA GLY D 48 16.99 -25.61 31.27
C GLY D 48 16.81 -24.19 31.79
N VAL D 49 16.73 -23.21 30.90
CA VAL D 49 16.48 -21.84 31.36
C VAL D 49 15.07 -21.72 31.91
N LEU D 50 14.11 -22.44 31.34
CA LEU D 50 12.75 -22.47 31.85
C LEU D 50 12.09 -23.78 31.46
N GLU D 51 10.96 -24.05 32.11
CA GLU D 51 10.24 -25.30 31.93
C GLU D 51 9.03 -25.07 31.03
N ALA D 52 8.82 -25.97 30.07
CA ALA D 52 7.71 -25.84 29.13
C ALA D 52 6.39 -25.61 29.83
N ASP D 53 6.07 -26.46 30.82
CA ASP D 53 4.78 -26.37 31.50
C ASP D 53 4.68 -25.15 32.41
N ARG D 54 5.79 -24.49 32.72
CA ARG D 54 5.73 -23.29 33.54
C ARG D 54 5.59 -22.02 32.72
N VAL D 55 5.60 -22.10 31.39
CA VAL D 55 5.33 -20.93 30.57
C VAL D 55 3.86 -20.57 30.71
N ILE D 56 3.59 -19.35 31.19
CA ILE D 56 2.23 -18.92 31.50
C ILE D 56 1.73 -17.82 30.58
N ALA D 57 2.60 -17.16 29.81
CA ALA D 57 2.18 -16.13 28.89
C ALA D 57 3.31 -15.84 27.91
N VAL D 58 2.94 -15.46 26.69
CA VAL D 58 3.87 -15.00 25.67
C VAL D 58 3.34 -13.71 25.07
N ILE D 59 4.22 -12.73 24.89
CA ILE D 59 3.87 -11.44 24.28
C ILE D 59 4.95 -11.14 23.25
N GLY D 60 4.55 -10.95 21.99
CA GLY D 60 5.52 -10.84 20.92
C GLY D 60 5.09 -9.93 19.78
N LYS D 61 6.02 -9.74 18.85
CA LYS D 61 5.83 -8.96 17.64
C LYS D 61 6.03 -9.86 16.43
N THR D 62 5.07 -9.85 15.51
CA THR D 62 5.15 -10.64 14.29
C THR D 62 5.19 -9.72 13.08
N GLU D 63 5.78 -10.24 11.98
CA GLU D 63 6.13 -9.42 10.82
C GLU D 63 5.00 -9.33 9.79
N GLY D 64 3.75 -9.55 10.18
CA GLY D 64 2.63 -9.30 9.31
C GLY D 64 2.38 -7.81 9.12
N ASN D 65 1.27 -7.51 8.44
CA ASN D 65 0.95 -6.12 8.17
C ASN D 65 0.36 -5.40 9.37
N GLY D 66 -0.04 -6.12 10.41
CA GLY D 66 -0.56 -5.51 11.61
C GLY D 66 -2.01 -5.10 11.57
N GLY D 67 -2.71 -5.35 10.46
CA GLY D 67 -4.11 -5.01 10.32
C GLY D 67 -5.01 -6.21 10.47
N VAL D 68 -6.09 -6.23 9.66
CA VAL D 68 -7.08 -7.29 9.79
C VAL D 68 -6.55 -8.59 9.18
N ASN D 69 -6.11 -8.53 7.93
CA ASN D 69 -5.61 -9.73 7.23
C ASN D 69 -4.14 -9.95 7.54
N ASP D 70 -3.84 -10.12 8.82
CA ASP D 70 -2.49 -10.45 9.28
C ASP D 70 -2.56 -11.87 9.83
N TYR D 71 -2.00 -12.81 9.08
CA TYR D 71 -2.04 -14.22 9.45
C TYR D 71 -0.70 -14.72 9.96
N THR D 72 0.28 -13.82 10.11
CA THR D 72 1.51 -14.17 10.81
C THR D 72 1.29 -14.32 12.30
N ARG D 73 0.16 -13.83 12.82
CA ARG D 73 -0.14 -13.97 14.24
C ARG D 73 -0.52 -15.40 14.56
N ILE D 74 -1.39 -16.01 13.77
CA ILE D 74 -1.79 -17.40 14.02
C ILE D 74 -0.67 -18.37 13.65
N ILE D 75 0.17 -18.02 12.67
CA ILE D 75 1.29 -18.89 12.34
C ILE D 75 2.25 -18.98 13.52
N ALA D 76 2.61 -17.83 14.08
CA ALA D 76 3.46 -17.82 15.28
C ALA D 76 2.74 -18.45 16.46
N ASP D 77 1.44 -18.20 16.59
CA ASP D 77 0.66 -18.77 17.68
C ASP D 77 0.71 -20.30 17.67
N ARG D 78 0.63 -20.89 16.47
CA ARG D 78 0.64 -22.35 16.35
C ARG D 78 2.02 -22.92 16.59
N ALA D 79 3.05 -22.25 16.06
CA ALA D 79 4.41 -22.74 16.22
C ALA D 79 4.83 -22.76 17.69
N PHE D 80 4.38 -21.77 18.47
CA PHE D 80 4.77 -21.70 19.87
C PHE D 80 3.97 -22.69 20.73
N ARG D 81 2.66 -22.79 20.51
CA ARG D 81 1.87 -23.75 21.27
C ARG D 81 2.31 -25.18 21.02
N GLU D 82 2.85 -25.46 19.83
CA GLU D 82 3.31 -26.81 19.53
C GLU D 82 4.60 -27.15 20.24
N VAL D 83 5.50 -26.18 20.39
CA VAL D 83 6.66 -26.41 21.22
C VAL D 83 6.23 -26.66 22.66
N LEU D 84 5.26 -25.87 23.14
CA LEU D 84 4.77 -26.05 24.51
C LEU D 84 4.10 -27.40 24.69
N SER D 85 3.31 -27.83 23.71
CA SER D 85 2.64 -29.13 23.80
C SER D 85 3.64 -30.27 23.64
N ALA D 86 4.59 -30.13 22.71
CA ALA D 86 5.54 -31.21 22.45
C ALA D 86 6.46 -31.45 23.63
N LYS D 87 6.99 -30.37 24.23
CA LYS D 87 8.06 -30.50 25.21
C LYS D 87 7.57 -30.54 26.65
N GLY D 88 6.27 -30.41 26.90
CA GLY D 88 5.73 -30.44 28.23
C GLY D 88 4.69 -31.54 28.41
N ASN D 89 4.32 -31.77 29.68
CA ASN D 89 3.27 -32.71 29.99
C ASN D 89 1.89 -32.08 29.89
N ARG D 90 1.81 -30.77 29.66
CA ARG D 90 0.52 -30.12 29.50
C ARG D 90 -0.18 -30.65 28.26
N SER D 91 -1.51 -30.79 28.35
CA SER D 91 -2.32 -31.26 27.24
C SER D 91 -2.53 -30.13 26.23
N PRO D 92 -2.76 -30.47 24.96
CA PRO D 92 -3.00 -29.42 23.94
C PRO D 92 -4.13 -28.45 24.28
N GLU D 93 -5.17 -28.89 24.99
CA GLU D 93 -6.24 -27.97 25.35
C GLU D 93 -5.86 -27.12 26.57
N GLU D 94 -4.96 -27.63 27.41
CA GLU D 94 -4.36 -26.78 28.44
C GLU D 94 -3.47 -25.72 27.81
N VAL D 95 -2.61 -26.12 26.87
CA VAL D 95 -1.74 -25.15 26.20
C VAL D 95 -2.56 -24.05 25.56
N ALA D 96 -3.68 -24.42 24.93
CA ALA D 96 -4.54 -23.44 24.26
C ALA D 96 -5.01 -22.34 25.20
N GLU D 97 -4.99 -22.56 26.51
CA GLU D 97 -5.42 -21.55 27.47
C GLU D 97 -4.29 -20.63 27.91
N VAL D 98 -3.05 -20.90 27.51
CA VAL D 98 -1.94 -19.99 27.76
C VAL D 98 -2.15 -18.74 26.92
N PRO D 99 -2.30 -17.57 27.51
CA PRO D 99 -2.50 -16.34 26.72
C PRO D 99 -1.23 -16.00 25.95
N ILE D 100 -1.34 -16.01 24.63
CA ILE D 100 -0.25 -15.62 23.74
C ILE D 100 -0.75 -14.46 22.89
N VAL D 101 -0.11 -13.30 23.04
CA VAL D 101 -0.52 -12.08 22.38
C VAL D 101 0.52 -11.75 21.31
N TRP D 102 0.08 -11.72 20.06
CA TRP D 102 0.93 -11.36 18.93
C TRP D 102 0.48 -10.01 18.40
N SER D 103 1.34 -9.00 18.51
CA SER D 103 1.10 -7.71 17.91
C SER D 103 1.78 -7.71 16.55
N GLY D 104 0.97 -7.85 15.50
CA GLY D 104 1.52 -7.84 14.15
C GLY D 104 2.05 -6.48 13.76
N GLY D 105 2.87 -6.48 12.71
CA GLY D 105 3.42 -5.24 12.18
C GLY D 105 4.71 -4.83 12.85
N THR D 106 5.82 -4.96 12.11
CA THR D 106 7.14 -4.62 12.62
C THR D 106 7.81 -3.61 11.70
N ASP D 107 7.07 -2.56 11.33
CA ASP D 107 7.55 -1.60 10.35
C ASP D 107 8.88 -1.00 10.77
N GLY D 108 9.77 -0.85 9.80
CA GLY D 108 11.06 -0.22 10.06
C GLY D 108 12.05 -1.23 10.61
N VAL D 109 12.76 -0.83 11.67
CA VAL D 109 13.78 -1.69 12.28
C VAL D 109 13.21 -2.71 13.24
N ILE D 110 11.92 -2.62 13.60
CA ILE D 110 11.35 -3.48 14.63
C ILE D 110 11.60 -4.94 14.28
N SER D 111 12.14 -5.70 15.24
CA SER D 111 12.56 -7.07 15.03
C SER D 111 11.52 -8.03 15.58
N PRO D 112 11.04 -8.97 14.76
CA PRO D 112 10.11 -9.99 15.27
C PRO D 112 10.73 -10.73 16.45
N HIS D 113 9.96 -10.86 17.53
CA HIS D 113 10.47 -11.43 18.76
C HIS D 113 9.30 -11.89 19.60
N ALA D 114 9.61 -12.67 20.63
CA ALA D 114 8.64 -13.11 21.62
C ALA D 114 9.23 -12.97 23.01
N THR D 115 8.47 -12.36 23.91
CA THR D 115 8.81 -12.29 25.33
C THR D 115 8.08 -13.40 26.06
N ILE D 116 8.83 -14.32 26.67
CA ILE D 116 8.27 -15.51 27.30
C ILE D 116 8.27 -15.31 28.82
N PHE D 117 7.12 -15.52 29.43
CA PHE D 117 6.96 -15.42 30.88
C PHE D 117 6.70 -16.81 31.45
N ALA D 118 7.59 -17.25 32.35
CA ALA D 118 7.47 -18.56 32.96
C ALA D 118 7.65 -18.46 34.47
N THR D 119 7.01 -19.36 35.20
CA THR D 119 7.22 -19.42 36.65
C THR D 119 8.50 -20.17 36.96
N VAL D 120 9.15 -19.76 38.05
CA VAL D 120 10.38 -20.38 38.52
C VAL D 120 10.07 -21.13 39.81
N PRO D 121 10.55 -22.36 40.01
CA PRO D 121 10.38 -22.98 41.33
C PRO D 121 11.13 -22.18 42.38
N ALA D 122 10.49 -22.02 43.54
CA ALA D 122 11.05 -21.21 44.62
C ALA D 122 12.51 -21.56 44.91
N ASP D 123 12.87 -22.84 44.78
CA ASP D 123 14.22 -23.29 45.10
C ASP D 123 15.27 -22.76 44.13
N LYS D 124 14.90 -22.01 43.10
CA LYS D 124 15.86 -21.47 42.15
C LYS D 124 16.01 -19.95 42.23
N VAL D 125 15.22 -19.27 43.05
CA VAL D 125 15.23 -17.81 43.14
C VAL D 125 15.72 -17.41 44.53
N THR D 126 16.20 -16.17 44.63
CA THR D 126 16.58 -15.58 45.91
C THR D 126 15.40 -14.80 46.48
N LYS D 127 14.93 -15.23 47.65
CA LYS D 127 13.85 -14.53 48.32
C LYS D 127 14.34 -13.15 48.76
N THR D 128 13.68 -12.11 48.28
CA THR D 128 14.00 -10.76 48.68
C THR D 128 12.72 -10.02 49.02
N ASP D 129 12.83 -9.04 49.90
CA ASP D 129 11.69 -8.20 50.19
C ASP D 129 11.62 -7.04 49.20
N GLU D 130 12.61 -6.93 48.32
CA GLU D 130 12.55 -6.01 47.19
C GLU D 130 11.40 -6.39 46.24
N PRO D 131 10.78 -5.41 45.58
CA PRO D 131 9.70 -5.75 44.64
C PRO D 131 10.26 -6.48 43.43
N ARG D 132 9.65 -7.59 43.08
CA ARG D 132 10.06 -8.40 41.96
C ARG D 132 8.84 -8.78 41.13
N LEU D 133 9.10 -9.28 39.92
CA LEU D 133 8.07 -9.44 38.92
C LEU D 133 7.05 -10.52 39.30
N THR D 134 5.77 -10.21 39.10
CA THR D 134 4.70 -11.19 39.21
C THR D 134 3.76 -11.01 38.02
N VAL D 135 3.19 -12.12 37.58
CA VAL D 135 2.37 -12.15 36.37
C VAL D 135 1.07 -12.87 36.66
N GLY D 136 -0.05 -12.31 36.20
CA GLY D 136 -1.32 -12.98 36.29
C GLY D 136 -1.99 -13.05 34.92
N VAL D 137 -2.76 -14.12 34.74
CA VAL D 137 -3.37 -14.42 33.44
C VAL D 137 -4.85 -14.73 33.64
N ALA D 138 -5.62 -14.44 32.59
CA ALA D 138 -7.03 -14.79 32.57
C ALA D 138 -7.52 -14.76 31.12
N MET D 139 -8.61 -15.46 30.87
CA MET D 139 -9.35 -15.37 29.61
C MET D 139 -10.75 -14.90 29.95
N SER D 140 -11.21 -13.87 29.25
CA SER D 140 -12.53 -13.35 29.53
C SER D 140 -13.61 -14.29 29.01
N GLU D 141 -14.85 -13.97 29.38
CA GLU D 141 -16.02 -14.54 28.74
C GLU D 141 -15.97 -14.28 27.24
N GLN D 142 -16.70 -15.08 26.47
CA GLN D 142 -16.65 -14.99 25.02
C GLN D 142 -17.18 -13.63 24.56
N LEU D 143 -16.46 -13.01 23.62
CA LEU D 143 -16.81 -11.69 23.10
C LEU D 143 -17.36 -11.84 21.69
N LEU D 144 -18.65 -11.55 21.52
CA LEU D 144 -19.26 -11.64 20.21
C LEU D 144 -19.13 -10.32 19.45
N PRO D 145 -19.23 -10.36 18.11
CA PRO D 145 -19.06 -9.12 17.33
C PRO D 145 -19.93 -7.95 17.79
N GLU D 146 -21.10 -8.20 18.35
CA GLU D 146 -21.92 -7.11 18.86
C GLU D 146 -21.42 -6.56 20.19
N ASP D 147 -20.55 -7.30 20.89
CA ASP D 147 -20.01 -6.81 22.15
C ASP D 147 -18.94 -5.74 21.93
N ILE D 148 -18.21 -5.81 20.81
CA ILE D 148 -16.99 -5.03 20.62
C ILE D 148 -17.30 -3.54 20.62
N GLY D 149 -16.64 -2.81 21.52
CA GLY D 149 -16.78 -1.37 21.61
C GLY D 149 -17.94 -0.90 22.45
N ARG D 150 -18.64 -1.80 23.13
CA ARG D 150 -19.81 -1.46 23.93
C ARG D 150 -19.62 -1.95 25.36
N THR D 151 -20.57 -1.56 26.21
CA THR D 151 -20.46 -1.83 27.64
C THR D 151 -20.30 -3.30 27.94
N ALA D 152 -20.83 -4.17 27.07
CA ALA D 152 -20.67 -5.60 27.29
C ALA D 152 -19.20 -5.98 27.26
N MET D 153 -18.46 -5.47 26.27
CA MET D 153 -17.02 -5.72 26.23
C MET D 153 -16.33 -5.15 27.47
N ILE D 154 -16.68 -3.93 27.87
CA ILE D 154 -16.04 -3.29 29.01
C ILE D 154 -16.22 -4.12 30.27
N THR D 155 -17.44 -4.60 30.52
CA THR D 155 -17.71 -5.33 31.76
C THR D 155 -17.05 -6.70 31.73
N LYS D 156 -17.05 -7.37 30.58
CA LYS D 156 -16.41 -8.68 30.48
C LYS D 156 -14.90 -8.58 30.66
N VAL D 157 -14.28 -7.55 30.07
CA VAL D 157 -12.84 -7.37 30.20
C VAL D 157 -12.49 -7.03 31.65
N ALA D 158 -13.26 -6.13 32.27
CA ALA D 158 -13.00 -5.74 33.65
C ALA D 158 -12.98 -6.95 34.57
N ALA D 159 -13.94 -7.86 34.40
CA ALA D 159 -14.00 -9.06 35.23
C ALA D 159 -12.75 -9.92 35.03
N ALA D 160 -12.35 -10.11 33.77
CA ALA D 160 -11.16 -10.92 33.48
C ALA D 160 -9.89 -10.27 34.03
N VAL D 161 -9.81 -8.94 33.97
CA VAL D 161 -8.63 -8.25 34.50
C VAL D 161 -8.54 -8.45 36.01
N LYS D 162 -9.69 -8.34 36.70
CA LYS D 162 -9.73 -8.61 38.13
C LYS D 162 -9.28 -10.04 38.43
N ASP D 163 -9.70 -11.00 37.62
CA ASP D 163 -9.24 -12.38 37.79
C ASP D 163 -7.73 -12.50 37.57
N ALA D 164 -7.24 -11.94 36.46
CA ALA D 164 -5.80 -11.98 36.19
C ALA D 164 -5.01 -11.27 37.28
N MET D 165 -5.57 -10.19 37.82
CA MET D 165 -4.87 -9.48 38.90
C MET D 165 -4.77 -10.34 40.15
N ALA D 166 -5.86 -11.02 40.52
CA ALA D 166 -5.80 -11.97 41.64
C ALA D 166 -4.82 -13.10 41.35
N ASP D 167 -4.82 -13.60 40.11
CA ASP D 167 -3.90 -14.68 39.74
C ASP D 167 -2.44 -14.25 39.90
N ALA D 168 -2.17 -12.95 39.76
CA ALA D 168 -0.83 -12.41 39.99
C ALA D 168 -0.54 -12.20 41.47
N GLY D 169 -1.51 -12.44 42.35
CA GLY D 169 -1.33 -12.17 43.76
C GLY D 169 -1.21 -10.68 44.06
N ILE D 170 -1.95 -9.85 43.33
CA ILE D 170 -1.94 -8.40 43.53
C ILE D 170 -3.32 -7.98 44.01
N THR D 171 -3.36 -7.22 45.09
CA THR D 171 -4.58 -6.64 45.61
C THR D 171 -4.68 -5.14 45.38
N ASP D 172 -3.54 -4.44 45.36
CA ASP D 172 -3.51 -3.00 45.17
C ASP D 172 -3.33 -2.70 43.68
N PRO D 173 -4.29 -2.03 43.02
CA PRO D 173 -4.11 -1.70 41.61
C PRO D 173 -2.83 -0.92 41.32
N ALA D 174 -2.34 -0.14 42.29
CA ALA D 174 -1.10 0.61 42.10
C ALA D 174 0.10 -0.29 41.83
N ASP D 175 0.02 -1.58 42.19
CA ASP D 175 1.09 -2.53 41.90
C ASP D 175 1.04 -3.07 40.48
N VAL D 176 0.00 -2.75 39.72
CA VAL D 176 -0.10 -3.15 38.32
C VAL D 176 0.59 -2.10 37.46
N HIS D 177 1.58 -2.53 36.67
CA HIS D 177 2.33 -1.62 35.79
C HIS D 177 2.03 -1.82 34.33
N TYR D 178 1.42 -2.95 33.94
CA TYR D 178 1.30 -3.30 32.53
C TYR D 178 0.21 -4.35 32.38
N VAL D 179 -0.81 -4.04 31.58
CA VAL D 179 -1.88 -4.98 31.27
C VAL D 179 -1.93 -5.13 29.76
N GLN D 180 -1.57 -6.31 29.27
CA GLN D 180 -1.52 -6.59 27.84
C GLN D 180 -2.69 -7.50 27.49
N THR D 181 -3.45 -7.13 26.47
CA THR D 181 -4.63 -7.89 26.09
C THR D 181 -4.61 -8.19 24.60
N LYS D 182 -5.38 -9.20 24.22
CA LYS D 182 -5.59 -9.55 22.82
C LYS D 182 -7.06 -9.87 22.65
N THR D 183 -7.78 -9.06 21.89
CA THR D 183 -9.23 -9.16 21.77
C THR D 183 -9.64 -9.34 20.32
N PRO D 184 -10.82 -9.90 20.07
CA PRO D 184 -11.27 -10.01 18.67
C PRO D 184 -11.61 -8.65 18.10
N LEU D 185 -11.27 -8.48 16.81
CA LEU D 185 -11.76 -7.35 16.02
C LEU D 185 -12.89 -7.85 15.12
N LEU D 186 -13.40 -6.95 14.30
CA LEU D 186 -14.50 -7.26 13.38
C LEU D 186 -13.98 -7.60 12.00
N THR D 187 -14.49 -8.70 11.44
CA THR D 187 -14.24 -9.12 10.07
C THR D 187 -15.59 -9.23 9.35
N ILE D 188 -15.53 -9.45 8.03
CA ILE D 188 -16.76 -9.73 7.29
C ILE D 188 -17.50 -10.91 7.91
N HIS D 189 -16.75 -11.96 8.24
CA HIS D 189 -17.35 -13.19 8.76
C HIS D 189 -18.10 -12.92 10.05
N THR D 190 -17.45 -12.25 11.01
CA THR D 190 -18.10 -11.97 12.29
C THR D 190 -19.21 -10.93 12.12
N ILE D 191 -19.00 -9.94 11.26
CA ILE D 191 -20.08 -9.00 10.94
C ILE D 191 -21.28 -9.73 10.35
N ARG D 192 -21.01 -10.65 9.41
CA ARG D 192 -22.08 -11.50 8.89
C ARG D 192 -22.69 -12.36 9.99
N ASP D 193 -21.87 -12.82 10.94
CA ASP D 193 -22.39 -13.59 12.06
C ASP D 193 -23.29 -12.73 12.94
N ALA D 194 -22.84 -11.51 13.25
CA ALA D 194 -23.67 -10.57 14.00
C ALA D 194 -25.02 -10.36 13.33
N LYS D 195 -25.02 -10.07 12.02
CA LYS D 195 -26.28 -9.80 11.33
C LYS D 195 -27.09 -11.06 11.13
N SER D 196 -26.45 -12.23 11.07
CA SER D 196 -27.23 -13.46 10.93
C SER D 196 -28.04 -13.79 12.17
N ARG D 197 -27.91 -13.02 13.25
CA ARG D 197 -28.73 -13.19 14.44
C ARG D 197 -29.54 -11.93 14.75
N GLY D 198 -29.69 -11.03 13.79
CA GLY D 198 -30.38 -9.76 14.00
C GLY D 198 -29.70 -8.79 14.93
N LYS D 199 -28.39 -8.89 15.10
CA LYS D 199 -27.63 -7.94 15.91
C LYS D 199 -26.91 -6.93 15.03
N THR D 200 -26.51 -5.84 15.66
CA THR D 200 -25.81 -4.74 15.02
C THR D 200 -24.35 -4.75 15.45
N VAL D 201 -23.54 -4.01 14.71
CA VAL D 201 -22.14 -3.81 15.05
C VAL D 201 -21.87 -2.31 15.13
N TRP D 202 -20.96 -1.94 16.03
CA TRP D 202 -20.58 -0.54 16.21
C TRP D 202 -20.11 0.07 14.90
N THR D 203 -19.38 -0.72 14.10
CA THR D 203 -18.95 -0.29 12.78
C THR D 203 -18.77 -1.54 11.93
N GLU D 204 -18.76 -1.33 10.61
CA GLU D 204 -18.52 -2.41 9.68
C GLU D 204 -17.22 -2.21 8.90
N GLN D 205 -16.46 -1.16 9.23
CA GLN D 205 -15.12 -0.97 8.69
C GLN D 205 -14.17 -1.83 9.50
N THR D 206 -13.71 -2.94 8.90
CA THR D 206 -12.89 -3.89 9.64
C THR D 206 -11.64 -3.22 10.21
N HIS D 207 -10.97 -2.40 9.39
CA HIS D 207 -9.75 -1.74 9.85
C HIS D 207 -10.02 -0.81 11.03
N GLU D 208 -11.17 -0.14 11.04
CA GLU D 208 -11.51 0.75 12.15
C GLU D 208 -11.83 -0.02 13.42
N SER D 209 -12.42 -1.21 13.28
CA SER D 209 -12.78 -2.02 14.44
C SER D 209 -11.56 -2.43 15.25
N MET D 210 -10.36 -2.37 14.68
CA MET D 210 -9.14 -2.60 15.45
C MET D 210 -9.00 -1.57 16.56
N ASP D 211 -9.17 -0.29 16.22
CA ASP D 211 -9.10 0.77 17.23
C ASP D 211 -10.25 0.64 18.22
N LEU D 212 -11.42 0.22 17.74
CA LEU D 212 -12.58 0.07 18.60
C LEU D 212 -12.37 -1.03 19.64
N SER D 213 -11.83 -2.18 19.21
CA SER D 213 -11.65 -3.30 20.12
C SER D 213 -10.63 -2.96 21.21
N ASN D 214 -9.50 -2.36 20.82
CA ASN D 214 -8.50 -1.94 21.80
C ASN D 214 -9.08 -0.90 22.76
N GLY D 215 -9.86 0.05 22.23
CA GLY D 215 -10.40 1.09 23.09
C GLY D 215 -11.37 0.56 24.12
N GLY D 216 -12.33 -0.25 23.69
CA GLY D 216 -13.27 -0.83 24.63
C GLY D 216 -12.59 -1.69 25.67
N THR D 217 -11.56 -2.43 25.27
CA THR D 217 -10.81 -3.25 26.23
C THR D 217 -10.05 -2.38 27.21
N ALA D 218 -9.47 -1.27 26.72
CA ALA D 218 -8.75 -0.36 27.59
C ALA D 218 -9.64 0.22 28.67
N LEU D 219 -10.84 0.66 28.29
CA LEU D 219 -11.80 1.15 29.28
C LEU D 219 -12.12 0.07 30.31
N GLY D 220 -12.30 -1.16 29.85
CA GLY D 220 -12.44 -2.29 30.77
C GLY D 220 -11.32 -2.36 31.79
N ILE D 221 -10.07 -2.33 31.31
CA ILE D 221 -8.92 -2.34 32.21
C ILE D 221 -8.99 -1.18 33.19
N ALA D 222 -9.28 0.02 32.69
CA ALA D 222 -9.33 1.21 33.55
C ALA D 222 -10.41 1.08 34.61
N VAL D 223 -11.52 0.41 34.29
CA VAL D 223 -12.58 0.19 35.27
C VAL D 223 -12.11 -0.78 36.35
N ALA D 224 -11.62 -1.96 35.93
CA ALA D 224 -11.15 -2.97 36.88
C ALA D 224 -10.11 -2.40 37.83
N LEU D 225 -9.19 -1.57 37.32
CA LEU D 225 -8.16 -0.98 38.15
C LEU D 225 -8.62 0.26 38.89
N GLY D 226 -9.88 0.64 38.75
CA GLY D 226 -10.40 1.82 39.42
C GLY D 226 -9.77 3.11 38.98
N GLU D 227 -9.32 3.20 37.74
CA GLU D 227 -8.78 4.46 37.23
C GLU D 227 -9.89 5.39 36.75
N ILE D 228 -11.02 4.86 36.30
CA ILE D 228 -12.17 5.65 35.87
C ILE D 228 -13.44 5.02 36.44
N ASP D 229 -14.51 5.82 36.45
CA ASP D 229 -15.83 5.27 36.71
C ASP D 229 -16.34 4.58 35.45
N MET D 230 -17.29 3.67 35.64
CA MET D 230 -17.86 2.92 34.53
C MET D 230 -18.39 3.87 33.46
N PRO D 231 -17.89 3.79 32.23
CA PRO D 231 -18.35 4.69 31.17
C PRO D 231 -19.57 4.18 30.42
N THR D 232 -20.07 4.97 29.48
CA THR D 232 -21.24 4.65 28.70
C THR D 232 -20.83 4.22 27.29
N ASP D 233 -21.81 3.75 26.53
CA ASP D 233 -21.55 3.39 25.13
C ASP D 233 -21.08 4.61 24.34
N GLU D 234 -21.64 5.78 24.64
CA GLU D 234 -21.26 7.00 23.94
C GLU D 234 -19.83 7.45 24.25
N ASP D 235 -19.22 6.94 25.33
CA ASP D 235 -17.87 7.36 25.69
C ASP D 235 -16.82 6.71 24.81
N VAL D 236 -17.11 5.53 24.26
CA VAL D 236 -16.08 4.75 23.59
C VAL D 236 -15.66 5.44 22.30
N MET D 237 -14.36 5.69 22.18
CA MET D 237 -13.72 6.36 21.04
C MET D 237 -13.97 7.85 21.00
N HIS D 238 -14.80 8.37 21.91
CA HIS D 238 -15.10 9.80 21.93
C HIS D 238 -14.57 10.52 23.16
N SER D 239 -14.59 9.88 24.33
CA SER D 239 -14.16 10.51 25.58
C SER D 239 -12.71 10.11 25.83
N ARG D 240 -11.80 10.73 25.07
CA ARG D 240 -10.39 10.34 25.13
C ARG D 240 -9.68 10.89 26.36
N GLU D 241 -10.32 11.74 27.17
CA GLU D 241 -9.77 12.04 28.49
C GLU D 241 -9.89 10.86 29.43
N LEU D 242 -10.76 9.90 29.14
CA LEU D 242 -10.86 8.66 29.90
C LEU D 242 -9.87 7.65 29.32
N PHE D 243 -8.91 7.22 30.14
CA PHE D 243 -7.92 6.28 29.67
C PHE D 243 -7.27 5.58 30.86
N SER D 244 -6.67 4.42 30.57
CA SER D 244 -5.83 3.71 31.53
C SER D 244 -4.38 4.08 31.29
N SER D 245 -3.61 4.07 32.38
CA SER D 245 -2.20 4.42 32.33
C SER D 245 -1.29 3.22 32.18
N VAL D 246 -1.84 1.99 32.16
CA VAL D 246 -1.06 0.78 32.04
C VAL D 246 -1.59 -0.18 30.98
N ALA D 247 -2.65 0.21 30.27
CA ALA D 247 -3.30 -0.70 29.33
C ALA D 247 -2.56 -0.72 28.00
N SER D 248 -2.27 -1.92 27.51
CA SER D 248 -1.72 -2.13 26.17
C SER D 248 -2.63 -3.14 25.48
N CYS D 249 -3.53 -2.66 24.64
CA CYS D 249 -4.59 -3.50 24.07
C CYS D 249 -4.34 -3.71 22.59
N SER D 250 -4.33 -4.97 22.17
CA SER D 250 -4.16 -5.34 20.78
C SER D 250 -5.34 -6.19 20.35
N SER D 251 -5.65 -6.15 19.06
CA SER D 251 -6.75 -6.93 18.52
C SER D 251 -6.29 -7.65 17.26
N GLY D 252 -7.00 -8.73 16.96
CA GLY D 252 -6.69 -9.57 15.83
C GLY D 252 -7.73 -10.65 15.65
N VAL D 253 -7.33 -11.78 15.06
CA VAL D 253 -8.27 -12.83 14.70
C VAL D 253 -7.79 -14.17 15.28
N GLU D 254 -6.98 -14.10 16.34
CA GLU D 254 -6.43 -15.31 16.95
C GLU D 254 -7.38 -15.99 17.95
N LEU D 255 -8.22 -15.24 18.65
CA LEU D 255 -9.13 -15.84 19.63
C LEU D 255 -10.35 -14.95 19.79
N ASP D 256 -11.52 -15.57 20.01
CA ASP D 256 -12.77 -14.83 20.17
C ASP D 256 -13.06 -14.47 21.63
N ARG D 257 -12.02 -14.36 22.46
CA ARG D 257 -12.14 -13.95 23.85
C ARG D 257 -10.99 -12.99 24.15
N ALA D 258 -11.11 -12.27 25.25
CA ALA D 258 -10.02 -11.40 25.68
C ALA D 258 -8.96 -12.23 26.41
N GLN D 259 -7.75 -12.23 25.87
CA GLN D 259 -6.59 -12.82 26.54
C GLN D 259 -5.95 -11.74 27.41
N ILE D 260 -5.93 -11.95 28.71
CA ILE D 260 -5.44 -10.95 29.66
C ILE D 260 -4.10 -11.41 30.22
N VAL D 261 -3.14 -10.49 30.26
CA VAL D 261 -1.88 -10.68 30.97
C VAL D 261 -1.66 -9.45 31.84
N VAL D 262 -1.67 -9.65 33.15
CA VAL D 262 -1.40 -8.57 34.11
C VAL D 262 0.03 -8.76 34.62
N VAL D 263 0.82 -7.69 34.56
CA VAL D 263 2.22 -7.73 34.98
C VAL D 263 2.45 -6.62 35.98
N GLY D 264 3.03 -6.97 37.12
CA GLY D 264 3.31 -6.02 38.17
C GLY D 264 4.42 -6.53 39.05
N ASN D 265 4.56 -5.89 40.22
CA ASN D 265 5.57 -6.29 41.18
C ASN D 265 4.93 -6.68 42.51
N ALA D 266 5.61 -7.60 43.21
CA ALA D 266 5.23 -8.00 44.56
C ALA D 266 6.50 -8.20 45.39
N ARG D 267 6.38 -7.91 46.67
CA ARG D 267 7.45 -8.02 47.66
C ARG D 267 7.45 -9.40 48.30
N GLY D 268 8.65 -9.92 48.58
CA GLY D 268 8.80 -11.23 49.15
C GLY D 268 8.65 -12.40 48.19
N VAL D 269 8.55 -12.16 46.88
CA VAL D 269 8.41 -13.25 45.93
C VAL D 269 9.77 -13.70 45.37
N GLY D 270 10.73 -12.80 45.22
CA GLY D 270 12.00 -13.12 44.61
C GLY D 270 11.96 -13.15 43.09
N GLY D 271 13.08 -13.50 42.50
CA GLY D 271 13.28 -13.43 41.07
C GLY D 271 14.30 -12.35 40.68
N ARG D 272 14.63 -12.36 39.39
CA ARG D 272 15.64 -11.47 38.83
C ARG D 272 15.08 -10.18 38.26
N TYR D 273 13.79 -10.13 37.96
CA TYR D 273 13.23 -9.11 37.09
C TYR D 273 12.25 -8.22 37.83
N ARG D 274 12.16 -6.97 37.40
CA ARG D 274 11.23 -6.00 37.96
C ARG D 274 10.66 -5.14 36.83
N ILE D 275 9.39 -4.75 36.98
CA ILE D 275 8.71 -3.95 35.98
C ILE D 275 8.39 -2.58 36.56
N GLY D 276 8.38 -1.58 35.67
CA GLY D 276 7.93 -0.25 35.99
C GLY D 276 7.30 0.33 34.74
N HIS D 277 6.73 1.52 34.88
CA HIS D 277 6.07 2.13 33.75
C HIS D 277 6.08 3.65 33.89
N SER D 278 5.76 4.31 32.78
CA SER D 278 5.49 5.73 32.75
C SER D 278 4.55 5.98 31.58
N VAL D 279 4.63 7.15 30.97
CA VAL D 279 3.76 7.45 29.83
C VAL D 279 4.58 8.17 28.77
N MET D 280 4.28 7.86 27.51
CA MET D 280 4.75 8.65 26.38
C MET D 280 3.65 9.65 26.04
N LYS D 281 3.98 10.96 26.13
CA LYS D 281 2.99 11.97 25.78
C LYS D 281 2.83 12.16 24.29
N ASP D 282 3.83 11.81 23.50
CA ASP D 282 3.77 11.97 22.07
C ASP D 282 4.76 10.99 21.44
N PRO D 283 4.74 10.83 20.13
CA PRO D 283 5.62 9.82 19.50
C PRO D 283 7.11 10.06 19.72
N LEU D 284 7.54 11.28 20.05
CA LEU D 284 8.95 11.59 20.20
C LEU D 284 9.42 11.59 21.66
N ASP D 285 8.56 11.23 22.60
CA ASP D 285 8.83 11.39 24.03
C ASP D 285 9.75 10.26 24.52
N GLN D 286 11.02 10.36 24.12
CA GLN D 286 12.02 9.39 24.60
C GLN D 286 12.17 9.42 26.12
N ASP D 287 12.01 10.59 26.74
CA ASP D 287 12.13 10.68 28.20
C ASP D 287 11.08 9.84 28.90
N GLY D 288 9.88 9.76 28.33
CA GLY D 288 8.87 8.86 28.88
C GLY D 288 9.33 7.43 28.95
N ILE D 289 10.08 6.97 27.94
CA ILE D 289 10.59 5.61 27.93
C ILE D 289 11.67 5.43 28.99
N TRP D 290 12.63 6.37 29.05
CA TRP D 290 13.64 6.35 30.11
C TRP D 290 13.01 6.37 31.49
N ALA D 291 11.93 7.15 31.67
CA ALA D 291 11.26 7.20 32.95
C ALA D 291 10.73 5.83 33.36
N ALA D 292 10.16 5.09 32.40
CA ALA D 292 9.68 3.74 32.69
C ALA D 292 10.82 2.83 33.13
N ILE D 293 11.99 2.95 32.47
CA ILE D 293 13.12 2.10 32.81
C ILE D 293 13.63 2.45 34.21
N ARG D 294 13.63 3.74 34.54
CA ARG D 294 13.96 4.17 35.89
C ARG D 294 12.98 3.58 36.90
N ASP D 295 11.69 3.73 36.65
CA ASP D 295 10.66 3.25 37.55
C ASP D 295 10.73 1.74 37.72
N ALA D 296 11.21 1.03 36.70
CA ALA D 296 11.40 -0.42 36.79
C ALA D 296 12.54 -0.80 37.71
N GLY D 297 13.34 0.16 38.16
CA GLY D 297 14.37 -0.09 39.15
C GLY D 297 15.79 -0.09 38.63
N LEU D 298 16.02 0.39 37.41
CA LEU D 298 17.39 0.57 36.92
C LEU D 298 17.93 1.92 37.36
N GLU D 299 19.04 1.90 38.07
CA GLU D 299 19.79 3.12 38.38
C GLU D 299 20.56 3.54 37.13
N LEU D 300 20.11 4.60 36.48
CA LEU D 300 20.82 5.06 35.29
C LEU D 300 21.25 6.51 35.47
N PRO D 301 22.28 6.95 34.75
CA PRO D 301 22.66 8.36 34.82
C PRO D 301 21.54 9.26 34.32
N GLU D 302 21.52 10.47 34.85
CA GLU D 302 20.73 11.50 34.20
C GLU D 302 21.35 11.80 32.84
N ARG D 303 20.49 12.12 31.88
CA ARG D 303 20.85 12.09 30.46
C ARG D 303 21.35 10.68 30.12
N PRO D 304 20.51 9.67 30.17
CA PRO D 304 20.97 8.30 29.88
C PRO D 304 21.11 8.04 28.39
N HIS D 305 21.95 7.05 28.09
CA HIS D 305 22.17 6.59 26.74
C HIS D 305 22.02 5.07 26.72
N SER D 306 21.70 4.54 25.54
CA SER D 306 21.48 3.10 25.40
C SER D 306 22.65 2.29 25.93
N SER D 307 23.87 2.80 25.78
CA SER D 307 25.07 2.13 26.28
C SER D 307 25.08 1.99 27.79
N ASP D 308 24.27 2.77 28.52
CA ASP D 308 24.19 2.63 29.96
C ASP D 308 23.39 1.41 30.41
N LEU D 309 22.65 0.76 29.51
CA LEU D 309 21.76 -0.33 29.93
C LEU D 309 22.53 -1.59 30.27
N ASP D 310 23.63 -1.86 29.57
CA ASP D 310 24.50 -3.01 29.80
C ASP D 310 23.72 -4.32 29.96
N GLY D 311 22.95 -4.66 28.93
CA GLY D 311 22.25 -5.93 28.89
C GLY D 311 21.09 -6.09 29.85
N GLN D 312 20.81 -5.09 30.69
CA GLN D 312 19.84 -5.24 31.77
C GLN D 312 18.41 -4.87 31.39
N LEU D 313 18.19 -4.38 30.17
CA LEU D 313 16.84 -4.12 29.70
C LEU D 313 16.34 -5.34 28.95
N VAL D 314 15.30 -5.99 29.48
CA VAL D 314 14.72 -7.14 28.80
C VAL D 314 13.94 -6.68 27.58
N ASN D 315 12.99 -5.77 27.78
CA ASN D 315 12.17 -5.24 26.71
C ASN D 315 11.38 -4.06 27.25
N VAL D 316 10.83 -3.28 26.33
CA VAL D 316 9.85 -2.25 26.67
C VAL D 316 8.57 -2.56 25.91
N PHE D 317 7.44 -2.14 26.48
CA PHE D 317 6.13 -2.39 25.92
C PHE D 317 5.36 -1.09 25.94
N LEU D 318 4.92 -0.62 24.77
CA LEU D 318 4.33 0.72 24.73
C LEU D 318 3.29 0.81 23.61
N LYS D 319 2.44 1.82 23.75
CA LYS D 319 1.43 2.17 22.78
C LYS D 319 1.75 3.52 22.12
N CYS D 320 1.23 3.70 20.92
CA CYS D 320 1.41 4.95 20.19
C CYS D 320 0.23 5.14 19.24
N GLU D 321 0.07 6.37 18.76
CA GLU D 321 -1.05 6.72 17.89
C GLU D 321 -0.80 8.09 17.30
N ALA D 322 -1.45 8.35 16.17
CA ALA D 322 -1.45 9.68 15.56
C ALA D 322 -2.50 10.54 16.24
N SER D 323 -2.10 11.73 16.66
CA SER D 323 -2.99 12.58 17.44
C SER D 323 -4.14 13.10 16.57
N GLN D 324 -5.27 13.39 17.24
CA GLN D 324 -6.48 13.77 16.53
C GLN D 324 -6.33 15.09 15.78
N ASP D 325 -5.50 16.00 16.31
CA ASP D 325 -5.32 17.32 15.71
C ASP D 325 -4.27 17.35 14.62
N GLY D 326 -3.61 16.22 14.34
CA GLY D 326 -2.72 16.13 13.20
C GLY D 326 -1.40 16.85 13.35
N THR D 327 -0.95 17.09 14.59
CA THR D 327 0.30 17.79 14.84
C THR D 327 1.08 17.06 15.92
N VAL D 328 2.40 17.20 15.86
CA VAL D 328 3.29 16.78 16.93
C VAL D 328 4.18 17.97 17.26
N ARG D 329 4.10 18.45 18.49
CA ARG D 329 4.90 19.56 18.98
C ARG D 329 4.77 20.77 18.06
N GLY D 330 3.53 21.09 17.70
CA GLY D 330 3.22 22.23 16.86
C GLY D 330 3.40 22.04 15.37
N ARG D 331 3.98 20.92 14.94
CA ARG D 331 4.27 20.71 13.52
C ARG D 331 3.21 19.78 12.91
N ARG D 332 2.61 20.23 11.80
CA ARG D 332 1.65 19.43 11.06
C ARG D 332 2.33 18.23 10.42
N ASN D 333 1.65 17.09 10.45
CA ASN D 333 1.99 15.95 9.60
C ASN D 333 0.72 15.50 8.88
N ALA D 334 0.89 14.68 7.84
CA ALA D 334 -0.22 14.26 6.98
C ALA D 334 -0.59 12.80 7.19
N MET D 335 -0.32 12.24 8.37
CA MET D 335 -0.60 10.83 8.63
C MET D 335 -2.08 10.52 8.44
N LEU D 336 -2.97 11.34 8.99
CA LEU D 336 -4.39 11.02 9.00
C LEU D 336 -5.04 11.12 7.63
N ASP D 337 -4.46 11.87 6.70
CA ASP D 337 -4.99 11.99 5.34
C ASP D 337 -4.38 11.00 4.36
N ASP D 338 -3.45 10.15 4.80
CA ASP D 338 -2.68 9.32 3.89
C ASP D 338 -3.47 8.05 3.58
N SER D 339 -4.07 8.01 2.39
CA SER D 339 -4.77 6.81 1.92
C SER D 339 -3.85 5.75 1.35
N ASP D 340 -2.56 6.05 1.16
CA ASP D 340 -1.65 5.06 0.58
C ASP D 340 -1.09 4.12 1.65
N VAL D 341 -0.49 4.67 2.69
CA VAL D 341 0.01 3.90 3.82
C VAL D 341 -0.69 4.41 5.06
N HIS D 342 -1.48 3.55 5.69
CA HIS D 342 -2.29 3.95 6.84
C HIS D 342 -1.39 4.46 7.97
N TRP D 343 -1.91 5.43 8.73
CA TRP D 343 -1.12 6.02 9.80
C TRP D 343 -0.75 5.02 10.89
N HIS D 344 -1.50 3.91 10.99
CA HIS D 344 -1.10 2.84 11.89
C HIS D 344 0.34 2.40 11.60
N ARG D 345 0.64 2.12 10.33
CA ARG D 345 1.96 1.64 9.96
C ARG D 345 3.00 2.76 9.99
N GLN D 346 2.60 3.98 9.63
CA GLN D 346 3.54 5.09 9.65
C GLN D 346 4.01 5.40 11.06
N ILE D 347 3.08 5.58 12.00
CA ILE D 347 3.47 5.96 13.34
C ILE D 347 4.16 4.81 14.07
N LYS D 348 3.78 3.56 13.75
CA LYS D 348 4.46 2.40 14.33
C LYS D 348 5.93 2.38 13.94
N SER D 349 6.23 2.55 12.65
CA SER D 349 7.63 2.61 12.22
C SER D 349 8.37 3.76 12.90
N CYS D 350 7.72 4.92 12.97
CA CYS D 350 8.36 6.11 13.56
C CYS D 350 8.70 5.87 15.02
N VAL D 351 7.73 5.38 15.81
CA VAL D 351 7.97 5.16 17.23
C VAL D 351 8.89 3.95 17.43
N GLY D 352 8.86 2.99 16.50
CA GLY D 352 9.83 1.91 16.53
C GLY D 352 11.25 2.43 16.52
N GLY D 353 11.54 3.40 15.65
CA GLY D 353 12.85 4.02 15.65
C GLY D 353 13.12 4.82 16.92
N VAL D 354 12.12 5.59 17.38
CA VAL D 354 12.27 6.36 18.60
C VAL D 354 12.56 5.44 19.78
N THR D 355 11.88 4.30 19.83
CA THR D 355 12.04 3.37 20.95
C THR D 355 13.35 2.59 20.85
N ALA D 356 13.62 2.00 19.68
CA ALA D 356 14.85 1.23 19.50
C ALA D 356 16.10 2.08 19.74
N ALA D 357 16.03 3.39 19.45
CA ALA D 357 17.17 4.26 19.70
C ALA D 357 17.41 4.42 21.20
N VAL D 358 16.36 4.35 22.01
CA VAL D 358 16.52 4.36 23.45
C VAL D 358 17.14 3.05 23.94
N THR D 359 16.53 1.93 23.56
CA THR D 359 16.97 0.62 24.06
C THR D 359 18.26 0.14 23.40
N GLY D 360 18.58 0.65 22.21
CA GLY D 360 19.70 0.10 21.47
C GLY D 360 19.40 -1.25 20.86
N ASP D 361 18.16 -1.72 20.97
CA ASP D 361 17.78 -3.07 20.56
C ASP D 361 16.52 -2.96 19.72
N PRO D 362 16.58 -3.19 18.41
CA PRO D 362 15.37 -3.10 17.57
C PRO D 362 14.26 -4.05 17.98
N ALA D 363 14.55 -5.09 18.75
CA ALA D 363 13.50 -5.94 19.31
C ALA D 363 12.77 -5.20 20.43
N VAL D 364 11.75 -4.43 20.07
CA VAL D 364 10.95 -3.67 21.03
C VAL D 364 9.48 -3.97 20.76
N PHE D 365 8.69 -4.03 21.83
CA PHE D 365 7.24 -4.19 21.69
C PHE D 365 6.63 -2.82 21.51
N VAL D 366 6.38 -2.44 20.27
CA VAL D 366 5.74 -1.18 19.93
C VAL D 366 4.40 -1.52 19.28
N SER D 367 3.32 -0.99 19.85
CA SER D 367 1.97 -1.35 19.45
C SER D 367 1.21 -0.09 19.11
N VAL D 368 0.39 -0.15 18.07
CA VAL D 368 -0.31 1.01 17.57
C VAL D 368 -1.79 0.90 17.93
N SER D 369 -2.48 2.04 17.83
CA SER D 369 -3.90 2.19 18.12
C SER D 369 -4.14 2.18 19.62
N ALA D 370 -4.15 3.37 20.23
CA ALA D 370 -4.06 3.53 21.68
C ALA D 370 -5.26 4.28 22.26
N ALA D 371 -6.45 4.09 21.68
CA ALA D 371 -7.64 4.74 22.20
C ALA D 371 -7.86 4.34 23.66
N HIS D 372 -8.03 5.34 24.52
CA HIS D 372 -8.18 5.17 25.96
C HIS D 372 -6.99 4.43 26.58
N GLN D 373 -5.84 4.48 25.92
CA GLN D 373 -4.60 3.90 26.42
C GLN D 373 -3.58 5.03 26.51
N GLY D 374 -3.44 5.60 27.70
CA GLY D 374 -2.65 6.80 27.88
C GLY D 374 -3.32 8.01 27.25
N PRO D 375 -2.70 9.18 27.38
CA PRO D 375 -3.29 10.39 26.84
C PRO D 375 -3.31 10.40 25.31
N GLU D 376 -4.26 11.16 24.76
CA GLU D 376 -4.43 11.26 23.32
C GLU D 376 -3.14 11.74 22.66
N GLY D 377 -2.73 11.01 21.62
CA GLY D 377 -1.49 11.29 20.92
C GLY D 377 -0.29 10.57 21.47
N GLY D 378 -0.42 9.94 22.63
CA GLY D 378 0.64 9.15 23.22
C GLY D 378 0.14 7.81 23.68
N GLY D 379 0.81 7.21 24.66
CA GLY D 379 0.41 5.95 25.21
C GLY D 379 1.27 5.54 26.40
N PRO D 380 0.88 4.47 27.08
CA PRO D 380 1.71 3.98 28.19
C PRO D 380 2.98 3.35 27.66
N VAL D 381 3.96 3.23 28.54
CA VAL D 381 5.20 2.52 28.24
C VAL D 381 5.65 1.79 29.51
N ALA D 382 5.79 0.47 29.41
CA ALA D 382 6.26 -0.35 30.51
C ALA D 382 7.62 -0.94 30.17
N ALA D 383 8.44 -1.13 31.20
CA ALA D 383 9.80 -1.64 31.03
C ALA D 383 10.08 -2.73 32.06
N ILE D 384 10.67 -3.82 31.60
CA ILE D 384 11.10 -4.92 32.46
C ILE D 384 12.62 -4.96 32.43
N VAL D 385 13.25 -4.99 33.61
CA VAL D 385 14.70 -4.92 33.71
C VAL D 385 15.21 -6.11 34.51
N ASP D 386 16.42 -6.54 34.17
CA ASP D 386 17.11 -7.61 34.88
C ASP D 386 17.96 -6.98 35.98
N LEU D 387 17.53 -7.18 37.23
CA LEU D 387 18.25 -6.61 38.37
C LEU D 387 19.12 -7.61 39.10
N GLY D 388 18.83 -8.90 39.01
CA GLY D 388 19.59 -9.90 39.73
C GLY D 388 19.02 -10.25 41.08
CL CL E . -7.63 -49.10 -9.97
CL CL F . -10.27 -33.92 -31.38
N1 MHA G . 3.00 -15.15 -6.98
C1 MHA G . 3.47 -14.76 -5.69
C2 MHA G . 2.63 -15.28 -4.55
O1 MHA G . 1.86 -16.26 -4.76
O2 MHA G . 2.69 -14.75 -3.42
C3 MHA G . 1.83 -14.34 -7.29
C4 MHA G . 0.98 -15.04 -8.34
O3 MHA G . 1.17 -16.25 -8.62
O4 MHA G . 0.06 -14.40 -8.92
C5 MHA G . 4.03 -14.90 -7.99
C6 MHA G . 4.98 -16.09 -8.06
O5 MHA G . 5.91 -16.06 -8.78
N2 MHA G . 4.73 -17.26 -7.23
NA NA H . 3.70 -12.28 -20.68
CL CL I . 24.48 44.32 -1.83
NA NA J . 24.53 4.54 2.55
NA NA K . -24.34 0.56 -4.59
CL CL L . 22.01 -15.28 31.73
N1 MHA M . -1.83 -4.65 16.32
C1 MHA M . -1.29 -5.60 15.37
C2 MHA M . -2.01 -6.93 15.43
O1 MHA M . -1.71 -7.77 16.30
O2 MHA M . -2.92 -7.17 14.59
C3 MHA M . -1.24 -3.36 16.00
C4 MHA M . -0.17 -3.11 17.04
O3 MHA M . -0.20 -3.75 18.13
O4 MHA M . 0.73 -2.27 16.79
C5 MHA M . -3.28 -4.61 16.25
C6 MHA M . -3.95 -3.88 17.44
O5 MHA M . -5.09 -4.11 17.69
N2 MHA M . -3.23 -2.91 18.24
NA NA N . -3.96 7.09 23.71
#